data_1UDV
# 
_entry.id   1UDV 
# 
_audit_conform.dict_name       mmcif_pdbx.dic 
_audit_conform.dict_version    5.383 
_audit_conform.dict_location   http://mmcif.pdb.org/dictionaries/ascii/mmcif_pdbx.dic 
# 
loop_
_database_2.database_id 
_database_2.database_code 
_database_2.pdbx_database_accession 
_database_2.pdbx_DOI 
PDB   1UDV         pdb_00001udv 10.2210/pdb1udv/pdb 
RCSB  RCSB005711   ?            ?                   
WWPDB D_1000005711 ?            ?                   
# 
loop_
_pdbx_audit_revision_history.ordinal 
_pdbx_audit_revision_history.data_content_type 
_pdbx_audit_revision_history.major_revision 
_pdbx_audit_revision_history.minor_revision 
_pdbx_audit_revision_history.revision_date 
1 'Structure model' 1 0 2003-08-05 
2 'Structure model' 1 1 2008-04-27 
3 'Structure model' 1 2 2011-07-13 
4 'Structure model' 1 3 2023-12-27 
# 
_pdbx_audit_revision_details.ordinal             1 
_pdbx_audit_revision_details.revision_ordinal    1 
_pdbx_audit_revision_details.data_content_type   'Structure model' 
_pdbx_audit_revision_details.provider            repository 
_pdbx_audit_revision_details.type                'Initial release' 
_pdbx_audit_revision_details.description         ? 
_pdbx_audit_revision_details.details             ? 
# 
loop_
_pdbx_audit_revision_group.ordinal 
_pdbx_audit_revision_group.revision_ordinal 
_pdbx_audit_revision_group.data_content_type 
_pdbx_audit_revision_group.group 
1 2 'Structure model' 'Version format compliance' 
2 3 'Structure model' 'Source and taxonomy'       
3 3 'Structure model' 'Version format compliance' 
4 4 'Structure model' 'Data collection'           
5 4 'Structure model' 'Database references'       
6 4 'Structure model' 'Derived calculations'      
# 
loop_
_pdbx_audit_revision_category.ordinal 
_pdbx_audit_revision_category.revision_ordinal 
_pdbx_audit_revision_category.data_content_type 
_pdbx_audit_revision_category.category 
1 4 'Structure model' chem_comp_atom         
2 4 'Structure model' chem_comp_bond         
3 4 'Structure model' database_2             
4 4 'Structure model' pdbx_struct_conn_angle 
5 4 'Structure model' struct_conn            
6 4 'Structure model' struct_site            
# 
loop_
_pdbx_audit_revision_item.ordinal 
_pdbx_audit_revision_item.revision_ordinal 
_pdbx_audit_revision_item.data_content_type 
_pdbx_audit_revision_item.item 
1  4 'Structure model' '_database_2.pdbx_DOI'                       
2  4 'Structure model' '_database_2.pdbx_database_accession'        
3  4 'Structure model' '_pdbx_struct_conn_angle.ptnr1_auth_seq_id'  
4  4 'Structure model' '_pdbx_struct_conn_angle.ptnr1_label_seq_id' 
5  4 'Structure model' '_pdbx_struct_conn_angle.ptnr3_auth_seq_id'  
6  4 'Structure model' '_pdbx_struct_conn_angle.ptnr3_label_seq_id' 
7  4 'Structure model' '_pdbx_struct_conn_angle.value'              
8  4 'Structure model' '_struct_conn.pdbx_dist_value'               
9  4 'Structure model' '_struct_conn.ptnr1_auth_comp_id'            
10 4 'Structure model' '_struct_conn.ptnr1_auth_seq_id'             
11 4 'Structure model' '_struct_conn.ptnr1_label_asym_id'           
12 4 'Structure model' '_struct_conn.ptnr1_label_atom_id'           
13 4 'Structure model' '_struct_conn.ptnr1_label_comp_id'           
14 4 'Structure model' '_struct_conn.ptnr1_label_seq_id'            
15 4 'Structure model' '_struct_conn.ptnr2_auth_comp_id'            
16 4 'Structure model' '_struct_conn.ptnr2_auth_seq_id'             
17 4 'Structure model' '_struct_conn.ptnr2_label_asym_id'           
18 4 'Structure model' '_struct_conn.ptnr2_label_atom_id'           
19 4 'Structure model' '_struct_conn.ptnr2_label_comp_id'           
20 4 'Structure model' '_struct_conn.ptnr2_label_seq_id'            
21 4 'Structure model' '_struct_site.pdbx_auth_asym_id'             
22 4 'Structure model' '_struct_site.pdbx_auth_comp_id'             
23 4 'Structure model' '_struct_site.pdbx_auth_seq_id'              
# 
_pdbx_database_status.status_code                     REL 
_pdbx_database_status.entry_id                        1UDV 
_pdbx_database_status.recvd_initial_deposition_date   2003-05-07 
_pdbx_database_status.deposit_site                    PDBJ 
_pdbx_database_status.process_site                    PDBJ 
_pdbx_database_status.status_code_sf                  REL 
_pdbx_database_status.SG_entry                        . 
_pdbx_database_status.pdb_format_compatible           Y 
_pdbx_database_status.status_code_mr                  ? 
_pdbx_database_status.status_code_cs                  ? 
_pdbx_database_status.status_code_nmr_data            ? 
_pdbx_database_status.methods_development_category    ? 
# 
loop_
_audit_author.name 
_audit_author.pdbx_ordinal 
'Chou, C.-C.'  1 
'Lin, T.-W.'   2 
'Chen, C.-Y.'  3 
'Wang, A.H.J.' 4 
# 
_citation.id                        primary 
_citation.title                     
'Crystal structure of the hyperthermophilic archaeal DNA-binding protein Sso10b2 at a resolution of 1.85 Angstroms' 
_citation.journal_abbrev            J.BACTERIOL. 
_citation.journal_volume            185 
_citation.page_first                4066 
_citation.page_last                 4073 
_citation.year                      2003 
_citation.journal_id_ASTM           JOBAAY 
_citation.country                   US 
_citation.journal_id_ISSN           0021-9193 
_citation.journal_id_CSD            0767 
_citation.book_publisher            ? 
_citation.pdbx_database_id_PubMed   12837780 
_citation.pdbx_database_id_DOI      10.1128/JB.185.14.4066-4073.2003 
# 
loop_
_citation_author.citation_id 
_citation_author.name 
_citation_author.ordinal 
_citation_author.identifier_ORCID 
primary 'Chou, C.C.'   1 ? 
primary 'Lin, T.W.'    2 ? 
primary 'Chen, C.Y.'   3 ? 
primary 'Wang, A.H.J.' 4 ? 
# 
loop_
_entity.id 
_entity.type 
_entity.src_method 
_entity.pdbx_description 
_entity.formula_weight 
_entity.pdbx_number_of_molecules 
_entity.pdbx_ec 
_entity.pdbx_mutation 
_entity.pdbx_fragment 
_entity.details 
1 polymer     man 'DNA binding protein SSO10b' 10255.882 2   ? ? ? ? 
2 non-polymer syn 'ZINC ION'                   65.409    1   ? ? ? ? 
3 water       nat water                        18.015    150 ? ? ? ? 
# 
_entity_name_com.entity_id   1 
_entity_name_com.name        SSO10B2 
# 
_entity_poly.entity_id                      1 
_entity_poly.type                           'polypeptide(L)' 
_entity_poly.nstd_linkage                   no 
_entity_poly.nstd_monomer                   no 
_entity_poly.pdbx_seq_one_letter_code       
;MTEKLNEIVVRKTKNVEDHVLDVIVLFNQGIDEVILKGTGREISKAVDVYNSLKDRLGDGVQLVNVQTGSEVRDRRRISY
ILLRLKRVY
;
_entity_poly.pdbx_seq_one_letter_code_can   
;MTEKLNEIVVRKTKNVEDHVLDVIVLFNQGIDEVILKGTGREISKAVDVYNSLKDRLGDGVQLVNVQTGSEVRDRRRISY
ILLRLKRVY
;
_entity_poly.pdbx_strand_id                 A,B 
_entity_poly.pdbx_target_identifier         ? 
# 
loop_
_pdbx_entity_nonpoly.entity_id 
_pdbx_entity_nonpoly.name 
_pdbx_entity_nonpoly.comp_id 
2 'ZINC ION' ZN  
3 water      HOH 
# 
loop_
_entity_poly_seq.entity_id 
_entity_poly_seq.num 
_entity_poly_seq.mon_id 
_entity_poly_seq.hetero 
1 1  MET n 
1 2  THR n 
1 3  GLU n 
1 4  LYS n 
1 5  LEU n 
1 6  ASN n 
1 7  GLU n 
1 8  ILE n 
1 9  VAL n 
1 10 VAL n 
1 11 ARG n 
1 12 LYS n 
1 13 THR n 
1 14 LYS n 
1 15 ASN n 
1 16 VAL n 
1 17 GLU n 
1 18 ASP n 
1 19 HIS n 
1 20 VAL n 
1 21 LEU n 
1 22 ASP n 
1 23 VAL n 
1 24 ILE n 
1 25 VAL n 
1 26 LEU n 
1 27 PHE n 
1 28 ASN n 
1 29 GLN n 
1 30 GLY n 
1 31 ILE n 
1 32 ASP n 
1 33 GLU n 
1 34 VAL n 
1 35 ILE n 
1 36 LEU n 
1 37 LYS n 
1 38 GLY n 
1 39 THR n 
1 40 GLY n 
1 41 ARG n 
1 42 GLU n 
1 43 ILE n 
1 44 SER n 
1 45 LYS n 
1 46 ALA n 
1 47 VAL n 
1 48 ASP n 
1 49 VAL n 
1 50 TYR n 
1 51 ASN n 
1 52 SER n 
1 53 LEU n 
1 54 LYS n 
1 55 ASP n 
1 56 ARG n 
1 57 LEU n 
1 58 GLY n 
1 59 ASP n 
1 60 GLY n 
1 61 VAL n 
1 62 GLN n 
1 63 LEU n 
1 64 VAL n 
1 65 ASN n 
1 66 VAL n 
1 67 GLN n 
1 68 THR n 
1 69 GLY n 
1 70 SER n 
1 71 GLU n 
1 72 VAL n 
1 73 ARG n 
1 74 ASP n 
1 75 ARG n 
1 76 ARG n 
1 77 ARG n 
1 78 ILE n 
1 79 SER n 
1 80 TYR n 
1 81 ILE n 
1 82 LEU n 
1 83 LEU n 
1 84 ARG n 
1 85 LEU n 
1 86 LYS n 
1 87 ARG n 
1 88 VAL n 
1 89 TYR n 
# 
_entity_src_gen.entity_id                          1 
_entity_src_gen.pdbx_src_id                        1 
_entity_src_gen.pdbx_alt_source_flag               sample 
_entity_src_gen.pdbx_seq_type                      ? 
_entity_src_gen.pdbx_beg_seq_num                   ? 
_entity_src_gen.pdbx_end_seq_num                   ? 
_entity_src_gen.gene_src_common_name               ? 
_entity_src_gen.gene_src_genus                     Sulfolobus 
_entity_src_gen.pdbx_gene_src_gene                 SSO6877 
_entity_src_gen.gene_src_species                   'Sulfolobus solfataricus' 
_entity_src_gen.gene_src_strain                    P2 
_entity_src_gen.gene_src_tissue                    ? 
_entity_src_gen.gene_src_tissue_fraction           ? 
_entity_src_gen.gene_src_details                   ? 
_entity_src_gen.pdbx_gene_src_fragment             ? 
_entity_src_gen.pdbx_gene_src_scientific_name      'Sulfolobus solfataricus' 
_entity_src_gen.pdbx_gene_src_ncbi_taxonomy_id     273057 
_entity_src_gen.pdbx_gene_src_variant              ? 
_entity_src_gen.pdbx_gene_src_cell_line            ? 
_entity_src_gen.pdbx_gene_src_atcc                 ? 
_entity_src_gen.pdbx_gene_src_organ                ? 
_entity_src_gen.pdbx_gene_src_organelle            ? 
_entity_src_gen.pdbx_gene_src_cell                 ? 
_entity_src_gen.pdbx_gene_src_cellular_location    CYTOPLASM 
_entity_src_gen.host_org_common_name               ? 
_entity_src_gen.pdbx_host_org_scientific_name      'Escherichia coli BL21(DE3)' 
_entity_src_gen.pdbx_host_org_ncbi_taxonomy_id     469008 
_entity_src_gen.host_org_genus                     Escherichia 
_entity_src_gen.pdbx_host_org_gene                 ? 
_entity_src_gen.pdbx_host_org_organ                ? 
_entity_src_gen.host_org_species                   'Escherichia coli' 
_entity_src_gen.pdbx_host_org_tissue               ? 
_entity_src_gen.pdbx_host_org_tissue_fraction      ? 
_entity_src_gen.pdbx_host_org_strain               'BL21(DE3)' 
_entity_src_gen.pdbx_host_org_variant              ? 
_entity_src_gen.pdbx_host_org_cell_line            ? 
_entity_src_gen.pdbx_host_org_atcc                 ? 
_entity_src_gen.pdbx_host_org_culture_collection   ? 
_entity_src_gen.pdbx_host_org_cell                 ? 
_entity_src_gen.pdbx_host_org_organelle            ? 
_entity_src_gen.pdbx_host_org_cellular_location    CYTOPLASM 
_entity_src_gen.pdbx_host_org_vector_type          plasmid 
_entity_src_gen.pdbx_host_org_vector               ? 
_entity_src_gen.host_org_details                   ? 
_entity_src_gen.expression_system_id               ? 
_entity_src_gen.plasmid_name                       PET30 
_entity_src_gen.plasmid_details                    ? 
_entity_src_gen.pdbx_description                   ? 
# 
loop_
_chem_comp.id 
_chem_comp.type 
_chem_comp.mon_nstd_flag 
_chem_comp.name 
_chem_comp.pdbx_synonyms 
_chem_comp.formula 
_chem_comp.formula_weight 
ALA 'L-peptide linking' y ALANINE         ? 'C3 H7 N O2'     89.093  
ARG 'L-peptide linking' y ARGININE        ? 'C6 H15 N4 O2 1' 175.209 
ASN 'L-peptide linking' y ASPARAGINE      ? 'C4 H8 N2 O3'    132.118 
ASP 'L-peptide linking' y 'ASPARTIC ACID' ? 'C4 H7 N O4'     133.103 
GLN 'L-peptide linking' y GLUTAMINE       ? 'C5 H10 N2 O3'   146.144 
GLU 'L-peptide linking' y 'GLUTAMIC ACID' ? 'C5 H9 N O4'     147.129 
GLY 'peptide linking'   y GLYCINE         ? 'C2 H5 N O2'     75.067  
HIS 'L-peptide linking' y HISTIDINE       ? 'C6 H10 N3 O2 1' 156.162 
HOH non-polymer         . WATER           ? 'H2 O'           18.015  
ILE 'L-peptide linking' y ISOLEUCINE      ? 'C6 H13 N O2'    131.173 
LEU 'L-peptide linking' y LEUCINE         ? 'C6 H13 N O2'    131.173 
LYS 'L-peptide linking' y LYSINE          ? 'C6 H15 N2 O2 1' 147.195 
MET 'L-peptide linking' y METHIONINE      ? 'C5 H11 N O2 S'  149.211 
PHE 'L-peptide linking' y PHENYLALANINE   ? 'C9 H11 N O2'    165.189 
SER 'L-peptide linking' y SERINE          ? 'C3 H7 N O3'     105.093 
THR 'L-peptide linking' y THREONINE       ? 'C4 H9 N O3'     119.119 
TYR 'L-peptide linking' y TYROSINE        ? 'C9 H11 N O3'    181.189 
VAL 'L-peptide linking' y VALINE          ? 'C5 H11 N O2'    117.146 
ZN  non-polymer         . 'ZINC ION'      ? 'Zn 2'           65.409  
# 
loop_
_pdbx_poly_seq_scheme.asym_id 
_pdbx_poly_seq_scheme.entity_id 
_pdbx_poly_seq_scheme.seq_id 
_pdbx_poly_seq_scheme.mon_id 
_pdbx_poly_seq_scheme.ndb_seq_num 
_pdbx_poly_seq_scheme.pdb_seq_num 
_pdbx_poly_seq_scheme.auth_seq_num 
_pdbx_poly_seq_scheme.pdb_mon_id 
_pdbx_poly_seq_scheme.auth_mon_id 
_pdbx_poly_seq_scheme.pdb_strand_id 
_pdbx_poly_seq_scheme.pdb_ins_code 
_pdbx_poly_seq_scheme.hetero 
A 1 1  MET 1  1  ?  ?   ?   A . n 
A 1 2  THR 2  2  2  THR THR A . n 
A 1 3  GLU 3  3  3  GLU GLU A . n 
A 1 4  LYS 4  4  4  LYS LYS A . n 
A 1 5  LEU 5  5  5  LEU LEU A . n 
A 1 6  ASN 6  6  6  ASN ASN A . n 
A 1 7  GLU 7  7  7  GLU GLU A . n 
A 1 8  ILE 8  8  8  ILE ILE A . n 
A 1 9  VAL 9  9  9  VAL VAL A . n 
A 1 10 VAL 10 10 10 VAL VAL A . n 
A 1 11 ARG 11 11 11 ARG ARG A . n 
A 1 12 LYS 12 12 12 LYS LYS A . n 
A 1 13 THR 13 13 13 THR THR A . n 
A 1 14 LYS 14 14 14 LYS LYS A . n 
A 1 15 ASN 15 15 15 ASN ASN A . n 
A 1 16 VAL 16 16 16 VAL VAL A . n 
A 1 17 GLU 17 17 17 GLU GLU A . n 
A 1 18 ASP 18 18 18 ASP ASP A . n 
A 1 19 HIS 19 19 19 HIS HIS A . n 
A 1 20 VAL 20 20 20 VAL VAL A . n 
A 1 21 LEU 21 21 21 LEU LEU A . n 
A 1 22 ASP 22 22 22 ASP ASP A . n 
A 1 23 VAL 23 23 23 VAL VAL A . n 
A 1 24 ILE 24 24 24 ILE ILE A . n 
A 1 25 VAL 25 25 25 VAL VAL A . n 
A 1 26 LEU 26 26 26 LEU LEU A . n 
A 1 27 PHE 27 27 27 PHE PHE A . n 
A 1 28 ASN 28 28 28 ASN ASN A . n 
A 1 29 GLN 29 29 29 GLN GLN A . n 
A 1 30 GLY 30 30 30 GLY GLY A . n 
A 1 31 ILE 31 31 31 ILE ILE A . n 
A 1 32 ASP 32 32 32 ASP ASP A . n 
A 1 33 GLU 33 33 33 GLU GLU A . n 
A 1 34 VAL 34 34 34 VAL VAL A . n 
A 1 35 ILE 35 35 35 ILE ILE A . n 
A 1 36 LEU 36 36 36 LEU LEU A . n 
A 1 37 LYS 37 37 37 LYS LYS A . n 
A 1 38 GLY 38 38 38 GLY GLY A . n 
A 1 39 THR 39 39 39 THR THR A . n 
A 1 40 GLY 40 40 40 GLY GLY A . n 
A 1 41 ARG 41 41 41 ARG ARG A . n 
A 1 42 GLU 42 42 42 GLU GLU A . n 
A 1 43 ILE 43 43 43 ILE ILE A . n 
A 1 44 SER 44 44 44 SER SER A . n 
A 1 45 LYS 45 45 45 LYS LYS A . n 
A 1 46 ALA 46 46 46 ALA ALA A . n 
A 1 47 VAL 47 47 47 VAL VAL A . n 
A 1 48 ASP 48 48 48 ASP ASP A . n 
A 1 49 VAL 49 49 49 VAL VAL A . n 
A 1 50 TYR 50 50 50 TYR TYR A . n 
A 1 51 ASN 51 51 51 ASN ASN A . n 
A 1 52 SER 52 52 52 SER SER A . n 
A 1 53 LEU 53 53 53 LEU LEU A . n 
A 1 54 LYS 54 54 54 LYS LYS A . n 
A 1 55 ASP 55 55 55 ASP ASP A . n 
A 1 56 ARG 56 56 56 ARG ARG A . n 
A 1 57 LEU 57 57 57 LEU LEU A . n 
A 1 58 GLY 58 58 58 GLY GLY A . n 
A 1 59 ASP 59 59 59 ASP ASP A . n 
A 1 60 GLY 60 60 60 GLY GLY A . n 
A 1 61 VAL 61 61 61 VAL VAL A . n 
A 1 62 GLN 62 62 62 GLN GLN A . n 
A 1 63 LEU 63 63 63 LEU LEU A . n 
A 1 64 VAL 64 64 64 VAL VAL A . n 
A 1 65 ASN 65 65 65 ASN ASN A . n 
A 1 66 VAL 66 66 66 VAL VAL A . n 
A 1 67 GLN 67 67 67 GLN GLN A . n 
A 1 68 THR 68 68 68 THR THR A . n 
A 1 69 GLY 69 69 69 GLY GLY A . n 
A 1 70 SER 70 70 70 SER SER A . n 
A 1 71 GLU 71 71 71 GLU GLU A . n 
A 1 72 VAL 72 72 72 VAL VAL A . n 
A 1 73 ARG 73 73 73 ARG ARG A . n 
A 1 74 ASP 74 74 74 ASP ASP A . n 
A 1 75 ARG 75 75 75 ARG ARG A . n 
A 1 76 ARG 76 76 76 ARG ARG A . n 
A 1 77 ARG 77 77 77 ARG ARG A . n 
A 1 78 ILE 78 78 78 ILE ILE A . n 
A 1 79 SER 79 79 79 SER SER A . n 
A 1 80 TYR 80 80 80 TYR TYR A . n 
A 1 81 ILE 81 81 81 ILE ILE A . n 
A 1 82 LEU 82 82 82 LEU LEU A . n 
A 1 83 LEU 83 83 83 LEU LEU A . n 
A 1 84 ARG 84 84 84 ARG ARG A . n 
A 1 85 LEU 85 85 85 LEU LEU A . n 
A 1 86 LYS 86 86 86 LYS LYS A . n 
A 1 87 ARG 87 87 87 ARG ARG A . n 
A 1 88 VAL 88 88 88 VAL VAL A . n 
A 1 89 TYR 89 89 89 TYR TYR A . n 
B 1 1  MET 1  1  ?  ?   ?   B . n 
B 1 2  THR 2  2  ?  ?   ?   B . n 
B 1 3  GLU 3  3  ?  ?   ?   B . n 
B 1 4  LYS 4  4  4  LYS LYS B . n 
B 1 5  LEU 5  5  5  LEU LEU B . n 
B 1 6  ASN 6  6  6  ASN ASN B . n 
B 1 7  GLU 7  7  7  GLU GLU B . n 
B 1 8  ILE 8  8  8  ILE ILE B . n 
B 1 9  VAL 9  9  9  VAL VAL B . n 
B 1 10 VAL 10 10 10 VAL VAL B . n 
B 1 11 ARG 11 11 11 ARG ARG B . n 
B 1 12 LYS 12 12 12 LYS LYS B . n 
B 1 13 THR 13 13 13 THR THR B . n 
B 1 14 LYS 14 14 14 LYS LYS B . n 
B 1 15 ASN 15 15 15 ASN ASN B . n 
B 1 16 VAL 16 16 16 VAL VAL B . n 
B 1 17 GLU 17 17 17 GLU GLU B . n 
B 1 18 ASP 18 18 18 ASP ASP B . n 
B 1 19 HIS 19 19 19 HIS HIS B . n 
B 1 20 VAL 20 20 20 VAL VAL B . n 
B 1 21 LEU 21 21 21 LEU LEU B . n 
B 1 22 ASP 22 22 22 ASP ASP B . n 
B 1 23 VAL 23 23 23 VAL VAL B . n 
B 1 24 ILE 24 24 24 ILE ILE B . n 
B 1 25 VAL 25 25 25 VAL VAL B . n 
B 1 26 LEU 26 26 26 LEU LEU B . n 
B 1 27 PHE 27 27 27 PHE PHE B . n 
B 1 28 ASN 28 28 28 ASN ASN B . n 
B 1 29 GLN 29 29 29 GLN GLN B . n 
B 1 30 GLY 30 30 30 GLY GLY B . n 
B 1 31 ILE 31 31 31 ILE ILE B . n 
B 1 32 ASP 32 32 32 ASP ASP B . n 
B 1 33 GLU 33 33 33 GLU GLU B . n 
B 1 34 VAL 34 34 34 VAL VAL B . n 
B 1 35 ILE 35 35 35 ILE ILE B . n 
B 1 36 LEU 36 36 36 LEU LEU B . n 
B 1 37 LYS 37 37 37 LYS LYS B . n 
B 1 38 GLY 38 38 38 GLY GLY B . n 
B 1 39 THR 39 39 39 THR THR B . n 
B 1 40 GLY 40 40 40 GLY GLY B . n 
B 1 41 ARG 41 41 41 ARG ARG B . n 
B 1 42 GLU 42 42 42 GLU GLU B . n 
B 1 43 ILE 43 43 43 ILE ILE B . n 
B 1 44 SER 44 44 44 SER SER B . n 
B 1 45 LYS 45 45 45 LYS LYS B . n 
B 1 46 ALA 46 46 46 ALA ALA B . n 
B 1 47 VAL 47 47 47 VAL VAL B . n 
B 1 48 ASP 48 48 48 ASP ASP B . n 
B 1 49 VAL 49 49 49 VAL VAL B . n 
B 1 50 TYR 50 50 50 TYR TYR B . n 
B 1 51 ASN 51 51 51 ASN ASN B . n 
B 1 52 SER 52 52 52 SER SER B . n 
B 1 53 LEU 53 53 53 LEU LEU B . n 
B 1 54 LYS 54 54 54 LYS LYS B . n 
B 1 55 ASP 55 55 55 ASP ASP B . n 
B 1 56 ARG 56 56 56 ARG ARG B . n 
B 1 57 LEU 57 57 57 LEU LEU B . n 
B 1 58 GLY 58 58 58 GLY GLY B . n 
B 1 59 ASP 59 59 59 ASP ASP B . n 
B 1 60 GLY 60 60 60 GLY GLY B . n 
B 1 61 VAL 61 61 61 VAL VAL B . n 
B 1 62 GLN 62 62 62 GLN GLN B . n 
B 1 63 LEU 63 63 63 LEU LEU B . n 
B 1 64 VAL 64 64 64 VAL VAL B . n 
B 1 65 ASN 65 65 65 ASN ASN B . n 
B 1 66 VAL 66 66 66 VAL VAL B . n 
B 1 67 GLN 67 67 67 GLN GLN B . n 
B 1 68 THR 68 68 68 THR THR B . n 
B 1 69 GLY 69 69 69 GLY GLY B . n 
B 1 70 SER 70 70 70 SER SER B . n 
B 1 71 GLU 71 71 71 GLU GLU B . n 
B 1 72 VAL 72 72 72 VAL VAL B . n 
B 1 73 ARG 73 73 73 ARG ARG B . n 
B 1 74 ASP 74 74 74 ASP ASP B . n 
B 1 75 ARG 75 75 75 ARG ARG B . n 
B 1 76 ARG 76 76 76 ARG ARG B . n 
B 1 77 ARG 77 77 77 ARG ARG B . n 
B 1 78 ILE 78 78 78 ILE ILE B . n 
B 1 79 SER 79 79 79 SER SER B . n 
B 1 80 TYR 80 80 80 TYR TYR B . n 
B 1 81 ILE 81 81 81 ILE ILE B . n 
B 1 82 LEU 82 82 82 LEU LEU B . n 
B 1 83 LEU 83 83 83 LEU LEU B . n 
B 1 84 ARG 84 84 84 ARG ARG B . n 
B 1 85 LEU 85 85 85 LEU LEU B . n 
B 1 86 LYS 86 86 86 LYS LYS B . n 
B 1 87 ARG 87 87 87 ARG ARG B . n 
B 1 88 VAL 88 88 88 VAL VAL B . n 
B 1 89 TYR 89 89 89 TYR TYR B . n 
# 
loop_
_pdbx_nonpoly_scheme.asym_id 
_pdbx_nonpoly_scheme.entity_id 
_pdbx_nonpoly_scheme.mon_id 
_pdbx_nonpoly_scheme.ndb_seq_num 
_pdbx_nonpoly_scheme.pdb_seq_num 
_pdbx_nonpoly_scheme.auth_seq_num 
_pdbx_nonpoly_scheme.pdb_mon_id 
_pdbx_nonpoly_scheme.auth_mon_id 
_pdbx_nonpoly_scheme.pdb_strand_id 
_pdbx_nonpoly_scheme.pdb_ins_code 
C 2 ZN  1  101 101 ZN  ZN  A . 
D 3 HOH 1  201 201 HOH HOH A . 
D 3 HOH 2  203 203 HOH HOH A . 
D 3 HOH 3  204 204 HOH HOH A . 
D 3 HOH 4  205 205 HOH HOH A . 
D 3 HOH 5  209 209 HOH HOH A . 
D 3 HOH 6  210 210 HOH HOH A . 
D 3 HOH 7  211 211 HOH HOH A . 
D 3 HOH 8  212 212 HOH HOH A . 
D 3 HOH 9  215 215 HOH HOH A . 
D 3 HOH 10 216 216 HOH HOH A . 
D 3 HOH 11 217 217 HOH HOH A . 
D 3 HOH 12 218 218 HOH HOH A . 
D 3 HOH 13 219 219 HOH HOH A . 
D 3 HOH 14 221 221 HOH HOH A . 
D 3 HOH 15 222 222 HOH HOH A . 
D 3 HOH 16 223 223 HOH HOH A . 
D 3 HOH 17 224 224 HOH HOH A . 
D 3 HOH 18 225 225 HOH HOH A . 
D 3 HOH 19 226 226 HOH HOH A . 
D 3 HOH 20 227 227 HOH HOH A . 
D 3 HOH 21 228 228 HOH HOH A . 
D 3 HOH 22 229 229 HOH HOH A . 
D 3 HOH 23 235 235 HOH HOH A . 
D 3 HOH 24 236 236 HOH HOH A . 
D 3 HOH 25 237 237 HOH HOH A . 
D 3 HOH 26 238 238 HOH HOH A . 
D 3 HOH 27 240 240 HOH HOH A . 
D 3 HOH 28 242 242 HOH HOH A . 
D 3 HOH 29 243 243 HOH HOH A . 
D 3 HOH 30 244 244 HOH HOH A . 
D 3 HOH 31 246 246 HOH HOH A . 
D 3 HOH 32 247 247 HOH HOH A . 
D 3 HOH 33 252 252 HOH HOH A . 
D 3 HOH 34 254 254 HOH HOH A . 
D 3 HOH 35 258 258 HOH HOH A . 
D 3 HOH 36 259 259 HOH HOH A . 
D 3 HOH 37 261 261 HOH HOH A . 
D 3 HOH 38 262 262 HOH HOH A . 
D 3 HOH 39 263 263 HOH HOH A . 
D 3 HOH 40 264 264 HOH HOH A . 
D 3 HOH 41 265 265 HOH HOH A . 
D 3 HOH 42 267 267 HOH HOH A . 
D 3 HOH 43 271 271 HOH HOH A . 
D 3 HOH 44 273 273 HOH HOH A . 
D 3 HOH 45 274 274 HOH HOH A . 
D 3 HOH 46 275 275 HOH HOH A . 
D 3 HOH 47 276 276 HOH HOH A . 
D 3 HOH 48 277 277 HOH HOH A . 
D 3 HOH 49 278 278 HOH HOH A . 
D 3 HOH 50 279 279 HOH HOH A . 
D 3 HOH 51 280 280 HOH HOH A . 
D 3 HOH 52 281 281 HOH HOH A . 
D 3 HOH 53 282 282 HOH HOH A . 
D 3 HOH 54 288 288 HOH HOH A . 
D 3 HOH 55 289 289 HOH HOH A . 
D 3 HOH 56 297 297 HOH HOH A . 
D 3 HOH 57 299 299 HOH HOH A . 
D 3 HOH 58 300 300 HOH HOH A . 
D 3 HOH 59 303 303 HOH HOH A . 
D 3 HOH 60 305 305 HOH HOH A . 
D 3 HOH 61 306 306 HOH HOH A . 
D 3 HOH 62 308 308 HOH HOH A . 
D 3 HOH 63 309 309 HOH HOH A . 
D 3 HOH 64 311 311 HOH HOH A . 
D 3 HOH 65 314 314 HOH HOH A . 
D 3 HOH 66 316 316 HOH HOH A . 
D 3 HOH 67 323 323 HOH HOH A . 
D 3 HOH 68 324 324 HOH HOH A . 
D 3 HOH 69 325 325 HOH HOH A . 
D 3 HOH 70 327 327 HOH HOH A . 
D 3 HOH 71 330 330 HOH HOH A . 
D 3 HOH 72 331 331 HOH HOH A . 
D 3 HOH 73 332 332 HOH HOH A . 
D 3 HOH 74 335 335 HOH HOH A . 
D 3 HOH 75 336 336 HOH HOH A . 
D 3 HOH 76 337 337 HOH HOH A . 
D 3 HOH 77 338 338 HOH HOH A . 
D 3 HOH 78 340 340 HOH HOH A . 
D 3 HOH 79 343 343 HOH HOH A . 
D 3 HOH 80 344 344 HOH HOH A . 
D 3 HOH 81 349 349 HOH HOH A . 
E 3 HOH 1  202 202 HOH HOH B . 
E 3 HOH 2  206 206 HOH HOH B . 
E 3 HOH 3  207 207 HOH HOH B . 
E 3 HOH 4  208 208 HOH HOH B . 
E 3 HOH 5  213 213 HOH HOH B . 
E 3 HOH 6  214 214 HOH HOH B . 
E 3 HOH 7  220 220 HOH HOH B . 
E 3 HOH 8  230 230 HOH HOH B . 
E 3 HOH 9  231 231 HOH HOH B . 
E 3 HOH 10 232 232 HOH HOH B . 
E 3 HOH 11 233 233 HOH HOH B . 
E 3 HOH 12 234 234 HOH HOH B . 
E 3 HOH 13 239 239 HOH HOH B . 
E 3 HOH 14 241 241 HOH HOH B . 
E 3 HOH 15 245 245 HOH HOH B . 
E 3 HOH 16 248 248 HOH HOH B . 
E 3 HOH 17 249 249 HOH HOH B . 
E 3 HOH 18 250 250 HOH HOH B . 
E 3 HOH 19 251 251 HOH HOH B . 
E 3 HOH 20 253 253 HOH HOH B . 
E 3 HOH 21 255 255 HOH HOH B . 
E 3 HOH 22 256 256 HOH HOH B . 
E 3 HOH 23 257 257 HOH HOH B . 
E 3 HOH 24 260 260 HOH HOH B . 
E 3 HOH 25 266 266 HOH HOH B . 
E 3 HOH 26 268 268 HOH HOH B . 
E 3 HOH 27 269 269 HOH HOH B . 
E 3 HOH 28 270 270 HOH HOH B . 
E 3 HOH 29 272 272 HOH HOH B . 
E 3 HOH 30 283 283 HOH HOH B . 
E 3 HOH 31 284 284 HOH HOH B . 
E 3 HOH 32 285 285 HOH HOH B . 
E 3 HOH 33 286 286 HOH HOH B . 
E 3 HOH 34 287 287 HOH HOH B . 
E 3 HOH 35 290 290 HOH HOH B . 
E 3 HOH 36 291 291 HOH HOH B . 
E 3 HOH 37 292 292 HOH HOH B . 
E 3 HOH 38 293 293 HOH HOH B . 
E 3 HOH 39 294 294 HOH HOH B . 
E 3 HOH 40 295 295 HOH HOH B . 
E 3 HOH 41 296 296 HOH HOH B . 
E 3 HOH 42 298 298 HOH HOH B . 
E 3 HOH 43 301 301 HOH HOH B . 
E 3 HOH 44 302 302 HOH HOH B . 
E 3 HOH 45 304 304 HOH HOH B . 
E 3 HOH 46 307 307 HOH HOH B . 
E 3 HOH 47 310 310 HOH HOH B . 
E 3 HOH 48 312 312 HOH HOH B . 
E 3 HOH 49 313 313 HOH HOH B . 
E 3 HOH 50 315 315 HOH HOH B . 
E 3 HOH 51 317 317 HOH HOH B . 
E 3 HOH 52 318 318 HOH HOH B . 
E 3 HOH 53 319 319 HOH HOH B . 
E 3 HOH 54 320 320 HOH HOH B . 
E 3 HOH 55 321 321 HOH HOH B . 
E 3 HOH 56 322 322 HOH HOH B . 
E 3 HOH 57 326 326 HOH HOH B . 
E 3 HOH 58 328 328 HOH HOH B . 
E 3 HOH 59 329 329 HOH HOH B . 
E 3 HOH 60 333 333 HOH HOH B . 
E 3 HOH 61 334 334 HOH HOH B . 
E 3 HOH 62 339 339 HOH HOH B . 
E 3 HOH 63 341 341 HOH HOH B . 
E 3 HOH 64 342 342 HOH HOH B . 
E 3 HOH 65 345 345 HOH HOH B . 
E 3 HOH 66 346 346 HOH HOH B . 
E 3 HOH 67 347 347 HOH HOH B . 
E 3 HOH 68 348 348 HOH HOH B . 
E 3 HOH 69 350 350 HOH HOH B . 
# 
loop_
_software.name 
_software.classification 
_software.version 
_software.citation_id 
_software.pdbx_ordinal 
DENZO     'data reduction' .   ? 1 
SCALEPACK 'data scaling'   .   ? 2 
SOLVE     phasing          .   ? 3 
CNS       refinement       1.0 ? 4 
# 
_cell.entry_id           1UDV 
_cell.length_a           36.020 
_cell.length_b           134.980 
_cell.length_c           35.860 
_cell.angle_alpha        90.00 
_cell.angle_beta         90.00 
_cell.angle_gamma        90.00 
_cell.Z_PDB              8 
_cell.pdbx_unique_axis   ? 
# 
_symmetry.entry_id                         1UDV 
_symmetry.space_group_name_H-M             'P 21 21 2' 
_symmetry.pdbx_full_space_group_name_H-M   ? 
_symmetry.cell_setting                     ? 
_symmetry.Int_Tables_number                18 
# 
_exptl.entry_id          1UDV 
_exptl.method            'X-RAY DIFFRACTION' 
_exptl.crystals_number   1 
# 
_exptl_crystal.id                    1 
_exptl_crystal.density_meas          ? 
_exptl_crystal.density_Matthews      2.1 
_exptl_crystal.density_percent_sol   40 
_exptl_crystal.description           ? 
# 
_exptl_crystal_grow.crystal_id      1 
_exptl_crystal_grow.method          'VAPOR DIFFUSION' 
_exptl_crystal_grow.temp            298 
_exptl_crystal_grow.temp_details    ? 
_exptl_crystal_grow.pH              6.5 
_exptl_crystal_grow.pdbx_details    'PEG MME 550, ZnSO4, MES, pH 6.5, VAPOR DIFFUSION, temperature 298K' 
_exptl_crystal_grow.pdbx_pH_range   . 
# 
_diffrn.id                     1 
_diffrn.ambient_temp           100 
_diffrn.ambient_temp_details   ? 
_diffrn.crystal_id             1 
# 
_diffrn_detector.diffrn_id              1 
_diffrn_detector.detector               'IMAGE PLATE' 
_diffrn_detector.type                   'RIGAKU RAXIS IV++' 
_diffrn_detector.pdbx_collection_date   2003-06-15 
_diffrn_detector.details                MIRROR 
# 
_diffrn_radiation.diffrn_id                        1 
_diffrn_radiation.wavelength_id                    1 
_diffrn_radiation.pdbx_monochromatic_or_laue_m_l   M 
_diffrn_radiation.monochromator                    'NI FILTER' 
_diffrn_radiation.pdbx_diffrn_protocol             'SINGLE WAVELENGTH' 
_diffrn_radiation.pdbx_scattering_type             x-ray 
# 
_diffrn_radiation_wavelength.id           1 
_diffrn_radiation_wavelength.wavelength   1.1163 
_diffrn_radiation_wavelength.wt           1.0 
# 
_diffrn_source.diffrn_id                   1 
_diffrn_source.source                      SYNCHROTRON 
_diffrn_source.type                        'NSRRC BEAMLINE BL17B2' 
_diffrn_source.pdbx_synchrotron_site       NSRRC 
_diffrn_source.pdbx_synchrotron_beamline   BL17B2 
_diffrn_source.pdbx_wavelength             1.1163 
_diffrn_source.pdbx_wavelength_list        1.1163 
# 
_reflns.entry_id                     1UDV 
_reflns.observed_criterion_sigma_I   2 
_reflns.observed_criterion_sigma_F   4 
_reflns.d_resolution_low             31.78 
_reflns.d_resolution_high            1.85 
_reflns.number_obs                   15639 
_reflns.number_all                   15639 
_reflns.percent_possible_obs         99.5 
_reflns.pdbx_Rmerge_I_obs            0.076 
_reflns.pdbx_Rsym_value              ? 
_reflns.pdbx_netI_over_sigmaI        15.9 
_reflns.B_iso_Wilson_estimate        19.6 
_reflns.pdbx_redundancy              4.5 
_reflns.R_free_details               ? 
_reflns.limit_h_max                  ? 
_reflns.limit_h_min                  ? 
_reflns.limit_k_max                  ? 
_reflns.limit_k_min                  ? 
_reflns.limit_l_max                  ? 
_reflns.limit_l_min                  ? 
_reflns.observed_criterion_F_max     ? 
_reflns.observed_criterion_F_min     ? 
_reflns.pdbx_ordinal                 1 
_reflns.pdbx_diffrn_id               1 
# 
_reflns_shell.d_res_high             1.85 
_reflns_shell.d_res_low              1.92 
_reflns_shell.percent_possible_all   97.6 
_reflns_shell.Rmerge_I_obs           0.229 
_reflns_shell.pdbx_Rsym_value        ? 
_reflns_shell.meanI_over_sigI_obs    5.8 
_reflns_shell.pdbx_redundancy        3.8 
_reflns_shell.percent_possible_obs   ? 
_reflns_shell.number_unique_all      1536 
_reflns_shell.pdbx_ordinal           1 
_reflns_shell.pdbx_diffrn_id         1 
# 
_refine.entry_id                                 1UDV 
_refine.ls_number_reflns_obs                     14610 
_refine.ls_number_reflns_all                     ? 
_refine.pdbx_ls_sigma_I                          ? 
_refine.pdbx_ls_sigma_F                          2.0 
_refine.pdbx_data_cutoff_high_absF               ? 
_refine.pdbx_data_cutoff_low_absF                ? 
_refine.pdbx_data_cutoff_high_rms_absF           1000000.0 
_refine.ls_d_res_low                             31.78 
_refine.ls_d_res_high                            1.85 
_refine.ls_percent_reflns_obs                    93.0 
_refine.ls_R_factor_obs                          0.239 
_refine.ls_R_factor_all                          ? 
_refine.ls_R_factor_R_work                       0.239 
_refine.ls_R_factor_R_free                       0.274 
_refine.ls_R_factor_R_free_error                 0.010 
_refine.ls_R_factor_R_free_error_details         ? 
_refine.ls_percent_reflns_R_free                 4.9 
_refine.ls_number_reflns_R_free                  717 
_refine.ls_number_parameters                     ? 
_refine.ls_number_restraints                     ? 
_refine.occupancy_min                            ? 
_refine.occupancy_max                            ? 
_refine.correlation_coeff_Fo_to_Fc               ? 
_refine.correlation_coeff_Fo_to_Fc_free          ? 
_refine.B_iso_mean                               34.8 
_refine.aniso_B[1][1]                            0.00 
_refine.aniso_B[2][2]                            0.00 
_refine.aniso_B[3][3]                            0.00 
_refine.aniso_B[1][2]                            0.00 
_refine.aniso_B[1][3]                            0.00 
_refine.aniso_B[2][3]                            0.00 
_refine.solvent_model_details                    'FLAT MODEL' 
_refine.solvent_model_param_ksol                 0.354406 
_refine.solvent_model_param_bsol                 52.1562 
_refine.pdbx_solvent_vdw_probe_radii             ? 
_refine.pdbx_solvent_ion_probe_radii             ? 
_refine.pdbx_solvent_shrinkage_radii             ? 
_refine.pdbx_ls_cross_valid_method               THROUGHOUT 
_refine.details                                  ? 
_refine.pdbx_starting_model                      ? 
_refine.pdbx_method_to_determine_struct          MAD 
_refine.pdbx_isotropic_thermal_model             RESTRAINED 
_refine.pdbx_stereochemistry_target_values       ? 
_refine.pdbx_stereochem_target_val_spec_case     ? 
_refine.pdbx_R_Free_selection_details            RANDOM 
_refine.pdbx_overall_ESU_R                       ? 
_refine.pdbx_overall_ESU_R_Free                  ? 
_refine.overall_SU_ML                            ? 
_refine.overall_SU_B                             ? 
_refine.ls_redundancy_reflns_obs                 ? 
_refine.B_iso_min                                ? 
_refine.B_iso_max                                ? 
_refine.overall_SU_R_Cruickshank_DPI             ? 
_refine.overall_SU_R_free                        ? 
_refine.pdbx_refine_id                           'X-RAY DIFFRACTION' 
_refine.pdbx_diffrn_id                           1 
_refine.pdbx_TLS_residual_ADP_flag               ? 
_refine.pdbx_overall_phase_error                 ? 
_refine.pdbx_overall_SU_R_free_Cruickshank_DPI   ? 
_refine.pdbx_overall_SU_R_Blow_DPI               ? 
_refine.pdbx_overall_SU_R_free_Blow_DPI          ? 
# 
_refine_analyze.entry_id                        1UDV 
_refine_analyze.Luzzati_coordinate_error_obs    0.26 
_refine_analyze.Luzzati_sigma_a_obs             0.19 
_refine_analyze.Luzzati_d_res_low_obs           5.00 
_refine_analyze.Luzzati_coordinate_error_free   0.34 
_refine_analyze.Luzzati_sigma_a_free            0.27 
_refine_analyze.Luzzati_d_res_low_free          ? 
_refine_analyze.number_disordered_residues      ? 
_refine_analyze.occupancy_sum_hydrogen          ? 
_refine_analyze.occupancy_sum_non_hydrogen      ? 
_refine_analyze.pdbx_Luzzati_d_res_high_obs     ? 
_refine_analyze.pdbx_refine_id                  'X-RAY DIFFRACTION' 
# 
_refine_hist.pdbx_refine_id                   'X-RAY DIFFRACTION' 
_refine_hist.cycle_id                         LAST 
_refine_hist.pdbx_number_atoms_protein        1408 
_refine_hist.pdbx_number_atoms_nucleic_acid   0 
_refine_hist.pdbx_number_atoms_ligand         1 
_refine_hist.number_atoms_solvent             150 
_refine_hist.number_atoms_total               1559 
_refine_hist.d_res_high                       1.85 
_refine_hist.d_res_low                        31.78 
# 
loop_
_refine_ls_restr.type 
_refine_ls_restr.dev_ideal 
_refine_ls_restr.dev_ideal_target 
_refine_ls_restr.weight 
_refine_ls_restr.number 
_refine_ls_restr.pdbx_refine_id 
_refine_ls_restr.pdbx_restraint_function 
c_bond_d                0.005 ?    ? ? 'X-RAY DIFFRACTION' ? 
c_bond_d_na             ?     ?    ? ? 'X-RAY DIFFRACTION' ? 
c_bond_d_prot           ?     ?    ? ? 'X-RAY DIFFRACTION' ? 
c_angle_d               ?     ?    ? ? 'X-RAY DIFFRACTION' ? 
c_angle_d_na            ?     ?    ? ? 'X-RAY DIFFRACTION' ? 
c_angle_d_prot          ?     ?    ? ? 'X-RAY DIFFRACTION' ? 
c_angle_deg             1.1   ?    ? ? 'X-RAY DIFFRACTION' ? 
c_angle_deg_na          ?     ?    ? ? 'X-RAY DIFFRACTION' ? 
c_angle_deg_prot        ?     ?    ? ? 'X-RAY DIFFRACTION' ? 
c_dihedral_angle_d      23.0  ?    ? ? 'X-RAY DIFFRACTION' ? 
c_dihedral_angle_d_na   ?     ?    ? ? 'X-RAY DIFFRACTION' ? 
c_dihedral_angle_d_prot ?     ?    ? ? 'X-RAY DIFFRACTION' ? 
c_improper_angle_d      0.65  ?    ? ? 'X-RAY DIFFRACTION' ? 
c_improper_angle_d_na   ?     ?    ? ? 'X-RAY DIFFRACTION' ? 
c_improper_angle_d_prot ?     ?    ? ? 'X-RAY DIFFRACTION' ? 
c_mcbond_it             1.65  1.50 ? ? 'X-RAY DIFFRACTION' ? 
c_mcangle_it            2.64  2.00 ? ? 'X-RAY DIFFRACTION' ? 
c_scbond_it             2.17  2.00 ? ? 'X-RAY DIFFRACTION' ? 
c_scangle_it            3.24  2.50 ? ? 'X-RAY DIFFRACTION' ? 
# 
_refine_ls_shell.pdbx_total_number_of_bins_used   6 
_refine_ls_shell.d_res_high                       1.85 
_refine_ls_shell.d_res_low                        1.97 
_refine_ls_shell.number_reflns_R_work             1949 
_refine_ls_shell.R_factor_R_work                  0.28 
_refine_ls_shell.percent_reflns_obs               79.4 
_refine_ls_shell.R_factor_R_free                  0.323 
_refine_ls_shell.R_factor_R_free_error            0.033 
_refine_ls_shell.percent_reflns_R_free            4.7 
_refine_ls_shell.number_reflns_R_free             97 
_refine_ls_shell.number_reflns_obs                ? 
_refine_ls_shell.redundancy_reflns_obs            ? 
_refine_ls_shell.number_reflns_all                ? 
_refine_ls_shell.pdbx_refine_id                   'X-RAY DIFFRACTION' 
_refine_ls_shell.R_factor_all                     ? 
# 
loop_
_pdbx_xplor_file.serial_no 
_pdbx_xplor_file.param_file 
_pdbx_xplor_file.topol_file 
_pdbx_xplor_file.pdbx_refine_id 
1 PROTEIN_REP.PARAM PROTEIN.TOP 'X-RAY DIFFRACTION' 
2 WATER_REP.PARAM   WATER.TOP   'X-RAY DIFFRACTION' 
3 ION.PARAM         ION.TOP     'X-RAY DIFFRACTION' 
# 
_struct.entry_id                  1UDV 
_struct.title                     'Crystal structure of the hyperthermophilic archaeal dna-binding protein Sso10b2 at 1.85 A' 
_struct.pdbx_model_details        ? 
_struct.pdbx_CASP_flag            ? 
_struct.pdbx_model_type_details   ? 
# 
_struct_keywords.entry_id        1UDV 
_struct_keywords.pdbx_keywords   'DNA BINDING PROTEIN' 
_struct_keywords.text            'DNA binding protein' 
# 
loop_
_struct_asym.id 
_struct_asym.pdbx_blank_PDB_chainid_flag 
_struct_asym.pdbx_modified 
_struct_asym.entity_id 
_struct_asym.details 
A N N 1 ? 
B N N 1 ? 
C N N 2 ? 
D N N 3 ? 
E N N 3 ? 
# 
_struct_ref.id                         1 
_struct_ref.db_name                    UNP 
_struct_ref.db_code                    ALBA2_SULSO 
_struct_ref.entity_id                  1 
_struct_ref.pdbx_seq_one_letter_code   
;MTEKLNEIVVRKTKNVEDHVLDVIVLFNQGIDEVILKGTGREISKAVDVYNSLKDRLGDGVQLVNVQTGSEVRDRRRISY
ILLRLKRVY
;
_struct_ref.pdbx_align_begin           1 
_struct_ref.pdbx_db_accession          Q97ZF4 
_struct_ref.pdbx_db_isoform            ? 
# 
loop_
_struct_ref_seq.align_id 
_struct_ref_seq.ref_id 
_struct_ref_seq.pdbx_PDB_id_code 
_struct_ref_seq.pdbx_strand_id 
_struct_ref_seq.seq_align_beg 
_struct_ref_seq.pdbx_seq_align_beg_ins_code 
_struct_ref_seq.seq_align_end 
_struct_ref_seq.pdbx_seq_align_end_ins_code 
_struct_ref_seq.pdbx_db_accession 
_struct_ref_seq.db_align_beg 
_struct_ref_seq.pdbx_db_align_beg_ins_code 
_struct_ref_seq.db_align_end 
_struct_ref_seq.pdbx_db_align_end_ins_code 
_struct_ref_seq.pdbx_auth_seq_align_beg 
_struct_ref_seq.pdbx_auth_seq_align_end 
1 1 1UDV A 1 ? 89 ? Q97ZF4 1 ? 89 ? 1 89 
2 1 1UDV B 1 ? 89 ? Q97ZF4 1 ? 89 ? 1 89 
# 
_pdbx_struct_assembly.id                   1 
_pdbx_struct_assembly.details              author_and_software_defined_assembly 
_pdbx_struct_assembly.method_details       PISA 
_pdbx_struct_assembly.oligomeric_details   dimeric 
_pdbx_struct_assembly.oligomeric_count     2 
# 
loop_
_pdbx_struct_assembly_prop.biol_id 
_pdbx_struct_assembly_prop.type 
_pdbx_struct_assembly_prop.value 
_pdbx_struct_assembly_prop.details 
1 'ABSA (A^2)' 1330  ? 
1 MORE         -37   ? 
1 'SSA (A^2)'  10190 ? 
# 
_pdbx_struct_assembly_gen.assembly_id       1 
_pdbx_struct_assembly_gen.oper_expression   1 
_pdbx_struct_assembly_gen.asym_id_list      A,B,C,D,E 
# 
_pdbx_struct_oper_list.id                   1 
_pdbx_struct_oper_list.type                 'identity operation' 
_pdbx_struct_oper_list.name                 1_555 
_pdbx_struct_oper_list.symmetry_operation   x,y,z 
_pdbx_struct_oper_list.matrix[1][1]         1.0000000000 
_pdbx_struct_oper_list.matrix[1][2]         0.0000000000 
_pdbx_struct_oper_list.matrix[1][3]         0.0000000000 
_pdbx_struct_oper_list.vector[1]            0.0000000000 
_pdbx_struct_oper_list.matrix[2][1]         0.0000000000 
_pdbx_struct_oper_list.matrix[2][2]         1.0000000000 
_pdbx_struct_oper_list.matrix[2][3]         0.0000000000 
_pdbx_struct_oper_list.vector[2]            0.0000000000 
_pdbx_struct_oper_list.matrix[3][1]         0.0000000000 
_pdbx_struct_oper_list.matrix[3][2]         0.0000000000 
_pdbx_struct_oper_list.matrix[3][3]         1.0000000000 
_pdbx_struct_oper_list.vector[3]            0.0000000000 
# 
_struct_biol.id                    1 
_struct_biol.pdbx_parent_biol_id   ? 
_struct_biol.details               ? 
# 
loop_
_struct_conf.conf_type_id 
_struct_conf.id 
_struct_conf.pdbx_PDB_helix_id 
_struct_conf.beg_label_comp_id 
_struct_conf.beg_label_asym_id 
_struct_conf.beg_label_seq_id 
_struct_conf.pdbx_beg_PDB_ins_code 
_struct_conf.end_label_comp_id 
_struct_conf.end_label_asym_id 
_struct_conf.end_label_seq_id 
_struct_conf.pdbx_end_PDB_ins_code 
_struct_conf.beg_auth_comp_id 
_struct_conf.beg_auth_asym_id 
_struct_conf.beg_auth_seq_id 
_struct_conf.end_auth_comp_id 
_struct_conf.end_auth_asym_id 
_struct_conf.end_auth_seq_id 
_struct_conf.pdbx_PDB_helix_class 
_struct_conf.details 
_struct_conf.pdbx_PDB_helix_length 
HELX_P HELX_P1 1 ASN A 15 ? GLN A 29 ? ASN A 15 GLN A 29 1 ? 15 
HELX_P HELX_P2 2 ARG A 41 ? GLY A 58 ? ARG A 41 GLY A 58 1 ? 18 
HELX_P HELX_P3 3 ASN B 15 ? GLN B 29 ? ASN B 15 GLN B 29 1 ? 15 
HELX_P HELX_P4 4 ARG B 41 ? GLY B 58 ? ARG B 41 GLY B 58 1 ? 18 
HELX_P HELX_P5 5 ASP B 59 ? VAL B 61 ? ASP B 59 VAL B 61 5 ? 3  
# 
_struct_conf_type.id          HELX_P 
_struct_conf_type.criteria    ? 
_struct_conf_type.reference   ? 
# 
loop_
_struct_conn.id 
_struct_conn.conn_type_id 
_struct_conn.pdbx_leaving_atom_flag 
_struct_conn.pdbx_PDB_id 
_struct_conn.ptnr1_label_asym_id 
_struct_conn.ptnr1_label_comp_id 
_struct_conn.ptnr1_label_seq_id 
_struct_conn.ptnr1_label_atom_id 
_struct_conn.pdbx_ptnr1_label_alt_id 
_struct_conn.pdbx_ptnr1_PDB_ins_code 
_struct_conn.pdbx_ptnr1_standard_comp_id 
_struct_conn.ptnr1_symmetry 
_struct_conn.ptnr2_label_asym_id 
_struct_conn.ptnr2_label_comp_id 
_struct_conn.ptnr2_label_seq_id 
_struct_conn.ptnr2_label_atom_id 
_struct_conn.pdbx_ptnr2_label_alt_id 
_struct_conn.pdbx_ptnr2_PDB_ins_code 
_struct_conn.ptnr1_auth_asym_id 
_struct_conn.ptnr1_auth_comp_id 
_struct_conn.ptnr1_auth_seq_id 
_struct_conn.ptnr2_auth_asym_id 
_struct_conn.ptnr2_auth_comp_id 
_struct_conn.ptnr2_auth_seq_id 
_struct_conn.ptnr2_symmetry 
_struct_conn.pdbx_ptnr3_label_atom_id 
_struct_conn.pdbx_ptnr3_label_seq_id 
_struct_conn.pdbx_ptnr3_label_comp_id 
_struct_conn.pdbx_ptnr3_label_asym_id 
_struct_conn.pdbx_ptnr3_label_alt_id 
_struct_conn.pdbx_ptnr3_PDB_ins_code 
_struct_conn.details 
_struct_conn.pdbx_dist_value 
_struct_conn.pdbx_value_order 
_struct_conn.pdbx_role 
metalc1 metalc ? ? A LYS 14 NZ  ? ? ? 1_555 C ZN . ZN ? ? A LYS 14 A ZN 101 1_555 ? ? ? ? ? ? ? 2.139 ? ? 
metalc2 metalc ? ? A ASP 18 OD1 ? ? ? 1_555 C ZN . ZN ? ? A ASP 18 A ZN 101 1_555 ? ? ? ? ? ? ? 2.112 ? ? 
metalc3 metalc ? ? A ASP 22 OD1 ? ? ? 1_555 C ZN . ZN ? ? A ASP 22 A ZN 101 1_555 ? ? ? ? ? ? ? 2.508 ? ? 
metalc4 metalc ? ? A ASP 22 OD2 ? ? ? 1_555 C ZN . ZN ? ? A ASP 22 A ZN 101 1_555 ? ? ? ? ? ? ? 1.832 ? ? 
# 
_struct_conn_type.id          metalc 
_struct_conn_type.criteria    ? 
_struct_conn_type.reference   ? 
# 
loop_
_pdbx_struct_conn_angle.id 
_pdbx_struct_conn_angle.ptnr1_label_atom_id 
_pdbx_struct_conn_angle.ptnr1_label_alt_id 
_pdbx_struct_conn_angle.ptnr1_label_asym_id 
_pdbx_struct_conn_angle.ptnr1_label_comp_id 
_pdbx_struct_conn_angle.ptnr1_label_seq_id 
_pdbx_struct_conn_angle.ptnr1_auth_atom_id 
_pdbx_struct_conn_angle.ptnr1_auth_asym_id 
_pdbx_struct_conn_angle.ptnr1_auth_comp_id 
_pdbx_struct_conn_angle.ptnr1_auth_seq_id 
_pdbx_struct_conn_angle.ptnr1_PDB_ins_code 
_pdbx_struct_conn_angle.ptnr1_symmetry 
_pdbx_struct_conn_angle.ptnr2_label_atom_id 
_pdbx_struct_conn_angle.ptnr2_label_alt_id 
_pdbx_struct_conn_angle.ptnr2_label_asym_id 
_pdbx_struct_conn_angle.ptnr2_label_comp_id 
_pdbx_struct_conn_angle.ptnr2_label_seq_id 
_pdbx_struct_conn_angle.ptnr2_auth_atom_id 
_pdbx_struct_conn_angle.ptnr2_auth_asym_id 
_pdbx_struct_conn_angle.ptnr2_auth_comp_id 
_pdbx_struct_conn_angle.ptnr2_auth_seq_id 
_pdbx_struct_conn_angle.ptnr2_PDB_ins_code 
_pdbx_struct_conn_angle.ptnr2_symmetry 
_pdbx_struct_conn_angle.ptnr3_label_atom_id 
_pdbx_struct_conn_angle.ptnr3_label_alt_id 
_pdbx_struct_conn_angle.ptnr3_label_asym_id 
_pdbx_struct_conn_angle.ptnr3_label_comp_id 
_pdbx_struct_conn_angle.ptnr3_label_seq_id 
_pdbx_struct_conn_angle.ptnr3_auth_atom_id 
_pdbx_struct_conn_angle.ptnr3_auth_asym_id 
_pdbx_struct_conn_angle.ptnr3_auth_comp_id 
_pdbx_struct_conn_angle.ptnr3_auth_seq_id 
_pdbx_struct_conn_angle.ptnr3_PDB_ins_code 
_pdbx_struct_conn_angle.ptnr3_symmetry 
_pdbx_struct_conn_angle.value 
_pdbx_struct_conn_angle.value_esd 
1 NZ  ? A LYS 14 ? A LYS 14 ? 1_555 ZN ? C ZN . ? A ZN 101 ? 1_555 OD1 ? A ASP 18 ? A ASP 18 ? 1_555 105.2 ? 
2 NZ  ? A LYS 14 ? A LYS 14 ? 1_555 ZN ? C ZN . ? A ZN 101 ? 1_555 OD1 ? A ASP 22 ? A ASP 22 ? 1_555 162.2 ? 
3 OD1 ? A ASP 18 ? A ASP 18 ? 1_555 ZN ? C ZN . ? A ZN 101 ? 1_555 OD1 ? A ASP 22 ? A ASP 22 ? 1_555 84.0  ? 
4 NZ  ? A LYS 14 ? A LYS 14 ? 1_555 ZN ? C ZN . ? A ZN 101 ? 1_555 OD2 ? A ASP 22 ? A ASP 22 ? 1_555 105.1 ? 
5 OD1 ? A ASP 18 ? A ASP 18 ? 1_555 ZN ? C ZN . ? A ZN 101 ? 1_555 OD2 ? A ASP 22 ? A ASP 22 ? 1_555 100.4 ? 
6 OD1 ? A ASP 22 ? A ASP 22 ? 1_555 ZN ? C ZN . ? A ZN 101 ? 1_555 OD2 ? A ASP 22 ? A ASP 22 ? 1_555 57.6  ? 
# 
loop_
_struct_sheet.id 
_struct_sheet.type 
_struct_sheet.number_strands 
_struct_sheet.details 
A ? 4 ? 
B ? 4 ? 
# 
loop_
_struct_sheet_order.sheet_id 
_struct_sheet_order.range_id_1 
_struct_sheet_order.range_id_2 
_struct_sheet_order.offset 
_struct_sheet_order.sense 
A 1 2 ? parallel      
A 2 3 ? anti-parallel 
A 3 4 ? anti-parallel 
B 1 2 ? parallel      
B 2 3 ? anti-parallel 
B 3 4 ? anti-parallel 
# 
loop_
_struct_sheet_range.sheet_id 
_struct_sheet_range.id 
_struct_sheet_range.beg_label_comp_id 
_struct_sheet_range.beg_label_asym_id 
_struct_sheet_range.beg_label_seq_id 
_struct_sheet_range.pdbx_beg_PDB_ins_code 
_struct_sheet_range.end_label_comp_id 
_struct_sheet_range.end_label_asym_id 
_struct_sheet_range.end_label_seq_id 
_struct_sheet_range.pdbx_end_PDB_ins_code 
_struct_sheet_range.beg_auth_comp_id 
_struct_sheet_range.beg_auth_asym_id 
_struct_sheet_range.beg_auth_seq_id 
_struct_sheet_range.end_auth_comp_id 
_struct_sheet_range.end_auth_asym_id 
_struct_sheet_range.end_auth_seq_id 
A 1 GLU A 7  ? VAL A 9  ? GLU A 7  VAL A 9  
A 2 GLU A 33 ? THR A 39 ? GLU A 33 THR A 39 
A 3 ILE A 78 ? ARG A 87 ? ILE A 78 ARG A 87 
A 4 VAL A 61 ? GLU A 71 ? VAL A 61 GLU A 71 
B 1 GLU B 7  ? VAL B 9  ? GLU B 7  VAL B 9  
B 2 GLU B 33 ? THR B 39 ? GLU B 33 THR B 39 
B 3 ARG B 77 ? LYS B 86 ? ARG B 77 LYS B 86 
B 4 GLN B 62 ? VAL B 72 ? GLN B 62 VAL B 72 
# 
loop_
_pdbx_struct_sheet_hbond.sheet_id 
_pdbx_struct_sheet_hbond.range_id_1 
_pdbx_struct_sheet_hbond.range_id_2 
_pdbx_struct_sheet_hbond.range_1_label_atom_id 
_pdbx_struct_sheet_hbond.range_1_label_comp_id 
_pdbx_struct_sheet_hbond.range_1_label_asym_id 
_pdbx_struct_sheet_hbond.range_1_label_seq_id 
_pdbx_struct_sheet_hbond.range_1_PDB_ins_code 
_pdbx_struct_sheet_hbond.range_1_auth_atom_id 
_pdbx_struct_sheet_hbond.range_1_auth_comp_id 
_pdbx_struct_sheet_hbond.range_1_auth_asym_id 
_pdbx_struct_sheet_hbond.range_1_auth_seq_id 
_pdbx_struct_sheet_hbond.range_2_label_atom_id 
_pdbx_struct_sheet_hbond.range_2_label_comp_id 
_pdbx_struct_sheet_hbond.range_2_label_asym_id 
_pdbx_struct_sheet_hbond.range_2_label_seq_id 
_pdbx_struct_sheet_hbond.range_2_PDB_ins_code 
_pdbx_struct_sheet_hbond.range_2_auth_atom_id 
_pdbx_struct_sheet_hbond.range_2_auth_comp_id 
_pdbx_struct_sheet_hbond.range_2_auth_asym_id 
_pdbx_struct_sheet_hbond.range_2_auth_seq_id 
A 1 2 N ILE A 8  ? N ILE A 8  O ILE A 35 ? O ILE A 35 
A 2 3 N VAL A 34 ? N VAL A 34 O LEU A 85 ? O LEU A 85 
A 3 4 O ILE A 78 ? O ILE A 78 N GLU A 71 ? N GLU A 71 
B 1 2 N ILE B 8  ? N ILE B 8  O ILE B 35 ? O ILE B 35 
B 2 3 N LEU B 36 ? N LEU B 36 O LEU B 83 ? O LEU B 83 
B 3 4 O LYS B 86 ? O LYS B 86 N GLN B 62 ? N GLN B 62 
# 
_struct_site.id                   AC1 
_struct_site.pdbx_evidence_code   Software 
_struct_site.pdbx_auth_asym_id    A 
_struct_site.pdbx_auth_comp_id    ZN 
_struct_site.pdbx_auth_seq_id     101 
_struct_site.pdbx_auth_ins_code   ? 
_struct_site.pdbx_num_residues    3 
_struct_site.details              'BINDING SITE FOR RESIDUE ZN A 101' 
# 
loop_
_struct_site_gen.id 
_struct_site_gen.site_id 
_struct_site_gen.pdbx_num_res 
_struct_site_gen.label_comp_id 
_struct_site_gen.label_asym_id 
_struct_site_gen.label_seq_id 
_struct_site_gen.pdbx_auth_ins_code 
_struct_site_gen.auth_comp_id 
_struct_site_gen.auth_asym_id 
_struct_site_gen.auth_seq_id 
_struct_site_gen.label_atom_id 
_struct_site_gen.label_alt_id 
_struct_site_gen.symmetry 
_struct_site_gen.details 
1 AC1 3 LYS A 14 ? LYS A 14 . ? 1_555 ? 
2 AC1 3 ASP A 18 ? ASP A 18 . ? 1_555 ? 
3 AC1 3 ASP A 22 ? ASP A 22 . ? 1_555 ? 
# 
_pdbx_validate_symm_contact.id                1 
_pdbx_validate_symm_contact.PDB_model_num     1 
_pdbx_validate_symm_contact.auth_atom_id_1    NH1 
_pdbx_validate_symm_contact.auth_asym_id_1    A 
_pdbx_validate_symm_contact.auth_comp_id_1    ARG 
_pdbx_validate_symm_contact.auth_seq_id_1     75 
_pdbx_validate_symm_contact.PDB_ins_code_1    ? 
_pdbx_validate_symm_contact.label_alt_id_1    ? 
_pdbx_validate_symm_contact.site_symmetry_1   1_555 
_pdbx_validate_symm_contact.auth_atom_id_2    NH1 
_pdbx_validate_symm_contact.auth_asym_id_2    A 
_pdbx_validate_symm_contact.auth_comp_id_2    ARG 
_pdbx_validate_symm_contact.auth_seq_id_2     75 
_pdbx_validate_symm_contact.PDB_ins_code_2    ? 
_pdbx_validate_symm_contact.label_alt_id_2    ? 
_pdbx_validate_symm_contact.site_symmetry_2   2_115 
_pdbx_validate_symm_contact.dist              1.88 
# 
loop_
_pdbx_validate_torsion.id 
_pdbx_validate_torsion.PDB_model_num 
_pdbx_validate_torsion.auth_comp_id 
_pdbx_validate_torsion.auth_asym_id 
_pdbx_validate_torsion.auth_seq_id 
_pdbx_validate_torsion.PDB_ins_code 
_pdbx_validate_torsion.label_alt_id 
_pdbx_validate_torsion.phi 
_pdbx_validate_torsion.psi 
1 1 LYS A 4  ? ? -81.99  -147.29 
2 1 LEU A 5  ? ? 67.60   -170.10 
3 1 GLU A 71 ? ? -120.21 -165.44 
4 1 VAL A 72 ? ? -91.98  -71.90  
5 1 ARG A 73 ? ? 63.33   -149.61 
6 1 ASP A 74 ? ? -35.55  -87.71  
7 1 VAL B 88 ? ? 57.87   83.13   
# 
_pdbx_struct_special_symmetry.id              1 
_pdbx_struct_special_symmetry.PDB_model_num   1 
_pdbx_struct_special_symmetry.auth_asym_id    B 
_pdbx_struct_special_symmetry.auth_comp_id    HOH 
_pdbx_struct_special_symmetry.auth_seq_id     296 
_pdbx_struct_special_symmetry.PDB_ins_code    ? 
_pdbx_struct_special_symmetry.label_asym_id   E 
_pdbx_struct_special_symmetry.label_comp_id   HOH 
_pdbx_struct_special_symmetry.label_seq_id    . 
# 
loop_
_pdbx_unobs_or_zero_occ_residues.id 
_pdbx_unobs_or_zero_occ_residues.PDB_model_num 
_pdbx_unobs_or_zero_occ_residues.polymer_flag 
_pdbx_unobs_or_zero_occ_residues.occupancy_flag 
_pdbx_unobs_or_zero_occ_residues.auth_asym_id 
_pdbx_unobs_or_zero_occ_residues.auth_comp_id 
_pdbx_unobs_or_zero_occ_residues.auth_seq_id 
_pdbx_unobs_or_zero_occ_residues.PDB_ins_code 
_pdbx_unobs_or_zero_occ_residues.label_asym_id 
_pdbx_unobs_or_zero_occ_residues.label_comp_id 
_pdbx_unobs_or_zero_occ_residues.label_seq_id 
1 1 Y 1 A MET 1 ? A MET 1 
2 1 Y 1 B MET 1 ? B MET 1 
3 1 Y 1 B THR 2 ? B THR 2 
4 1 Y 1 B GLU 3 ? B GLU 3 
# 
loop_
_chem_comp_atom.comp_id 
_chem_comp_atom.atom_id 
_chem_comp_atom.type_symbol 
_chem_comp_atom.pdbx_aromatic_flag 
_chem_comp_atom.pdbx_stereo_config 
_chem_comp_atom.pdbx_ordinal 
ALA N    N  N N 1   
ALA CA   C  N S 2   
ALA C    C  N N 3   
ALA O    O  N N 4   
ALA CB   C  N N 5   
ALA OXT  O  N N 6   
ALA H    H  N N 7   
ALA H2   H  N N 8   
ALA HA   H  N N 9   
ALA HB1  H  N N 10  
ALA HB2  H  N N 11  
ALA HB3  H  N N 12  
ALA HXT  H  N N 13  
ARG N    N  N N 14  
ARG CA   C  N S 15  
ARG C    C  N N 16  
ARG O    O  N N 17  
ARG CB   C  N N 18  
ARG CG   C  N N 19  
ARG CD   C  N N 20  
ARG NE   N  N N 21  
ARG CZ   C  N N 22  
ARG NH1  N  N N 23  
ARG NH2  N  N N 24  
ARG OXT  O  N N 25  
ARG H    H  N N 26  
ARG H2   H  N N 27  
ARG HA   H  N N 28  
ARG HB2  H  N N 29  
ARG HB3  H  N N 30  
ARG HG2  H  N N 31  
ARG HG3  H  N N 32  
ARG HD2  H  N N 33  
ARG HD3  H  N N 34  
ARG HE   H  N N 35  
ARG HH11 H  N N 36  
ARG HH12 H  N N 37  
ARG HH21 H  N N 38  
ARG HH22 H  N N 39  
ARG HXT  H  N N 40  
ASN N    N  N N 41  
ASN CA   C  N S 42  
ASN C    C  N N 43  
ASN O    O  N N 44  
ASN CB   C  N N 45  
ASN CG   C  N N 46  
ASN OD1  O  N N 47  
ASN ND2  N  N N 48  
ASN OXT  O  N N 49  
ASN H    H  N N 50  
ASN H2   H  N N 51  
ASN HA   H  N N 52  
ASN HB2  H  N N 53  
ASN HB3  H  N N 54  
ASN HD21 H  N N 55  
ASN HD22 H  N N 56  
ASN HXT  H  N N 57  
ASP N    N  N N 58  
ASP CA   C  N S 59  
ASP C    C  N N 60  
ASP O    O  N N 61  
ASP CB   C  N N 62  
ASP CG   C  N N 63  
ASP OD1  O  N N 64  
ASP OD2  O  N N 65  
ASP OXT  O  N N 66  
ASP H    H  N N 67  
ASP H2   H  N N 68  
ASP HA   H  N N 69  
ASP HB2  H  N N 70  
ASP HB3  H  N N 71  
ASP HD2  H  N N 72  
ASP HXT  H  N N 73  
GLN N    N  N N 74  
GLN CA   C  N S 75  
GLN C    C  N N 76  
GLN O    O  N N 77  
GLN CB   C  N N 78  
GLN CG   C  N N 79  
GLN CD   C  N N 80  
GLN OE1  O  N N 81  
GLN NE2  N  N N 82  
GLN OXT  O  N N 83  
GLN H    H  N N 84  
GLN H2   H  N N 85  
GLN HA   H  N N 86  
GLN HB2  H  N N 87  
GLN HB3  H  N N 88  
GLN HG2  H  N N 89  
GLN HG3  H  N N 90  
GLN HE21 H  N N 91  
GLN HE22 H  N N 92  
GLN HXT  H  N N 93  
GLU N    N  N N 94  
GLU CA   C  N S 95  
GLU C    C  N N 96  
GLU O    O  N N 97  
GLU CB   C  N N 98  
GLU CG   C  N N 99  
GLU CD   C  N N 100 
GLU OE1  O  N N 101 
GLU OE2  O  N N 102 
GLU OXT  O  N N 103 
GLU H    H  N N 104 
GLU H2   H  N N 105 
GLU HA   H  N N 106 
GLU HB2  H  N N 107 
GLU HB3  H  N N 108 
GLU HG2  H  N N 109 
GLU HG3  H  N N 110 
GLU HE2  H  N N 111 
GLU HXT  H  N N 112 
GLY N    N  N N 113 
GLY CA   C  N N 114 
GLY C    C  N N 115 
GLY O    O  N N 116 
GLY OXT  O  N N 117 
GLY H    H  N N 118 
GLY H2   H  N N 119 
GLY HA2  H  N N 120 
GLY HA3  H  N N 121 
GLY HXT  H  N N 122 
HIS N    N  N N 123 
HIS CA   C  N S 124 
HIS C    C  N N 125 
HIS O    O  N N 126 
HIS CB   C  N N 127 
HIS CG   C  Y N 128 
HIS ND1  N  Y N 129 
HIS CD2  C  Y N 130 
HIS CE1  C  Y N 131 
HIS NE2  N  Y N 132 
HIS OXT  O  N N 133 
HIS H    H  N N 134 
HIS H2   H  N N 135 
HIS HA   H  N N 136 
HIS HB2  H  N N 137 
HIS HB3  H  N N 138 
HIS HD1  H  N N 139 
HIS HD2  H  N N 140 
HIS HE1  H  N N 141 
HIS HE2  H  N N 142 
HIS HXT  H  N N 143 
HOH O    O  N N 144 
HOH H1   H  N N 145 
HOH H2   H  N N 146 
ILE N    N  N N 147 
ILE CA   C  N S 148 
ILE C    C  N N 149 
ILE O    O  N N 150 
ILE CB   C  N S 151 
ILE CG1  C  N N 152 
ILE CG2  C  N N 153 
ILE CD1  C  N N 154 
ILE OXT  O  N N 155 
ILE H    H  N N 156 
ILE H2   H  N N 157 
ILE HA   H  N N 158 
ILE HB   H  N N 159 
ILE HG12 H  N N 160 
ILE HG13 H  N N 161 
ILE HG21 H  N N 162 
ILE HG22 H  N N 163 
ILE HG23 H  N N 164 
ILE HD11 H  N N 165 
ILE HD12 H  N N 166 
ILE HD13 H  N N 167 
ILE HXT  H  N N 168 
LEU N    N  N N 169 
LEU CA   C  N S 170 
LEU C    C  N N 171 
LEU O    O  N N 172 
LEU CB   C  N N 173 
LEU CG   C  N N 174 
LEU CD1  C  N N 175 
LEU CD2  C  N N 176 
LEU OXT  O  N N 177 
LEU H    H  N N 178 
LEU H2   H  N N 179 
LEU HA   H  N N 180 
LEU HB2  H  N N 181 
LEU HB3  H  N N 182 
LEU HG   H  N N 183 
LEU HD11 H  N N 184 
LEU HD12 H  N N 185 
LEU HD13 H  N N 186 
LEU HD21 H  N N 187 
LEU HD22 H  N N 188 
LEU HD23 H  N N 189 
LEU HXT  H  N N 190 
LYS N    N  N N 191 
LYS CA   C  N S 192 
LYS C    C  N N 193 
LYS O    O  N N 194 
LYS CB   C  N N 195 
LYS CG   C  N N 196 
LYS CD   C  N N 197 
LYS CE   C  N N 198 
LYS NZ   N  N N 199 
LYS OXT  O  N N 200 
LYS H    H  N N 201 
LYS H2   H  N N 202 
LYS HA   H  N N 203 
LYS HB2  H  N N 204 
LYS HB3  H  N N 205 
LYS HG2  H  N N 206 
LYS HG3  H  N N 207 
LYS HD2  H  N N 208 
LYS HD3  H  N N 209 
LYS HE2  H  N N 210 
LYS HE3  H  N N 211 
LYS HZ1  H  N N 212 
LYS HZ2  H  N N 213 
LYS HZ3  H  N N 214 
LYS HXT  H  N N 215 
MET N    N  N N 216 
MET CA   C  N S 217 
MET C    C  N N 218 
MET O    O  N N 219 
MET CB   C  N N 220 
MET CG   C  N N 221 
MET SD   S  N N 222 
MET CE   C  N N 223 
MET OXT  O  N N 224 
MET H    H  N N 225 
MET H2   H  N N 226 
MET HA   H  N N 227 
MET HB2  H  N N 228 
MET HB3  H  N N 229 
MET HG2  H  N N 230 
MET HG3  H  N N 231 
MET HE1  H  N N 232 
MET HE2  H  N N 233 
MET HE3  H  N N 234 
MET HXT  H  N N 235 
PHE N    N  N N 236 
PHE CA   C  N S 237 
PHE C    C  N N 238 
PHE O    O  N N 239 
PHE CB   C  N N 240 
PHE CG   C  Y N 241 
PHE CD1  C  Y N 242 
PHE CD2  C  Y N 243 
PHE CE1  C  Y N 244 
PHE CE2  C  Y N 245 
PHE CZ   C  Y N 246 
PHE OXT  O  N N 247 
PHE H    H  N N 248 
PHE H2   H  N N 249 
PHE HA   H  N N 250 
PHE HB2  H  N N 251 
PHE HB3  H  N N 252 
PHE HD1  H  N N 253 
PHE HD2  H  N N 254 
PHE HE1  H  N N 255 
PHE HE2  H  N N 256 
PHE HZ   H  N N 257 
PHE HXT  H  N N 258 
SER N    N  N N 259 
SER CA   C  N S 260 
SER C    C  N N 261 
SER O    O  N N 262 
SER CB   C  N N 263 
SER OG   O  N N 264 
SER OXT  O  N N 265 
SER H    H  N N 266 
SER H2   H  N N 267 
SER HA   H  N N 268 
SER HB2  H  N N 269 
SER HB3  H  N N 270 
SER HG   H  N N 271 
SER HXT  H  N N 272 
THR N    N  N N 273 
THR CA   C  N S 274 
THR C    C  N N 275 
THR O    O  N N 276 
THR CB   C  N R 277 
THR OG1  O  N N 278 
THR CG2  C  N N 279 
THR OXT  O  N N 280 
THR H    H  N N 281 
THR H2   H  N N 282 
THR HA   H  N N 283 
THR HB   H  N N 284 
THR HG1  H  N N 285 
THR HG21 H  N N 286 
THR HG22 H  N N 287 
THR HG23 H  N N 288 
THR HXT  H  N N 289 
TYR N    N  N N 290 
TYR CA   C  N S 291 
TYR C    C  N N 292 
TYR O    O  N N 293 
TYR CB   C  N N 294 
TYR CG   C  Y N 295 
TYR CD1  C  Y N 296 
TYR CD2  C  Y N 297 
TYR CE1  C  Y N 298 
TYR CE2  C  Y N 299 
TYR CZ   C  Y N 300 
TYR OH   O  N N 301 
TYR OXT  O  N N 302 
TYR H    H  N N 303 
TYR H2   H  N N 304 
TYR HA   H  N N 305 
TYR HB2  H  N N 306 
TYR HB3  H  N N 307 
TYR HD1  H  N N 308 
TYR HD2  H  N N 309 
TYR HE1  H  N N 310 
TYR HE2  H  N N 311 
TYR HH   H  N N 312 
TYR HXT  H  N N 313 
VAL N    N  N N 314 
VAL CA   C  N S 315 
VAL C    C  N N 316 
VAL O    O  N N 317 
VAL CB   C  N N 318 
VAL CG1  C  N N 319 
VAL CG2  C  N N 320 
VAL OXT  O  N N 321 
VAL H    H  N N 322 
VAL H2   H  N N 323 
VAL HA   H  N N 324 
VAL HB   H  N N 325 
VAL HG11 H  N N 326 
VAL HG12 H  N N 327 
VAL HG13 H  N N 328 
VAL HG21 H  N N 329 
VAL HG22 H  N N 330 
VAL HG23 H  N N 331 
VAL HXT  H  N N 332 
ZN  ZN   ZN N N 333 
# 
loop_
_chem_comp_bond.comp_id 
_chem_comp_bond.atom_id_1 
_chem_comp_bond.atom_id_2 
_chem_comp_bond.value_order 
_chem_comp_bond.pdbx_aromatic_flag 
_chem_comp_bond.pdbx_stereo_config 
_chem_comp_bond.pdbx_ordinal 
ALA N   CA   sing N N 1   
ALA N   H    sing N N 2   
ALA N   H2   sing N N 3   
ALA CA  C    sing N N 4   
ALA CA  CB   sing N N 5   
ALA CA  HA   sing N N 6   
ALA C   O    doub N N 7   
ALA C   OXT  sing N N 8   
ALA CB  HB1  sing N N 9   
ALA CB  HB2  sing N N 10  
ALA CB  HB3  sing N N 11  
ALA OXT HXT  sing N N 12  
ARG N   CA   sing N N 13  
ARG N   H    sing N N 14  
ARG N   H2   sing N N 15  
ARG CA  C    sing N N 16  
ARG CA  CB   sing N N 17  
ARG CA  HA   sing N N 18  
ARG C   O    doub N N 19  
ARG C   OXT  sing N N 20  
ARG CB  CG   sing N N 21  
ARG CB  HB2  sing N N 22  
ARG CB  HB3  sing N N 23  
ARG CG  CD   sing N N 24  
ARG CG  HG2  sing N N 25  
ARG CG  HG3  sing N N 26  
ARG CD  NE   sing N N 27  
ARG CD  HD2  sing N N 28  
ARG CD  HD3  sing N N 29  
ARG NE  CZ   sing N N 30  
ARG NE  HE   sing N N 31  
ARG CZ  NH1  sing N N 32  
ARG CZ  NH2  doub N N 33  
ARG NH1 HH11 sing N N 34  
ARG NH1 HH12 sing N N 35  
ARG NH2 HH21 sing N N 36  
ARG NH2 HH22 sing N N 37  
ARG OXT HXT  sing N N 38  
ASN N   CA   sing N N 39  
ASN N   H    sing N N 40  
ASN N   H2   sing N N 41  
ASN CA  C    sing N N 42  
ASN CA  CB   sing N N 43  
ASN CA  HA   sing N N 44  
ASN C   O    doub N N 45  
ASN C   OXT  sing N N 46  
ASN CB  CG   sing N N 47  
ASN CB  HB2  sing N N 48  
ASN CB  HB3  sing N N 49  
ASN CG  OD1  doub N N 50  
ASN CG  ND2  sing N N 51  
ASN ND2 HD21 sing N N 52  
ASN ND2 HD22 sing N N 53  
ASN OXT HXT  sing N N 54  
ASP N   CA   sing N N 55  
ASP N   H    sing N N 56  
ASP N   H2   sing N N 57  
ASP CA  C    sing N N 58  
ASP CA  CB   sing N N 59  
ASP CA  HA   sing N N 60  
ASP C   O    doub N N 61  
ASP C   OXT  sing N N 62  
ASP CB  CG   sing N N 63  
ASP CB  HB2  sing N N 64  
ASP CB  HB3  sing N N 65  
ASP CG  OD1  doub N N 66  
ASP CG  OD2  sing N N 67  
ASP OD2 HD2  sing N N 68  
ASP OXT HXT  sing N N 69  
GLN N   CA   sing N N 70  
GLN N   H    sing N N 71  
GLN N   H2   sing N N 72  
GLN CA  C    sing N N 73  
GLN CA  CB   sing N N 74  
GLN CA  HA   sing N N 75  
GLN C   O    doub N N 76  
GLN C   OXT  sing N N 77  
GLN CB  CG   sing N N 78  
GLN CB  HB2  sing N N 79  
GLN CB  HB3  sing N N 80  
GLN CG  CD   sing N N 81  
GLN CG  HG2  sing N N 82  
GLN CG  HG3  sing N N 83  
GLN CD  OE1  doub N N 84  
GLN CD  NE2  sing N N 85  
GLN NE2 HE21 sing N N 86  
GLN NE2 HE22 sing N N 87  
GLN OXT HXT  sing N N 88  
GLU N   CA   sing N N 89  
GLU N   H    sing N N 90  
GLU N   H2   sing N N 91  
GLU CA  C    sing N N 92  
GLU CA  CB   sing N N 93  
GLU CA  HA   sing N N 94  
GLU C   O    doub N N 95  
GLU C   OXT  sing N N 96  
GLU CB  CG   sing N N 97  
GLU CB  HB2  sing N N 98  
GLU CB  HB3  sing N N 99  
GLU CG  CD   sing N N 100 
GLU CG  HG2  sing N N 101 
GLU CG  HG3  sing N N 102 
GLU CD  OE1  doub N N 103 
GLU CD  OE2  sing N N 104 
GLU OE2 HE2  sing N N 105 
GLU OXT HXT  sing N N 106 
GLY N   CA   sing N N 107 
GLY N   H    sing N N 108 
GLY N   H2   sing N N 109 
GLY CA  C    sing N N 110 
GLY CA  HA2  sing N N 111 
GLY CA  HA3  sing N N 112 
GLY C   O    doub N N 113 
GLY C   OXT  sing N N 114 
GLY OXT HXT  sing N N 115 
HIS N   CA   sing N N 116 
HIS N   H    sing N N 117 
HIS N   H2   sing N N 118 
HIS CA  C    sing N N 119 
HIS CA  CB   sing N N 120 
HIS CA  HA   sing N N 121 
HIS C   O    doub N N 122 
HIS C   OXT  sing N N 123 
HIS CB  CG   sing N N 124 
HIS CB  HB2  sing N N 125 
HIS CB  HB3  sing N N 126 
HIS CG  ND1  sing Y N 127 
HIS CG  CD2  doub Y N 128 
HIS ND1 CE1  doub Y N 129 
HIS ND1 HD1  sing N N 130 
HIS CD2 NE2  sing Y N 131 
HIS CD2 HD2  sing N N 132 
HIS CE1 NE2  sing Y N 133 
HIS CE1 HE1  sing N N 134 
HIS NE2 HE2  sing N N 135 
HIS OXT HXT  sing N N 136 
HOH O   H1   sing N N 137 
HOH O   H2   sing N N 138 
ILE N   CA   sing N N 139 
ILE N   H    sing N N 140 
ILE N   H2   sing N N 141 
ILE CA  C    sing N N 142 
ILE CA  CB   sing N N 143 
ILE CA  HA   sing N N 144 
ILE C   O    doub N N 145 
ILE C   OXT  sing N N 146 
ILE CB  CG1  sing N N 147 
ILE CB  CG2  sing N N 148 
ILE CB  HB   sing N N 149 
ILE CG1 CD1  sing N N 150 
ILE CG1 HG12 sing N N 151 
ILE CG1 HG13 sing N N 152 
ILE CG2 HG21 sing N N 153 
ILE CG2 HG22 sing N N 154 
ILE CG2 HG23 sing N N 155 
ILE CD1 HD11 sing N N 156 
ILE CD1 HD12 sing N N 157 
ILE CD1 HD13 sing N N 158 
ILE OXT HXT  sing N N 159 
LEU N   CA   sing N N 160 
LEU N   H    sing N N 161 
LEU N   H2   sing N N 162 
LEU CA  C    sing N N 163 
LEU CA  CB   sing N N 164 
LEU CA  HA   sing N N 165 
LEU C   O    doub N N 166 
LEU C   OXT  sing N N 167 
LEU CB  CG   sing N N 168 
LEU CB  HB2  sing N N 169 
LEU CB  HB3  sing N N 170 
LEU CG  CD1  sing N N 171 
LEU CG  CD2  sing N N 172 
LEU CG  HG   sing N N 173 
LEU CD1 HD11 sing N N 174 
LEU CD1 HD12 sing N N 175 
LEU CD1 HD13 sing N N 176 
LEU CD2 HD21 sing N N 177 
LEU CD2 HD22 sing N N 178 
LEU CD2 HD23 sing N N 179 
LEU OXT HXT  sing N N 180 
LYS N   CA   sing N N 181 
LYS N   H    sing N N 182 
LYS N   H2   sing N N 183 
LYS CA  C    sing N N 184 
LYS CA  CB   sing N N 185 
LYS CA  HA   sing N N 186 
LYS C   O    doub N N 187 
LYS C   OXT  sing N N 188 
LYS CB  CG   sing N N 189 
LYS CB  HB2  sing N N 190 
LYS CB  HB3  sing N N 191 
LYS CG  CD   sing N N 192 
LYS CG  HG2  sing N N 193 
LYS CG  HG3  sing N N 194 
LYS CD  CE   sing N N 195 
LYS CD  HD2  sing N N 196 
LYS CD  HD3  sing N N 197 
LYS CE  NZ   sing N N 198 
LYS CE  HE2  sing N N 199 
LYS CE  HE3  sing N N 200 
LYS NZ  HZ1  sing N N 201 
LYS NZ  HZ2  sing N N 202 
LYS NZ  HZ3  sing N N 203 
LYS OXT HXT  sing N N 204 
MET N   CA   sing N N 205 
MET N   H    sing N N 206 
MET N   H2   sing N N 207 
MET CA  C    sing N N 208 
MET CA  CB   sing N N 209 
MET CA  HA   sing N N 210 
MET C   O    doub N N 211 
MET C   OXT  sing N N 212 
MET CB  CG   sing N N 213 
MET CB  HB2  sing N N 214 
MET CB  HB3  sing N N 215 
MET CG  SD   sing N N 216 
MET CG  HG2  sing N N 217 
MET CG  HG3  sing N N 218 
MET SD  CE   sing N N 219 
MET CE  HE1  sing N N 220 
MET CE  HE2  sing N N 221 
MET CE  HE3  sing N N 222 
MET OXT HXT  sing N N 223 
PHE N   CA   sing N N 224 
PHE N   H    sing N N 225 
PHE N   H2   sing N N 226 
PHE CA  C    sing N N 227 
PHE CA  CB   sing N N 228 
PHE CA  HA   sing N N 229 
PHE C   O    doub N N 230 
PHE C   OXT  sing N N 231 
PHE CB  CG   sing N N 232 
PHE CB  HB2  sing N N 233 
PHE CB  HB3  sing N N 234 
PHE CG  CD1  doub Y N 235 
PHE CG  CD2  sing Y N 236 
PHE CD1 CE1  sing Y N 237 
PHE CD1 HD1  sing N N 238 
PHE CD2 CE2  doub Y N 239 
PHE CD2 HD2  sing N N 240 
PHE CE1 CZ   doub Y N 241 
PHE CE1 HE1  sing N N 242 
PHE CE2 CZ   sing Y N 243 
PHE CE2 HE2  sing N N 244 
PHE CZ  HZ   sing N N 245 
PHE OXT HXT  sing N N 246 
SER N   CA   sing N N 247 
SER N   H    sing N N 248 
SER N   H2   sing N N 249 
SER CA  C    sing N N 250 
SER CA  CB   sing N N 251 
SER CA  HA   sing N N 252 
SER C   O    doub N N 253 
SER C   OXT  sing N N 254 
SER CB  OG   sing N N 255 
SER CB  HB2  sing N N 256 
SER CB  HB3  sing N N 257 
SER OG  HG   sing N N 258 
SER OXT HXT  sing N N 259 
THR N   CA   sing N N 260 
THR N   H    sing N N 261 
THR N   H2   sing N N 262 
THR CA  C    sing N N 263 
THR CA  CB   sing N N 264 
THR CA  HA   sing N N 265 
THR C   O    doub N N 266 
THR C   OXT  sing N N 267 
THR CB  OG1  sing N N 268 
THR CB  CG2  sing N N 269 
THR CB  HB   sing N N 270 
THR OG1 HG1  sing N N 271 
THR CG2 HG21 sing N N 272 
THR CG2 HG22 sing N N 273 
THR CG2 HG23 sing N N 274 
THR OXT HXT  sing N N 275 
TYR N   CA   sing N N 276 
TYR N   H    sing N N 277 
TYR N   H2   sing N N 278 
TYR CA  C    sing N N 279 
TYR CA  CB   sing N N 280 
TYR CA  HA   sing N N 281 
TYR C   O    doub N N 282 
TYR C   OXT  sing N N 283 
TYR CB  CG   sing N N 284 
TYR CB  HB2  sing N N 285 
TYR CB  HB3  sing N N 286 
TYR CG  CD1  doub Y N 287 
TYR CG  CD2  sing Y N 288 
TYR CD1 CE1  sing Y N 289 
TYR CD1 HD1  sing N N 290 
TYR CD2 CE2  doub Y N 291 
TYR CD2 HD2  sing N N 292 
TYR CE1 CZ   doub Y N 293 
TYR CE1 HE1  sing N N 294 
TYR CE2 CZ   sing Y N 295 
TYR CE2 HE2  sing N N 296 
TYR CZ  OH   sing N N 297 
TYR OH  HH   sing N N 298 
TYR OXT HXT  sing N N 299 
VAL N   CA   sing N N 300 
VAL N   H    sing N N 301 
VAL N   H2   sing N N 302 
VAL CA  C    sing N N 303 
VAL CA  CB   sing N N 304 
VAL CA  HA   sing N N 305 
VAL C   O    doub N N 306 
VAL C   OXT  sing N N 307 
VAL CB  CG1  sing N N 308 
VAL CB  CG2  sing N N 309 
VAL CB  HB   sing N N 310 
VAL CG1 HG11 sing N N 311 
VAL CG1 HG12 sing N N 312 
VAL CG1 HG13 sing N N 313 
VAL CG2 HG21 sing N N 314 
VAL CG2 HG22 sing N N 315 
VAL CG2 HG23 sing N N 316 
VAL OXT HXT  sing N N 317 
# 
_atom_sites.entry_id                    1UDV 
_atom_sites.fract_transf_matrix[1][1]   0.00002007 
_atom_sites.fract_transf_matrix[1][2]   -0.00372486 
_atom_sites.fract_transf_matrix[1][3]   0.02751097 
_atom_sites.fract_transf_matrix[2][1]   -0.00711872 
_atom_sites.fract_transf_matrix[2][2]   -0.00203211 
_atom_sites.fract_transf_matrix[2][3]   -0.00026995 
_atom_sites.fract_transf_matrix[3][1]   0.00771665 
_atom_sites.fract_transf_matrix[3][2]   -0.02655401 
_atom_sites.fract_transf_matrix[3][3]   -0.00360092 
_atom_sites.fract_transf_vector[1]      -1.623052 
_atom_sites.fract_transf_vector[2]      -2.149908 
_atom_sites.fract_transf_vector[3]      -0.859198 
# 
loop_
_atom_type.symbol 
C  
N  
O  
ZN 
# 
loop_
_atom_site.group_PDB 
_atom_site.id 
_atom_site.type_symbol 
_atom_site.label_atom_id 
_atom_site.label_alt_id 
_atom_site.label_comp_id 
_atom_site.label_asym_id 
_atom_site.label_entity_id 
_atom_site.label_seq_id 
_atom_site.pdbx_PDB_ins_code 
_atom_site.Cartn_x 
_atom_site.Cartn_y 
_atom_site.Cartn_z 
_atom_site.occupancy 
_atom_site.B_iso_or_equiv 
_atom_site.pdbx_formal_charge 
_atom_site.auth_seq_id 
_atom_site.auth_comp_id 
_atom_site.auth_asym_id 
_atom_site.auth_atom_id 
_atom_site.pdbx_PDB_model_num 
ATOM   1    N  N   . THR A 1 2  ? 1.651   5.992   -22.350 1.00 54.08 ? 2   THR A N   1 
ATOM   2    C  CA  . THR A 1 2  ? 1.190   6.462   -21.012 1.00 54.30 ? 2   THR A CA  1 
ATOM   3    C  C   . THR A 1 2  ? 1.868   5.750   -19.838 1.00 55.67 ? 2   THR A C   1 
ATOM   4    O  O   . THR A 1 2  ? 2.240   6.387   -18.851 1.00 55.66 ? 2   THR A O   1 
ATOM   5    C  CB  . THR A 1 2  ? -0.345  6.298   -20.871 1.00 53.06 ? 2   THR A CB  1 
ATOM   6    O  OG1 . THR A 1 2  ? -1.005  7.339   -21.604 1.00 47.91 ? 2   THR A OG1 1 
ATOM   7    C  CG2 . THR A 1 2  ? -0.766  6.361   -19.411 1.00 51.57 ? 2   THR A CG2 1 
ATOM   8    N  N   . GLU A 1 3  ? 2.022   4.433   -19.948 1.00 57.29 ? 3   GLU A N   1 
ATOM   9    C  CA  . GLU A 1 3  ? 2.642   3.635   -18.891 1.00 58.75 ? 3   GLU A CA  1 
ATOM   10   C  C   . GLU A 1 3  ? 4.125   3.393   -19.158 1.00 59.13 ? 3   GLU A C   1 
ATOM   11   O  O   . GLU A 1 3  ? 4.555   2.245   -19.279 1.00 59.25 ? 3   GLU A O   1 
ATOM   12   C  CB  . GLU A 1 3  ? 1.946   2.278   -18.779 1.00 60.45 ? 3   GLU A CB  1 
ATOM   13   C  CG  . GLU A 1 3  ? 0.439   2.318   -18.926 1.00 62.75 ? 3   GLU A CG  1 
ATOM   14   C  CD  . GLU A 1 3  ? -0.155  0.927   -19.008 1.00 64.22 ? 3   GLU A CD  1 
ATOM   15   O  OE1 . GLU A 1 3  ? -0.094  0.199   -17.995 1.00 65.74 ? 3   GLU A OE1 1 
ATOM   16   O  OE2 . GLU A 1 3  ? -0.669  0.557   -20.087 1.00 64.25 ? 3   GLU A OE2 1 
ATOM   17   N  N   . LYS A 1 4  ? 4.901   4.469   -19.243 1.00 59.22 ? 4   LYS A N   1 
ATOM   18   C  CA  . LYS A 1 4  ? 6.333   4.359   -19.505 1.00 59.27 ? 4   LYS A CA  1 
ATOM   19   C  C   . LYS A 1 4  ? 7.143   4.051   -18.249 1.00 58.88 ? 4   LYS A C   1 
ATOM   20   O  O   . LYS A 1 4  ? 6.667   3.364   -17.340 1.00 59.23 ? 4   LYS A O   1 
ATOM   21   C  CB  . LYS A 1 4  ? 6.858   5.653   -20.135 1.00 59.72 ? 4   LYS A CB  1 
ATOM   22   C  CG  . LYS A 1 4  ? 6.309   5.955   -21.518 1.00 60.17 ? 4   LYS A CG  1 
ATOM   23   C  CD  . LYS A 1 4  ? 4.818   6.244   -21.490 1.00 59.61 ? 4   LYS A CD  1 
ATOM   24   C  CE  . LYS A 1 4  ? 4.358   6.761   -22.832 1.00 59.06 ? 4   LYS A CE  1 
ATOM   25   N  NZ  . LYS A 1 4  ? 5.160   7.948   -23.234 1.00 58.57 ? 4   LYS A NZ  1 
ATOM   26   N  N   . LEU A 1 5  ? 8.368   4.575   -18.212 1.00 57.47 ? 5   LEU A N   1 
ATOM   27   C  CA  . LEU A 1 5  ? 9.286   4.378   -17.093 1.00 55.48 ? 5   LEU A CA  1 
ATOM   28   C  C   . LEU A 1 5  ? 9.735   2.921   -17.006 1.00 53.88 ? 5   LEU A C   1 
ATOM   29   O  O   . LEU A 1 5  ? 9.497   2.127   -17.915 1.00 53.69 ? 5   LEU A O   1 
ATOM   30   C  CB  . LEU A 1 5  ? 8.625   4.780   -15.764 1.00 55.77 ? 5   LEU A CB  1 
ATOM   31   C  CG  . LEU A 1 5  ? 8.103   6.209   -15.547 1.00 55.64 ? 5   LEU A CG  1 
ATOM   32   C  CD1 . LEU A 1 5  ? 9.152   7.201   -16.027 1.00 56.08 ? 5   LEU A CD1 1 
ATOM   33   C  CD2 . LEU A 1 5  ? 6.790   6.420   -16.285 1.00 54.94 ? 5   LEU A CD2 1 
ATOM   34   N  N   . ASN A 1 6  ? 10.406  2.585   -15.912 1.00 51.58 ? 6   ASN A N   1 
ATOM   35   C  CA  . ASN A 1 6  ? 10.855  1.221   -15.686 1.00 49.59 ? 6   ASN A CA  1 
ATOM   36   C  C   . ASN A 1 6  ? 10.007  0.690   -14.544 1.00 46.94 ? 6   ASN A C   1 
ATOM   37   O  O   . ASN A 1 6  ? 10.327  0.865   -13.371 1.00 45.29 ? 6   ASN A O   1 
ATOM   38   C  CB  . ASN A 1 6  ? 12.344  1.183   -15.327 1.00 50.53 ? 6   ASN A CB  1 
ATOM   39   C  CG  . ASN A 1 6  ? 13.239  1.136   -16.557 1.00 52.31 ? 6   ASN A CG  1 
ATOM   40   O  OD1 . ASN A 1 6  ? 13.336  0.112   -17.232 1.00 52.50 ? 6   ASN A OD1 1 
ATOM   41   N  ND2 . ASN A 1 6  ? 13.890  2.253   -16.858 1.00 53.91 ? 6   ASN A ND2 1 
ATOM   42   N  N   . GLU A 1 7  ? 8.899   0.066   -14.915 1.00 46.04 ? 7   GLU A N   1 
ATOM   43   C  CA  . GLU A 1 7  ? 7.966   -0.490  -13.954 1.00 44.67 ? 7   GLU A CA  1 
ATOM   44   C  C   . GLU A 1 7  ? 8.221   -1.981  -13.794 1.00 42.99 ? 7   GLU A C   1 
ATOM   45   O  O   . GLU A 1 7  ? 8.467   -2.689  -14.771 1.00 42.92 ? 7   GLU A O   1 
ATOM   46   C  CB  . GLU A 1 7  ? 6.534   -0.259  -14.440 1.00 45.79 ? 7   GLU A CB  1 
ATOM   47   C  CG  . GLU A 1 7  ? 5.447   -0.585  -13.432 1.00 46.64 ? 7   GLU A CG  1 
ATOM   48   C  CD  . GLU A 1 7  ? 4.061   -0.566  -14.056 1.00 46.90 ? 7   GLU A CD  1 
ATOM   49   O  OE1 . GLU A 1 7  ? 3.821   -1.380  -14.975 1.00 44.26 ? 7   GLU A OE1 1 
ATOM   50   O  OE2 . GLU A 1 7  ? 3.218   0.257   -13.631 1.00 46.15 ? 7   GLU A OE2 1 
ATOM   51   N  N   . ILE A 1 8  ? 8.188   -2.450  -12.553 1.00 40.31 ? 8   ILE A N   1 
ATOM   52   C  CA  . ILE A 1 8  ? 8.378   -3.863  -12.280 1.00 37.22 ? 8   ILE A CA  1 
ATOM   53   C  C   . ILE A 1 8  ? 7.111   -4.352  -11.605 1.00 34.77 ? 8   ILE A C   1 
ATOM   54   O  O   . ILE A 1 8  ? 6.685   -3.793  -10.595 1.00 33.58 ? 8   ILE A O   1 
ATOM   55   C  CB  . ILE A 1 8  ? 9.576   -4.129  -11.339 1.00 36.55 ? 8   ILE A CB  1 
ATOM   56   C  CG1 . ILE A 1 8  ? 10.893  -3.858  -12.075 1.00 37.54 ? 8   ILE A CG1 1 
ATOM   57   C  CG2 . ILE A 1 8  ? 9.544   -5.581  -10.860 1.00 38.16 ? 8   ILE A CG2 1 
ATOM   58   C  CD1 . ILE A 1 8  ? 12.130  -4.360  -11.344 1.00 34.72 ? 8   ILE A CD1 1 
ATOM   59   N  N   . VAL A 1 9  ? 6.497   -5.380  -12.177 1.00 34.58 ? 9   VAL A N   1 
ATOM   60   C  CA  . VAL A 1 9  ? 5.282   -5.925  -11.595 1.00 32.55 ? 9   VAL A CA  1 
ATOM   61   C  C   . VAL A 1 9  ? 5.654   -7.018  -10.615 1.00 31.14 ? 9   VAL A C   1 
ATOM   62   O  O   . VAL A 1 9  ? 6.324   -7.985  -10.974 1.00 30.25 ? 9   VAL A O   1 
ATOM   63   C  CB  . VAL A 1 9  ? 4.342   -6.520  -12.667 1.00 34.85 ? 9   VAL A CB  1 
ATOM   64   C  CG1 . VAL A 1 9  ? 3.148   -7.195  -11.993 1.00 32.87 ? 9   VAL A CG1 1 
ATOM   65   C  CG2 . VAL A 1 9  ? 3.863   -5.417  -13.606 1.00 34.32 ? 9   VAL A CG2 1 
ATOM   66   N  N   . VAL A 1 10 ? 5.225   -6.851  -9.368  1.00 29.49 ? 10  VAL A N   1 
ATOM   67   C  CA  . VAL A 1 10 ? 5.508   -7.833  -8.338  1.00 29.21 ? 10  VAL A CA  1 
ATOM   68   C  C   . VAL A 1 10 ? 4.737   -9.101  -8.663  1.00 30.74 ? 10  VAL A C   1 
ATOM   69   O  O   . VAL A 1 10 ? 3.509   -9.130  -8.587  1.00 31.29 ? 10  VAL A O   1 
ATOM   70   C  CB  . VAL A 1 10 ? 5.111   -7.300  -6.954  1.00 27.93 ? 10  VAL A CB  1 
ATOM   71   C  CG1 . VAL A 1 10 ? 5.430   -8.325  -5.884  1.00 29.04 ? 10  VAL A CG1 1 
ATOM   72   C  CG2 . VAL A 1 10 ? 5.853   -6.004  -6.685  1.00 27.02 ? 10  VAL A CG2 1 
ATOM   73   N  N   . ARG A 1 11 ? 5.476   -10.140 -9.034  1.00 30.69 ? 11  ARG A N   1 
ATOM   74   C  CA  . ARG A 1 11 ? 4.904   -11.425 -9.413  1.00 33.77 ? 11  ARG A CA  1 
ATOM   75   C  C   . ARG A 1 11 ? 4.675   -12.352 -8.225  1.00 32.98 ? 11  ARG A C   1 
ATOM   76   O  O   . ARG A 1 11 ? 5.363   -12.270 -7.208  1.00 31.55 ? 11  ARG A O   1 
ATOM   77   C  CB  . ARG A 1 11 ? 5.827   -12.126 -10.418 1.00 37.28 ? 11  ARG A CB  1 
ATOM   78   C  CG  . ARG A 1 11 ? 6.290   -11.244 -11.575 1.00 42.50 ? 11  ARG A CG  1 
ATOM   79   C  CD  . ARG A 1 11 ? 5.107   -10.693 -12.359 1.00 47.67 ? 11  ARG A CD  1 
ATOM   80   N  NE  . ARG A 1 11 ? 4.326   -11.751 -12.998 1.00 51.87 ? 11  ARG A NE  1 
ATOM   81   C  CZ  . ARG A 1 11 ? 4.755   -12.493 -14.015 1.00 53.08 ? 11  ARG A CZ  1 
ATOM   82   N  NH1 . ARG A 1 11 ? 5.966   -12.298 -14.523 1.00 53.02 ? 11  ARG A NH1 1 
ATOM   83   N  NH2 . ARG A 1 11 ? 3.971   -13.435 -14.525 1.00 53.72 ? 11  ARG A NH2 1 
ATOM   84   N  N   . LYS A 1 12 ? 3.708   -13.245 -8.368  1.00 31.43 ? 12  LYS A N   1 
ATOM   85   C  CA  . LYS A 1 12 ? 3.418   -14.196 -7.318  1.00 30.74 ? 12  LYS A CA  1 
ATOM   86   C  C   . LYS A 1 12 ? 4.446   -15.318 -7.411  1.00 28.84 ? 12  LYS A C   1 
ATOM   87   O  O   . LYS A 1 12 ? 4.725   -15.995 -6.426  1.00 30.79 ? 12  LYS A O   1 
ATOM   88   C  CB  . LYS A 1 12 ? 1.997   -14.750 -7.493  1.00 34.02 ? 12  LYS A CB  1 
ATOM   89   C  CG  . LYS A 1 12 ? 1.740   -15.377 -8.858  1.00 39.45 ? 12  LYS A CG  1 
ATOM   90   C  CD  . LYS A 1 12 ? 0.412   -14.924 -9.482  1.00 41.61 ? 12  LYS A CD  1 
ATOM   91   C  CE  . LYS A 1 12 ? -0.803  -15.359 -8.669  1.00 42.07 ? 12  LYS A CE  1 
ATOM   92   N  NZ  . LYS A 1 12 ? -0.959  -14.615 -7.383  1.00 42.66 ? 12  LYS A NZ  1 
ATOM   93   N  N   . THR A 1 13 ? 5.035   -15.490 -8.593  1.00 26.79 ? 13  THR A N   1 
ATOM   94   C  CA  . THR A 1 13 ? 6.010   -16.553 -8.816  1.00 26.22 ? 13  THR A CA  1 
ATOM   95   C  C   . THR A 1 13 ? 7.481   -16.251 -8.505  1.00 26.41 ? 13  THR A C   1 
ATOM   96   O  O   . THR A 1 13 ? 8.314   -17.157 -8.513  1.00 28.25 ? 13  THR A O   1 
ATOM   97   C  CB  . THR A 1 13 ? 5.929   -17.070 -10.264 1.00 28.52 ? 13  THR A CB  1 
ATOM   98   O  OG1 . THR A 1 13 ? 6.186   -15.996 -11.176 1.00 29.78 ? 13  THR A OG1 1 
ATOM   99   C  CG2 . THR A 1 13 ? 4.549   -17.645 -10.538 1.00 30.33 ? 13  THR A CG2 1 
ATOM   100  N  N   . LYS A 1 14 ? 7.811   -14.992 -8.253  1.00 22.36 ? 14  LYS A N   1 
ATOM   101  C  CA  . LYS A 1 14 ? 9.187   -14.630 -7.907  1.00 19.89 ? 14  LYS A CA  1 
ATOM   102  C  C   . LYS A 1 14 ? 9.165   -14.238 -6.436  1.00 17.40 ? 14  LYS A C   1 
ATOM   103  O  O   . LYS A 1 14 ? 8.276   -13.505 -6.008  1.00 19.68 ? 14  LYS A O   1 
ATOM   104  C  CB  . LYS A 1 14 ? 9.670   -13.453 -8.762  1.00 18.53 ? 14  LYS A CB  1 
ATOM   105  C  CG  . LYS A 1 14 ? 9.898   -13.813 -10.234 1.00 22.57 ? 14  LYS A CG  1 
ATOM   106  C  CD  . LYS A 1 14 ? 10.056  -12.574 -11.109 1.00 24.87 ? 14  LYS A CD  1 
ATOM   107  C  CE  . LYS A 1 14 ? 11.356  -11.832 -10.827 1.00 22.88 ? 14  LYS A CE  1 
ATOM   108  N  NZ  . LYS A 1 14 ? 12.528  -12.615 -11.283 1.00 16.48 ? 14  LYS A NZ  1 
ATOM   109  N  N   . ASN A 1 15 ? 10.124  -14.713 -5.653  1.00 17.15 ? 15  ASN A N   1 
ATOM   110  C  CA  . ASN A 1 15 ? 10.090  -14.357 -4.242  1.00 17.56 ? 15  ASN A CA  1 
ATOM   111  C  C   . ASN A 1 15 ? 10.535  -12.913 -4.026  1.00 16.81 ? 15  ASN A C   1 
ATOM   112  O  O   . ASN A 1 15 ? 11.074  -12.267 -4.928  1.00 16.08 ? 15  ASN A O   1 
ATOM   113  C  CB  . ASN A 1 15 ? 10.902  -15.345 -3.375  1.00 18.33 ? 15  ASN A CB  1 
ATOM   114  C  CG  . ASN A 1 15 ? 12.364  -15.438 -3.757  1.00 19.33 ? 15  ASN A CG  1 
ATOM   115  O  OD1 . ASN A 1 15 ? 13.042  -14.431 -3.972  1.00 20.19 ? 15  ASN A OD1 1 
ATOM   116  N  ND2 . ASN A 1 15 ? 12.869  -16.657 -3.806  1.00 21.63 ? 15  ASN A ND2 1 
ATOM   117  N  N   . VAL A 1 16 ? 10.253  -12.401 -2.839  1.00 14.23 ? 16  VAL A N   1 
ATOM   118  C  CA  . VAL A 1 16 ? 10.569  -11.028 -2.483  1.00 13.47 ? 16  VAL A CA  1 
ATOM   119  C  C   . VAL A 1 16 ? 12.035  -10.653 -2.694  1.00 12.77 ? 16  VAL A C   1 
ATOM   120  O  O   . VAL A 1 16 ? 12.328  -9.589  -3.244  1.00 12.10 ? 16  VAL A O   1 
ATOM   121  C  CB  . VAL A 1 16 ? 10.165  -10.771 -1.006  1.00 12.03 ? 16  VAL A CB  1 
ATOM   122  C  CG1 . VAL A 1 16 ? 10.768  -9.458  -0.501  1.00 13.23 ? 16  VAL A CG1 1 
ATOM   123  C  CG2 . VAL A 1 16 ? 8.633   -10.741 -0.896  1.00 15.09 ? 16  VAL A CG2 1 
ATOM   124  N  N   . GLU A 1 17 ? 12.942  -11.521 -2.267  1.00 13.84 ? 17  GLU A N   1 
ATOM   125  C  CA  . GLU A 1 17 ? 14.379  -11.250 -2.374  1.00 15.65 ? 17  GLU A CA  1 
ATOM   126  C  C   . GLU A 1 17 ? 14.811  -11.130 -3.830  1.00 15.77 ? 17  GLU A C   1 
ATOM   127  O  O   . GLU A 1 17 ? 15.672  -10.324 -4.171  1.00 15.43 ? 17  GLU A O   1 
ATOM   128  C  CB  . GLU A 1 17 ? 15.168  -12.357 -1.673  1.00 17.44 ? 17  GLU A CB  1 
ATOM   129  C  CG  . GLU A 1 17 ? 16.690  -12.206 -1.715  1.00 18.63 ? 17  GLU A CG  1 
ATOM   130  C  CD  . GLU A 1 17 ? 17.217  -11.069 -0.853  1.00 21.59 ? 17  GLU A CD  1 
ATOM   131  O  OE1 . GLU A 1 17 ? 16.428  -10.395 -0.162  1.00 19.92 ? 17  GLU A OE1 1 
ATOM   132  O  OE2 . GLU A 1 17 ? 18.445  -10.849 -0.873  1.00 23.59 ? 17  GLU A OE2 1 
ATOM   133  N  N   . ASP A 1 18 ? 14.206  -11.941 -4.686  1.00 14.66 ? 18  ASP A N   1 
ATOM   134  C  CA  . ASP A 1 18 ? 14.520  -11.891 -6.104  1.00 15.51 ? 18  ASP A CA  1 
ATOM   135  C  C   . ASP A 1 18 ? 14.141  -10.501 -6.643  1.00 15.07 ? 18  ASP A C   1 
ATOM   136  O  O   . ASP A 1 18 ? 14.942  -9.851  -7.329  1.00 14.16 ? 18  ASP A O   1 
ATOM   137  C  CB  . ASP A 1 18 ? 13.772  -13.012 -6.825  1.00 12.65 ? 18  ASP A CB  1 
ATOM   138  C  CG  . ASP A 1 18 ? 14.124  -13.092 -8.292  1.00 18.48 ? 18  ASP A CG  1 
ATOM   139  O  OD1 . ASP A 1 18 ? 14.760  -12.146 -8.791  1.00 14.35 ? 18  ASP A OD1 1 
ATOM   140  O  OD2 . ASP A 1 18 ? 13.760  -14.100 -8.934  1.00 17.89 ? 18  ASP A OD2 1 
ATOM   141  N  N   . HIS A 1 19 ? 12.943  -10.023 -6.305  1.00 15.19 ? 19  HIS A N   1 
ATOM   142  C  CA  . HIS A 1 19 ? 12.494  -8.700  -6.740  1.00 15.40 ? 19  HIS A CA  1 
ATOM   143  C  C   . HIS A 1 19 ? 13.444  -7.617  -6.229  1.00 15.87 ? 19  HIS A C   1 
ATOM   144  O  O   . HIS A 1 19 ? 13.795  -6.697  -6.957  1.00 13.66 ? 19  HIS A O   1 
ATOM   145  C  CB  . HIS A 1 19 ? 11.092  -8.377  -6.214  1.00 15.78 ? 19  HIS A CB  1 
ATOM   146  C  CG  . HIS A 1 19 ? 9.984   -9.079  -6.937  1.00 19.83 ? 19  HIS A CG  1 
ATOM   147  N  ND1 . HIS A 1 19 ? 9.475   -10.295 -6.528  1.00 22.15 ? 19  HIS A ND1 1 
ATOM   148  C  CD2 . HIS A 1 19 ? 9.273   -8.725  -8.033  1.00 21.33 ? 19  HIS A CD2 1 
ATOM   149  C  CE1 . HIS A 1 19 ? 8.496   -10.655 -7.340  1.00 22.60 ? 19  HIS A CE1 1 
ATOM   150  N  NE2 . HIS A 1 19 ? 8.353   -9.720  -8.262  1.00 21.64 ? 19  HIS A NE2 1 
ATOM   151  N  N   . VAL A 1 20 ? 13.832  -7.709  -4.958  1.00 10.65 ? 20  VAL A N   1 
ATOM   152  C  CA  . VAL A 1 20 ? 14.744  -6.725  -4.384  1.00 11.02 ? 20  VAL A CA  1 
ATOM   153  C  C   . VAL A 1 20 ? 16.054  -6.673  -5.160  1.00 11.69 ? 20  VAL A C   1 
ATOM   154  O  O   . VAL A 1 20 ? 16.538  -5.586  -5.498  1.00 10.95 ? 20  VAL A O   1 
ATOM   155  C  CB  . VAL A 1 20 ? 15.062  -7.046  -2.911  1.00 11.33 ? 20  VAL A CB  1 
ATOM   156  C  CG1 . VAL A 1 20 ? 16.206  -6.163  -2.411  1.00 14.49 ? 20  VAL A CG1 1 
ATOM   157  C  CG2 . VAL A 1 20 ? 13.822  -6.823  -2.065  1.00 14.86 ? 20  VAL A CG2 1 
ATOM   158  N  N   . LEU A 1 21 ? 16.612  -7.845  -5.448  1.00 9.16  ? 21  LEU A N   1 
ATOM   159  C  CA  . LEU A 1 21 ? 17.874  -7.921  -6.169  1.00 13.52 ? 21  LEU A CA  1 
ATOM   160  C  C   . LEU A 1 21 ? 17.704  -7.391  -7.593  1.00 13.82 ? 21  LEU A C   1 
ATOM   161  O  O   . LEU A 1 21 ? 18.614  -6.749  -8.127  1.00 11.70 ? 21  LEU A O   1 
ATOM   162  C  CB  . LEU A 1 21 ? 18.402  -9.358  -6.184  1.00 13.49 ? 21  LEU A CB  1 
ATOM   163  C  CG  . LEU A 1 21 ? 18.820  -9.939  -4.819  1.00 14.66 ? 21  LEU A CG  1 
ATOM   164  C  CD1 . LEU A 1 21 ? 19.306  -11.370 -4.995  1.00 15.27 ? 21  LEU A CD1 1 
ATOM   165  C  CD2 . LEU A 1 21 ? 19.925  -9.079  -4.199  1.00 14.69 ? 21  LEU A CD2 1 
ATOM   166  N  N   . ASP A 1 22 ? 16.532  -7.633  -8.186  1.00 11.67 ? 22  ASP A N   1 
ATOM   167  C  CA  . ASP A 1 22 ? 16.259  -7.162  -9.549  1.00 11.67 ? 22  ASP A CA  1 
ATOM   168  C  C   . ASP A 1 22 ? 16.258  -5.631  -9.610  1.00 11.76 ? 22  ASP A C   1 
ATOM   169  O  O   . ASP A 1 22 ? 16.781  -5.045  -10.558 1.00 13.45 ? 22  ASP A O   1 
ATOM   170  C  CB  . ASP A 1 22 ? 14.916  -7.721  -10.073 1.00 13.32 ? 22  ASP A CB  1 
ATOM   171  C  CG  . ASP A 1 22 ? 14.964  -9.235  -10.364 1.00 12.65 ? 22  ASP A CG  1 
ATOM   172  O  OD1 . ASP A 1 22 ? 16.064  -9.826  -10.390 1.00 15.28 ? 22  ASP A OD1 1 
ATOM   173  O  OD2 . ASP A 1 22 ? 13.899  -9.855  -10.589 1.00 14.64 ? 22  ASP A OD2 1 
ATOM   174  N  N   . VAL A 1 23 ? 15.679  -4.984  -8.596  1.00 9.93  ? 23  VAL A N   1 
ATOM   175  C  CA  . VAL A 1 23 ? 15.631  -3.523  -8.536  1.00 10.88 ? 23  VAL A CA  1 
ATOM   176  C  C   . VAL A 1 23 ? 17.035  -2.931  -8.385  1.00 13.38 ? 23  VAL A C   1 
ATOM   177  O  O   . VAL A 1 23 ? 17.377  -1.952  -9.041  1.00 14.65 ? 23  VAL A O   1 
ATOM   178  C  CB  . VAL A 1 23 ? 14.756  -3.042  -7.363  1.00 10.85 ? 23  VAL A CB  1 
ATOM   179  C  CG1 . VAL A 1 23 ? 14.931  -1.552  -7.138  1.00 13.41 ? 23  VAL A CG1 1 
ATOM   180  C  CG2 . VAL A 1 23 ? 13.293  -3.359  -7.670  1.00 13.07 ? 23  VAL A CG2 1 
ATOM   181  N  N   . ILE A 1 24 ? 17.847  -3.522  -7.520  1.00 11.25 ? 24  ILE A N   1 
ATOM   182  C  CA  . ILE A 1 24 ? 19.202  -3.017  -7.344  1.00 12.89 ? 24  ILE A CA  1 
ATOM   183  C  C   . ILE A 1 24 ? 20.027  -3.153  -8.638  1.00 15.13 ? 24  ILE A C   1 
ATOM   184  O  O   . ILE A 1 24 ? 20.904  -2.325  -8.910  1.00 14.71 ? 24  ILE A O   1 
ATOM   185  C  CB  . ILE A 1 24 ? 19.886  -3.727  -6.165  1.00 12.45 ? 24  ILE A CB  1 
ATOM   186  C  CG1 . ILE A 1 24 ? 19.194  -3.287  -4.865  1.00 13.99 ? 24  ILE A CG1 1 
ATOM   187  C  CG2 . ILE A 1 24 ? 21.377  -3.412  -6.164  1.00 11.24 ? 24  ILE A CG2 1 
ATOM   188  C  CD1 . ILE A 1 24 ? 19.636  -4.019  -3.596  1.00 12.08 ? 24  ILE A CD1 1 
ATOM   189  N  N   . VAL A 1 25 ? 19.753  -4.191  -9.426  1.00 13.08 ? 25  VAL A N   1 
ATOM   190  C  CA  . VAL A 1 25 ? 20.442  -4.381  -10.699 1.00 14.08 ? 25  VAL A CA  1 
ATOM   191  C  C   . VAL A 1 25 ? 20.145  -3.167  -11.574 1.00 11.48 ? 25  VAL A C   1 
ATOM   192  O  O   . VAL A 1 25 ? 21.023  -2.682  -12.281 1.00 16.18 ? 25  VAL A O   1 
ATOM   193  C  CB  . VAL A 1 25 ? 19.984  -5.672  -11.422 1.00 13.09 ? 25  VAL A CB  1 
ATOM   194  C  CG1 . VAL A 1 25 ? 20.354  -5.614  -12.912 1.00 13.23 ? 25  VAL A CG1 1 
ATOM   195  C  CG2 . VAL A 1 25 ? 20.651  -6.884  -10.793 1.00 15.39 ? 25  VAL A CG2 1 
ATOM   196  N  N   . LEU A 1 26 ? 18.913  -2.665  -11.524 1.00 13.08 ? 26  LEU A N   1 
ATOM   197  C  CA  . LEU A 1 26 ? 18.578  -1.479  -12.301 1.00 13.43 ? 26  LEU A CA  1 
ATOM   198  C  C   . LEU A 1 26 ? 19.311  -0.288  -11.701 1.00 15.28 ? 26  LEU A C   1 
ATOM   199  O  O   . LEU A 1 26 ? 20.021  0.421   -12.409 1.00 15.64 ? 26  LEU A O   1 
ATOM   200  C  CB  . LEU A 1 26 ? 17.068  -1.212  -12.296 1.00 13.98 ? 26  LEU A CB  1 
ATOM   201  C  CG  . LEU A 1 26 ? 16.238  -2.290  -13.011 1.00 14.54 ? 26  LEU A CG  1 
ATOM   202  C  CD1 . LEU A 1 26 ? 14.756  -2.010  -12.811 1.00 15.63 ? 26  LEU A CD1 1 
ATOM   203  C  CD2 . LEU A 1 26 ? 16.587  -2.300  -14.507 1.00 15.90 ? 26  LEU A CD2 1 
ATOM   204  N  N   . PHE A 1 27 ? 19.152  -0.073  -10.394 1.00 11.78 ? 27  PHE A N   1 
ATOM   205  C  CA  . PHE A 1 27 ? 19.819  1.051   -9.731  1.00 13.48 ? 27  PHE A CA  1 
ATOM   206  C  C   . PHE A 1 27 ? 21.312  1.171   -10.081 1.00 13.52 ? 27  PHE A C   1 
ATOM   207  O  O   . PHE A 1 27 ? 21.800  2.251   -10.422 1.00 14.63 ? 27  PHE A O   1 
ATOM   208  C  CB  . PHE A 1 27 ? 19.713  0.922   -8.202  1.00 12.00 ? 27  PHE A CB  1 
ATOM   209  C  CG  . PHE A 1 27 ? 18.361  1.274   -7.635  1.00 11.99 ? 27  PHE A CG  1 
ATOM   210  C  CD1 . PHE A 1 27 ? 17.394  1.917   -8.406  1.00 15.27 ? 27  PHE A CD1 1 
ATOM   211  C  CD2 . PHE A 1 27 ? 18.070  0.982   -6.301  1.00 12.29 ? 27  PHE A CD2 1 
ATOM   212  C  CE1 . PHE A 1 27 ? 16.156  2.265   -7.861  1.00 14.79 ? 27  PHE A CE1 1 
ATOM   213  C  CE2 . PHE A 1 27 ? 16.829  1.327   -5.743  1.00 14.76 ? 27  PHE A CE2 1 
ATOM   214  C  CZ  . PHE A 1 27 ? 15.873  1.968   -6.526  1.00 16.31 ? 27  PHE A CZ  1 
ATOM   215  N  N   . ASN A 1 28 ? 22.026  0.061   -9.995  1.00 14.44 ? 28  ASN A N   1 
ATOM   216  C  CA  . ASN A 1 28 ? 23.459  0.063   -10.254 1.00 17.17 ? 28  ASN A CA  1 
ATOM   217  C  C   . ASN A 1 28 ? 23.888  0.469   -11.659 1.00 20.27 ? 28  ASN A C   1 
ATOM   218  O  O   . ASN A 1 28 ? 25.013  0.917   -11.852 1.00 20.57 ? 28  ASN A O   1 
ATOM   219  C  CB  . ASN A 1 28 ? 24.047  -1.305  -9.915  1.00 18.37 ? 28  ASN A CB  1 
ATOM   220  C  CG  . ASN A 1 28 ? 24.034  -1.584  -8.421  1.00 22.74 ? 28  ASN A CG  1 
ATOM   221  O  OD1 . ASN A 1 28 ? 24.328  -2.695  -7.981  1.00 29.73 ? 28  ASN A OD1 1 
ATOM   222  N  ND2 . ASN A 1 28 ? 23.691  -0.570  -7.636  1.00 24.28 ? 28  ASN A ND2 1 
ATOM   223  N  N   . GLN A 1 29 ? 23.014  0.315   -12.644 1.00 19.79 ? 29  GLN A N   1 
ATOM   224  C  CA  . GLN A 1 29 ? 23.409  0.706   -13.991 1.00 20.23 ? 29  GLN A CA  1 
ATOM   225  C  C   . GLN A 1 29 ? 22.978  2.120   -14.335 1.00 21.33 ? 29  GLN A C   1 
ATOM   226  O  O   . GLN A 1 29 ? 23.076  2.547   -15.484 1.00 20.67 ? 29  GLN A O   1 
ATOM   227  C  CB  . GLN A 1 29 ? 22.880  -0.287  -15.028 1.00 23.17 ? 29  GLN A CB  1 
ATOM   228  C  CG  . GLN A 1 29 ? 21.393  -0.497  -15.012 1.00 19.08 ? 29  GLN A CG  1 
ATOM   229  C  CD  . GLN A 1 29 ? 20.982  -1.604  -15.958 1.00 20.77 ? 29  GLN A CD  1 
ATOM   230  O  OE1 . GLN A 1 29 ? 20.955  -1.420  -17.178 1.00 17.53 ? 29  GLN A OE1 1 
ATOM   231  N  NE2 . GLN A 1 29 ? 20.677  -2.771  -15.400 1.00 16.24 ? 29  GLN A NE2 1 
ATOM   232  N  N   . GLY A 1 30 ? 22.508  2.858   -13.336 1.00 19.31 ? 30  GLY A N   1 
ATOM   233  C  CA  . GLY A 1 30 ? 22.122  4.231   -13.593 1.00 21.04 ? 30  GLY A CA  1 
ATOM   234  C  C   . GLY A 1 30 ? 20.649  4.527   -13.728 1.00 22.22 ? 30  GLY A C   1 
ATOM   235  O  O   . GLY A 1 30 ? 20.277  5.692   -13.876 1.00 23.65 ? 30  GLY A O   1 
ATOM   236  N  N   . ILE A 1 31 ? 19.811  3.492   -13.708 1.00 21.45 ? 31  ILE A N   1 
ATOM   237  C  CA  . ILE A 1 31 ? 18.362  3.698   -13.780 1.00 23.50 ? 31  ILE A CA  1 
ATOM   238  C  C   . ILE A 1 31 ? 17.971  3.985   -12.329 1.00 24.72 ? 31  ILE A C   1 
ATOM   239  O  O   . ILE A 1 31 ? 17.705  3.067   -11.549 1.00 25.22 ? 31  ILE A O   1 
ATOM   240  C  CB  . ILE A 1 31 ? 17.646  2.433   -14.302 1.00 21.29 ? 31  ILE A CB  1 
ATOM   241  C  CG1 . ILE A 1 31 ? 18.103  2.143   -15.736 1.00 22.02 ? 31  ILE A CG1 1 
ATOM   242  C  CG2 . ILE A 1 31 ? 16.140  2.639   -14.269 1.00 22.58 ? 31  ILE A CG2 1 
ATOM   243  C  CD1 . ILE A 1 31 ? 17.685  0.791   -16.265 1.00 23.58 ? 31  ILE A CD1 1 
ATOM   244  N  N   . ASP A 1 32 ? 17.955  5.269   -11.986 1.00 26.12 ? 32  ASP A N   1 
ATOM   245  C  CA  . ASP A 1 32 ? 17.696  5.738   -10.629 1.00 28.19 ? 32  ASP A CA  1 
ATOM   246  C  C   . ASP A 1 32 ? 16.274  5.735   -10.084 1.00 26.98 ? 32  ASP A C   1 
ATOM   247  O  O   . ASP A 1 32 ? 16.085  5.840   -8.877  1.00 26.09 ? 32  ASP A O   1 
ATOM   248  C  CB  . ASP A 1 32 ? 18.266  7.148   -10.469 1.00 32.37 ? 32  ASP A CB  1 
ATOM   249  C  CG  . ASP A 1 32 ? 17.661  8.135   -11.456 1.00 34.84 ? 32  ASP A CG  1 
ATOM   250  O  OD1 . ASP A 1 32 ? 17.811  7.928   -12.680 1.00 40.42 ? 32  ASP A OD1 1 
ATOM   251  O  OD2 . ASP A 1 32 ? 17.036  9.121   -11.013 1.00 39.92 ? 32  ASP A OD2 1 
ATOM   252  N  N   . GLU A 1 33 ? 15.278  5.643   -10.953 1.00 26.77 ? 33  GLU A N   1 
ATOM   253  C  CA  . GLU A 1 33 ? 13.901  5.642   -10.483 1.00 28.41 ? 33  GLU A CA  1 
ATOM   254  C  C   . GLU A 1 33 ? 13.179  4.400   -10.979 1.00 28.47 ? 33  GLU A C   1 
ATOM   255  O  O   . GLU A 1 33 ? 13.153  4.122   -12.177 1.00 27.48 ? 33  GLU A O   1 
ATOM   256  C  CB  . GLU A 1 33 ? 13.182  6.900   -10.967 1.00 30.86 ? 33  GLU A CB  1 
ATOM   257  C  CG  . GLU A 1 33 ? 12.180  7.457   -9.975  1.00 36.74 ? 33  GLU A CG  1 
ATOM   258  C  CD  . GLU A 1 33 ? 11.577  8.760   -10.449 1.00 41.01 ? 33  GLU A CD  1 
ATOM   259  O  OE1 . GLU A 1 33 ? 12.353  9.641   -10.887 1.00 42.64 ? 33  GLU A OE1 1 
ATOM   260  O  OE2 . GLU A 1 33 ? 10.337  8.909   -10.379 1.00 42.93 ? 33  GLU A OE2 1 
ATOM   261  N  N   . VAL A 1 34 ? 12.607  3.641   -10.048 1.00 26.40 ? 34  VAL A N   1 
ATOM   262  C  CA  . VAL A 1 34 ? 11.900  2.425   -10.411 1.00 25.60 ? 34  VAL A CA  1 
ATOM   263  C  C   . VAL A 1 34 ? 10.512  2.436   -9.794  1.00 25.56 ? 34  VAL A C   1 
ATOM   264  O  O   . VAL A 1 34 ? 10.299  3.005   -8.721  1.00 24.88 ? 34  VAL A O   1 
ATOM   265  C  CB  . VAL A 1 34 ? 12.683  1.166   -9.944  1.00 25.96 ? 34  VAL A CB  1 
ATOM   266  C  CG1 . VAL A 1 34 ? 11.850  -0.076  -10.126 1.00 25.96 ? 34  VAL A CG1 1 
ATOM   267  C  CG2 . VAL A 1 34 ? 13.977  1.028   -10.749 1.00 24.97 ? 34  VAL A CG2 1 
ATOM   268  N  N   . ILE A 1 35 ? 9.561   1.825   -10.493 1.00 25.92 ? 35  ILE A N   1 
ATOM   269  C  CA  . ILE A 1 35 ? 8.196   1.762   -9.998  1.00 27.14 ? 35  ILE A CA  1 
ATOM   270  C  C   . ILE A 1 35 ? 7.787   0.325   -9.719  1.00 23.34 ? 35  ILE A C   1 
ATOM   271  O  O   . ILE A 1 35 ? 7.797   -0.516  -10.621 1.00 25.85 ? 35  ILE A O   1 
ATOM   272  C  CB  . ILE A 1 35 ? 7.206   2.372   -11.010 1.00 30.24 ? 35  ILE A CB  1 
ATOM   273  C  CG1 . ILE A 1 35 ? 7.487   3.871   -11.161 1.00 32.65 ? 35  ILE A CG1 1 
ATOM   274  C  CG2 . ILE A 1 35 ? 5.776   2.137   -10.543 1.00 33.50 ? 35  ILE A CG2 1 
ATOM   275  C  CD1 . ILE A 1 35 ? 6.645   4.563   -12.216 1.00 34.48 ? 35  ILE A CD1 1 
ATOM   276  N  N   . LEU A 1 36 ? 7.459   0.050   -8.460  1.00 22.30 ? 36  LEU A N   1 
ATOM   277  C  CA  . LEU A 1 36 ? 6.999   -1.277  -8.038  1.00 23.09 ? 36  LEU A CA  1 
ATOM   278  C  C   . LEU A 1 36 ? 5.480   -1.283  -8.132  1.00 22.97 ? 36  LEU A C   1 
ATOM   279  O  O   . LEU A 1 36 ? 4.818   -0.430  -7.539  1.00 24.47 ? 36  LEU A O   1 
ATOM   280  C  CB  . LEU A 1 36 ? 7.372   -1.560  -6.583  1.00 23.16 ? 36  LEU A CB  1 
ATOM   281  C  CG  . LEU A 1 36 ? 8.823   -1.861  -6.223  1.00 22.47 ? 36  LEU A CG  1 
ATOM   282  C  CD1 . LEU A 1 36 ? 8.934   -2.008  -4.703  1.00 24.86 ? 36  LEU A CD1 1 
ATOM   283  C  CD2 . LEU A 1 36 ? 9.271   -3.137  -6.918  1.00 24.54 ? 36  LEU A CD2 1 
ATOM   284  N  N   . LYS A 1 37 ? 4.932   -2.240  -8.865  1.00 24.20 ? 37  LYS A N   1 
ATOM   285  C  CA  . LYS A 1 37 ? 3.485   -2.330  -9.000  1.00 25.16 ? 37  LYS A CA  1 
ATOM   286  C  C   . LYS A 1 37 ? 2.978   -3.640  -8.426  1.00 22.52 ? 37  LYS A C   1 
ATOM   287  O  O   . LYS A 1 37 ? 3.526   -4.697  -8.702  1.00 21.07 ? 37  LYS A O   1 
ATOM   288  C  CB  . LYS A 1 37 ? 3.066   -2.235  -10.467 1.00 25.32 ? 37  LYS A CB  1 
ATOM   289  C  CG  . LYS A 1 37 ? 1.560   -2.358  -10.678 1.00 28.09 ? 37  LYS A CG  1 
ATOM   290  C  CD  . LYS A 1 37 ? 1.193   -2.199  -12.142 1.00 29.50 ? 37  LYS A CD  1 
ATOM   291  C  CE  . LYS A 1 37 ? -0.314  -2.158  -12.332 1.00 32.71 ? 37  LYS A CE  1 
ATOM   292  N  NZ  . LYS A 1 37 ? -0.675  -1.873  -13.757 1.00 33.77 ? 37  LYS A NZ  1 
ATOM   293  N  N   . GLY A 1 38 ? 1.928   -3.550  -7.622  1.00 25.12 ? 38  GLY A N   1 
ATOM   294  C  CA  . GLY A 1 38 ? 1.345   -4.737  -7.030  1.00 27.03 ? 38  GLY A CA  1 
ATOM   295  C  C   . GLY A 1 38 ? -0.161  -4.671  -7.166  1.00 25.40 ? 38  GLY A C   1 
ATOM   296  O  O   . GLY A 1 38 ? -0.766  -3.652  -6.837  1.00 27.86 ? 38  GLY A O   1 
ATOM   297  N  N   . THR A 1 39 ? -0.768  -5.744  -7.661  1.00 27.18 ? 39  THR A N   1 
ATOM   298  C  CA  . THR A 1 39 ? -2.221  -5.778  -7.816  1.00 26.44 ? 39  THR A CA  1 
ATOM   299  C  C   . THR A 1 39 ? -2.823  -6.883  -6.958  1.00 25.37 ? 39  THR A C   1 
ATOM   300  O  O   . THR A 1 39 ? -2.215  -7.936  -6.776  1.00 23.75 ? 39  THR A O   1 
ATOM   301  C  CB  . THR A 1 39 ? -2.641  -6.036  -9.278  1.00 27.70 ? 39  THR A CB  1 
ATOM   302  O  OG1 . THR A 1 39 ? -2.135  -7.308  -9.704  1.00 30.52 ? 39  THR A OG1 1 
ATOM   303  C  CG2 . THR A 1 39 ? -2.107  -4.947  -10.191 1.00 26.24 ? 39  THR A CG2 1 
ATOM   304  N  N   . GLY A 1 40 ? -4.017  -6.631  -6.434  1.00 24.58 ? 40  GLY A N   1 
ATOM   305  C  CA  . GLY A 1 40 ? -4.688  -7.623  -5.613  1.00 24.69 ? 40  GLY A CA  1 
ATOM   306  C  C   . GLY A 1 40 ? -3.925  -8.044  -4.374  1.00 23.17 ? 40  GLY A C   1 
ATOM   307  O  O   . GLY A 1 40 ? -3.486  -7.202  -3.590  1.00 23.69 ? 40  GLY A O   1 
ATOM   308  N  N   . ARG A 1 41 ? -3.769  -9.351  -4.195  1.00 22.12 ? 41  ARG A N   1 
ATOM   309  C  CA  . ARG A 1 41 ? -3.072  -9.880  -3.032  1.00 22.59 ? 41  ARG A CA  1 
ATOM   310  C  C   . ARG A 1 41 ? -1.582  -9.537  -3.068  1.00 21.76 ? 41  ARG A C   1 
ATOM   311  O  O   . ARG A 1 41 ? -0.919  -9.519  -2.036  1.00 20.57 ? 41  ARG A O   1 
ATOM   312  C  CB  . ARG A 1 41 ? -3.261  -11.404 -2.938  1.00 25.93 ? 41  ARG A CB  1 
ATOM   313  C  CG  . ARG A 1 41 ? -2.738  -12.195 -4.131  1.00 32.32 ? 41  ARG A CG  1 
ATOM   314  C  CD  . ARG A 1 41 ? -3.038  -13.688 -3.980  1.00 36.49 ? 41  ARG A CD  1 
ATOM   315  N  NE  . ARG A 1 41 ? -4.478  -13.946 -3.925  1.00 40.14 ? 41  ARG A NE  1 
ATOM   316  C  CZ  . ARG A 1 41 ? -5.244  -14.192 -4.985  1.00 41.81 ? 41  ARG A CZ  1 
ATOM   317  N  NH1 . ARG A 1 41 ? -4.715  -14.226 -6.201  1.00 42.25 ? 41  ARG A NH1 1 
ATOM   318  N  NH2 . ARG A 1 41 ? -6.548  -14.389 -4.828  1.00 42.24 ? 41  ARG A NH2 1 
ATOM   319  N  N   . GLU A 1 42 ? -1.068  -9.251  -4.259  1.00 21.49 ? 42  GLU A N   1 
ATOM   320  C  CA  . GLU A 1 42 ? 0.340   -8.909  -4.407  1.00 21.90 ? 42  GLU A CA  1 
ATOM   321  C  C   . GLU A 1 42 ? 0.668   -7.497  -3.937  1.00 21.27 ? 42  GLU A C   1 
ATOM   322  O  O   . GLU A 1 42 ? 1.830   -7.076  -3.985  1.00 22.13 ? 42  GLU A O   1 
ATOM   323  C  CB  . GLU A 1 42 ? 0.782   -9.094  -5.861  1.00 21.88 ? 42  GLU A CB  1 
ATOM   324  C  CG  . GLU A 1 42 ? 1.119   -10.529 -6.224  1.00 24.45 ? 42  GLU A CG  1 
ATOM   325  C  CD  . GLU A 1 42 ? -0.062  -11.473 -6.064  1.00 27.31 ? 42  GLU A CD  1 
ATOM   326  O  OE1 . GLU A 1 42 ? -1.111  -11.214 -6.684  1.00 26.26 ? 42  GLU A OE1 1 
ATOM   327  O  OE2 . GLU A 1 42 ? 0.064   -12.473 -5.322  1.00 27.01 ? 42  GLU A OE2 1 
ATOM   328  N  N   . ILE A 1 43 ? -0.348  -6.755  -3.499  1.00 19.94 ? 43  ILE A N   1 
ATOM   329  C  CA  . ILE A 1 43 ? -0.122  -5.406  -2.991  1.00 20.33 ? 43  ILE A CA  1 
ATOM   330  C  C   . ILE A 1 43 ? 0.744   -5.535  -1.736  1.00 20.44 ? 43  ILE A C   1 
ATOM   331  O  O   . ILE A 1 43 ? 1.683   -4.760  -1.527  1.00 19.29 ? 43  ILE A O   1 
ATOM   332  C  CB  . ILE A 1 43 ? -1.450  -4.703  -2.625  1.00 20.18 ? 43  ILE A CB  1 
ATOM   333  C  CG1 . ILE A 1 43 ? -2.148  -4.220  -3.897  1.00 22.36 ? 43  ILE A CG1 1 
ATOM   334  C  CG2 . ILE A 1 43 ? -1.189  -3.542  -1.671  1.00 22.88 ? 43  ILE A CG2 1 
ATOM   335  C  CD1 . ILE A 1 43 ? -3.511  -3.591  -3.650  1.00 25.43 ? 43  ILE A CD1 1 
ATOM   336  N  N   . SER A 1 44 ? 0.422   -6.527  -0.911  1.00 17.87 ? 44  SER A N   1 
ATOM   337  C  CA  . SER A 1 44 ? 1.164   -6.790  0.319   1.00 18.81 ? 44  SER A CA  1 
ATOM   338  C  C   . SER A 1 44 ? 2.610   -7.118  -0.042  1.00 18.93 ? 44  SER A C   1 
ATOM   339  O  O   . SER A 1 44 ? 3.558   -6.623  0.573   1.00 17.14 ? 44  SER A O   1 
ATOM   340  C  CB  . SER A 1 44 ? 0.541   -7.982  1.061   1.00 18.92 ? 44  SER A CB  1 
ATOM   341  O  OG  . SER A 1 44 ? -0.824  -7.719  1.366   1.00 24.54 ? 44  SER A OG  1 
ATOM   342  N  N   . LYS A 1 45 ? 2.772   -7.942  -1.072  1.00 16.45 ? 45  LYS A N   1 
ATOM   343  C  CA  . LYS A 1 45 ? 4.097   -8.338  -1.492  1.00 16.63 ? 45  LYS A CA  1 
ATOM   344  C  C   . LYS A 1 45 ? 4.923   -7.125  -1.938  1.00 16.58 ? 45  LYS A C   1 
ATOM   345  O  O   . LYS A 1 45 ? 6.104   -7.024  -1.598  1.00 17.32 ? 45  LYS A O   1 
ATOM   346  C  CB  . LYS A 1 45 ? 3.995   -9.362  -2.620  1.00 16.31 ? 45  LYS A CB  1 
ATOM   347  C  CG  . LYS A 1 45 ? 5.283   -10.115 -2.884  1.00 16.61 ? 45  LYS A CG  1 
ATOM   348  C  CD  . LYS A 1 45 ? 5.013   -11.330 -3.759  1.00 15.12 ? 45  LYS A CD  1 
ATOM   349  C  CE  . LYS A 1 45 ? 6.232   -12.212 -3.857  1.00 15.03 ? 45  LYS A CE  1 
ATOM   350  N  NZ  . LYS A 1 45 ? 5.954   -13.419 -4.673  1.00 18.30 ? 45  LYS A NZ  1 
ATOM   351  N  N   . ALA A 1 46 ? 4.308   -6.206  -2.683  1.00 16.01 ? 46  ALA A N   1 
ATOM   352  C  CA  . ALA A 1 46 ? 5.023   -5.015  -3.150  1.00 16.63 ? 46  ALA A CA  1 
ATOM   353  C  C   . ALA A 1 46 ? 5.591   -4.231  -1.969  1.00 17.92 ? 46  ALA A C   1 
ATOM   354  O  O   . ALA A 1 46 ? 6.724   -3.731  -2.024  1.00 17.90 ? 46  ALA A O   1 
ATOM   355  C  CB  . ALA A 1 46 ? 4.094   -4.117  -3.986  1.00 19.11 ? 46  ALA A CB  1 
ATOM   356  N  N   . VAL A 1 47 ? 4.809   -4.101  -0.905  1.00 17.46 ? 47  VAL A N   1 
ATOM   357  C  CA  . VAL A 1 47 ? 5.298   -3.390  0.273   1.00 18.67 ? 47  VAL A CA  1 
ATOM   358  C  C   . VAL A 1 47 ? 6.452   -4.194  0.873   1.00 16.27 ? 47  VAL A C   1 
ATOM   359  O  O   . VAL A 1 47 ? 7.455   -3.622  1.315   1.00 14.44 ? 47  VAL A O   1 
ATOM   360  C  CB  . VAL A 1 47 ? 4.181   -3.195  1.322   1.00 15.92 ? 47  VAL A CB  1 
ATOM   361  C  CG1 . VAL A 1 47 ? 4.770   -2.692  2.628   1.00 18.99 ? 47  VAL A CG1 1 
ATOM   362  C  CG2 . VAL A 1 47 ? 3.148   -2.192  0.797   1.00 19.71 ? 47  VAL A CG2 1 
ATOM   363  N  N   . ASP A 1 48 ? 6.317   -5.518  0.892   1.00 14.70 ? 48  ASP A N   1 
ATOM   364  C  CA  . ASP A 1 48 ? 7.385   -6.364  1.419   1.00 13.35 ? 48  ASP A CA  1 
ATOM   365  C  C   . ASP A 1 48 ? 8.677   -6.128  0.640   1.00 14.01 ? 48  ASP A C   1 
ATOM   366  O  O   . ASP A 1 48 ? 9.758   -6.060  1.220   1.00 12.43 ? 48  ASP A O   1 
ATOM   367  C  CB  . ASP A 1 48 ? 7.012   -7.843  1.329   1.00 17.62 ? 48  ASP A CB  1 
ATOM   368  C  CG  . ASP A 1 48 ? 6.045   -8.276  2.419   1.00 18.23 ? 48  ASP A CG  1 
ATOM   369  O  OD1 . ASP A 1 48 ? 5.929   -7.568  3.440   1.00 18.25 ? 48  ASP A OD1 1 
ATOM   370  O  OD2 . ASP A 1 48 ? 5.420   -9.343  2.258   1.00 19.36 ? 48  ASP A OD2 1 
ATOM   371  N  N   . VAL A 1 49 ? 8.569   -6.003  -0.679  1.00 11.91 ? 49  VAL A N   1 
ATOM   372  C  CA  . VAL A 1 49 ? 9.764   -5.769  -1.478  1.00 12.66 ? 49  VAL A CA  1 
ATOM   373  C  C   . VAL A 1 49 ? 10.395  -4.438  -1.088  1.00 11.15 ? 49  VAL A C   1 
ATOM   374  O  O   . VAL A 1 49 ? 11.607  -4.355  -0.900  1.00 11.97 ? 49  VAL A O   1 
ATOM   375  C  CB  . VAL A 1 49 ? 9.440   -5.762  -2.984  1.00 11.62 ? 49  VAL A CB  1 
ATOM   376  C  CG1 . VAL A 1 49 ? 10.702  -5.408  -3.787  1.00 11.87 ? 49  VAL A CG1 1 
ATOM   377  C  CG2 . VAL A 1 49 ? 8.909   -7.122  -3.393  1.00 9.96  ? 49  VAL A CG2 1 
ATOM   378  N  N   . TYR A 1 50 ? 9.580   -3.396  -0.971  1.00 11.71 ? 50  TYR A N   1 
ATOM   379  C  CA  . TYR A 1 50 ? 10.110  -2.099  -0.589  1.00 14.38 ? 50  TYR A CA  1 
ATOM   380  C  C   . TYR A 1 50 ? 10.808  -2.169  0.760   1.00 16.70 ? 50  TYR A C   1 
ATOM   381  O  O   . TYR A 1 50 ? 11.933  -1.673  0.913   1.00 14.16 ? 50  TYR A O   1 
ATOM   382  C  CB  . TYR A 1 50 ? 9.006   -1.036  -0.535  1.00 15.46 ? 50  TYR A CB  1 
ATOM   383  C  CG  . TYR A 1 50 ? 9.403   0.163   0.294   1.00 16.56 ? 50  TYR A CG  1 
ATOM   384  C  CD1 . TYR A 1 50 ? 10.339  1.084   -0.185  1.00 18.08 ? 50  TYR A CD1 1 
ATOM   385  C  CD2 . TYR A 1 50 ? 8.908   0.339   1.586   1.00 17.14 ? 50  TYR A CD2 1 
ATOM   386  C  CE1 . TYR A 1 50 ? 10.775  2.143   0.602   1.00 18.48 ? 50  TYR A CE1 1 
ATOM   387  C  CE2 . TYR A 1 50 ? 9.337   1.403   2.383   1.00 20.13 ? 50  TYR A CE2 1 
ATOM   388  C  CZ  . TYR A 1 50 ? 10.275  2.299   1.883   1.00 19.69 ? 50  TYR A CZ  1 
ATOM   389  O  OH  . TYR A 1 50 ? 10.722  3.342   2.671   1.00 22.09 ? 50  TYR A OH  1 
ATOM   390  N  N   . ASN A 1 51 ? 10.163  -2.787  1.747   1.00 12.72 ? 51  ASN A N   1 
ATOM   391  C  CA  . ASN A 1 51 ? 10.792  -2.864  3.056   1.00 15.59 ? 51  ASN A CA  1 
ATOM   392  C  C   . ASN A 1 51 ? 12.153  -3.553  3.043   1.00 13.56 ? 51  ASN A C   1 
ATOM   393  O  O   . ASN A 1 51 ? 13.081  -3.094  3.716   1.00 13.06 ? 51  ASN A O   1 
ATOM   394  C  CB  . ASN A 1 51 ? 9.851   -3.517  4.073   1.00 16.83 ? 51  ASN A CB  1 
ATOM   395  C  CG  . ASN A 1 51 ? 8.794   -2.542  4.577   1.00 19.33 ? 51  ASN A CG  1 
ATOM   396  O  OD1 . ASN A 1 51 ? 9.096   -1.375  4.843   1.00 18.42 ? 51  ASN A OD1 1 
ATOM   397  N  ND2 . ASN A 1 51 ? 7.550   -3.012  4.711   1.00 18.55 ? 51  ASN A ND2 1 
ATOM   398  N  N   . SER A 1 52 ? 12.270  -4.636  2.278   1.00 12.93 ? 52  SER A N   1 
ATOM   399  C  CA  . SER A 1 52 ? 13.524  -5.385  2.158   1.00 14.63 ? 52  SER A CA  1 
ATOM   400  C  C   . SER A 1 52 ? 14.577  -4.514  1.463   1.00 15.00 ? 52  SER A C   1 
ATOM   401  O  O   . SER A 1 52 ? 15.762  -4.538  1.807   1.00 12.71 ? 52  SER A O   1 
ATOM   402  C  CB  . SER A 1 52 ? 13.276  -6.666  1.362   1.00 17.67 ? 52  SER A CB  1 
ATOM   403  O  OG  . SER A 1 52 ? 14.405  -7.514  1.357   1.00 25.50 ? 52  SER A OG  1 
ATOM   404  N  N   . LEU A 1 53 ? 14.132  -3.743  0.477   1.00 15.05 ? 53  LEU A N   1 
ATOM   405  C  CA  . LEU A 1 53 ? 15.019  -2.849  -0.241  1.00 14.80 ? 53  LEU A CA  1 
ATOM   406  C  C   . LEU A 1 53 ? 15.503  -1.772  0.723   1.00 15.79 ? 53  LEU A C   1 
ATOM   407  O  O   . LEU A 1 53 ? 16.687  -1.451  0.761   1.00 15.63 ? 53  LEU A O   1 
ATOM   408  C  CB  . LEU A 1 53 ? 14.282  -2.194  -1.400  1.00 16.85 ? 53  LEU A CB  1 
ATOM   409  C  CG  . LEU A 1 53 ? 15.187  -1.501  -2.416  1.00 20.23 ? 53  LEU A CG  1 
ATOM   410  C  CD1 . LEU A 1 53 ? 16.114  -2.519  -3.057  1.00 17.90 ? 53  LEU A CD1 1 
ATOM   411  C  CD2 . LEU A 1 53 ? 14.322  -0.833  -3.479  1.00 22.88 ? 53  LEU A CD2 1 
ATOM   412  N  N   . LYS A 1 54 ? 14.584  -1.219  1.505   1.00 14.39 ? 54  LYS A N   1 
ATOM   413  C  CA  . LYS A 1 54 ? 14.930  -0.193  2.472   1.00 16.72 ? 54  LYS A CA  1 
ATOM   414  C  C   . LYS A 1 54 ? 15.892  -0.714  3.532   1.00 16.69 ? 54  LYS A C   1 
ATOM   415  O  O   . LYS A 1 54 ? 16.792  0.011   3.959   1.00 14.31 ? 54  LYS A O   1 
ATOM   416  C  CB  . LYS A 1 54 ? 13.678  0.348   3.162   1.00 17.30 ? 54  LYS A CB  1 
ATOM   417  C  CG  . LYS A 1 54 ? 13.938  1.578   4.022   1.00 18.76 ? 54  LYS A CG  1 
ATOM   418  C  CD  . LYS A 1 54 ? 14.421  2.773   3.173   1.00 18.35 ? 54  LYS A CD  1 
ATOM   419  C  CE  . LYS A 1 54 ? 14.746  3.979   4.058   1.00 22.51 ? 54  LYS A CE  1 
ATOM   420  N  NZ  . LYS A 1 54 ? 15.042  5.231   3.294   1.00 17.19 ? 54  LYS A NZ  1 
ATOM   421  N  N   . ASP A 1 55 ? 15.718  -1.965  3.961   1.00 13.63 ? 55  ASP A N   1 
ATOM   422  C  CA  . ASP A 1 55 ? 16.608  -2.505  4.982   1.00 14.79 ? 55  ASP A CA  1 
ATOM   423  C  C   . ASP A 1 55 ? 18.043  -2.594  4.487   1.00 17.03 ? 55  ASP A C   1 
ATOM   424  O  O   . ASP A 1 55 ? 18.967  -2.358  5.251   1.00 17.48 ? 55  ASP A O   1 
ATOM   425  C  CB  . ASP A 1 55 ? 16.182  -3.902  5.449   1.00 14.22 ? 55  ASP A CB  1 
ATOM   426  C  CG  . ASP A 1 55 ? 17.252  -4.575  6.321   1.00 10.96 ? 55  ASP A CG  1 
ATOM   427  O  OD1 . ASP A 1 55 ? 17.390  -4.231  7.517   1.00 16.01 ? 55  ASP A OD1 1 
ATOM   428  O  OD2 . ASP A 1 55 ? 17.972  -5.448  5.809   1.00 12.46 ? 55  ASP A OD2 1 
ATOM   429  N  N   . ARG A 1 56 ? 18.251  -2.923  3.219   1.00 17.58 ? 56  ARG A N   1 
ATOM   430  C  CA  . ARG A 1 56 ? 19.632  -3.036  2.782   1.00 20.32 ? 56  ARG A CA  1 
ATOM   431  C  C   . ARG A 1 56 ? 20.240  -1.789  2.156   1.00 17.75 ? 56  ARG A C   1 
ATOM   432  O  O   . ARG A 1 56 ? 21.462  -1.705  2.048   1.00 20.33 ? 56  ARG A O   1 
ATOM   433  C  CB  . ARG A 1 56 ? 19.799  -4.231  1.855   1.00 21.10 ? 56  ARG A CB  1 
ATOM   434  C  CG  . ARG A 1 56 ? 19.486  -3.989  0.403   1.00 21.51 ? 56  ARG A CG  1 
ATOM   435  C  CD  . ARG A 1 56 ? 19.443  -5.319  -0.275  1.00 23.59 ? 56  ARG A CD  1 
ATOM   436  N  NE  . ARG A 1 56 ? 18.410  -6.131  0.363   1.00 27.29 ? 56  ARG A NE  1 
ATOM   437  C  CZ  . ARG A 1 56 ? 18.280  -7.443  0.208   1.00 25.31 ? 56  ARG A CZ  1 
ATOM   438  N  NH1 . ARG A 1 56 ? 19.128  -8.117  -0.563  1.00 24.30 ? 56  ARG A NH1 1 
ATOM   439  N  NH2 . ARG A 1 56 ? 17.299  -8.078  0.833   1.00 26.52 ? 56  ARG A NH2 1 
ATOM   440  N  N   . LEU A 1 57 ? 19.413  -0.828  1.752   1.00 14.99 ? 57  LEU A N   1 
ATOM   441  C  CA  . LEU A 1 57 ? 19.934  0.411   1.160   1.00 16.70 ? 57  LEU A CA  1 
ATOM   442  C  C   . LEU A 1 57 ? 19.820  1.619   2.088   1.00 17.62 ? 57  LEU A C   1 
ATOM   443  O  O   . LEU A 1 57 ? 20.485  2.640   1.873   1.00 19.68 ? 57  LEU A O   1 
ATOM   444  C  CB  . LEU A 1 57 ? 19.231  0.718   -0.173  1.00 13.53 ? 57  LEU A CB  1 
ATOM   445  C  CG  . LEU A 1 57 ? 19.446  -0.298  -1.305  1.00 14.91 ? 57  LEU A CG  1 
ATOM   446  C  CD1 . LEU A 1 57 ? 18.668  0.151   -2.528  1.00 18.21 ? 57  LEU A CD1 1 
ATOM   447  C  CD2 . LEU A 1 57 ? 20.926  -0.428  -1.648  1.00 18.26 ? 57  LEU A CD2 1 
ATOM   448  N  N   . GLY A 1 58 ? 18.991  1.497   3.120   1.00 18.56 ? 58  GLY A N   1 
ATOM   449  C  CA  . GLY A 1 58 ? 18.801  2.577   4.076   1.00 21.37 ? 58  GLY A CA  1 
ATOM   450  C  C   . GLY A 1 58 ? 18.564  3.942   3.461   1.00 22.68 ? 58  GLY A C   1 
ATOM   451  O  O   . GLY A 1 58 ? 17.652  4.125   2.655   1.00 21.91 ? 58  GLY A O   1 
ATOM   452  N  N   . ASP A 1 59 ? 19.397  4.909   3.840   1.00 25.30 ? 59  ASP A N   1 
ATOM   453  C  CA  . ASP A 1 59 ? 19.293  6.270   3.321   1.00 27.02 ? 59  ASP A CA  1 
ATOM   454  C  C   . ASP A 1 59 ? 19.538  6.335   1.811   1.00 24.63 ? 59  ASP A C   1 
ATOM   455  O  O   . ASP A 1 59 ? 19.269  7.356   1.179   1.00 25.22 ? 59  ASP A O   1 
ATOM   456  C  CB  . ASP A 1 59 ? 20.302  7.184   4.030   1.00 30.45 ? 59  ASP A CB  1 
ATOM   457  C  CG  . ASP A 1 59 ? 19.974  7.403   5.496   1.00 34.38 ? 59  ASP A CG  1 
ATOM   458  O  OD1 . ASP A 1 59 ? 18.891  6.976   5.949   1.00 37.05 ? 59  ASP A OD1 1 
ATOM   459  O  OD2 . ASP A 1 59 ? 20.804  8.013   6.198   1.00 36.77 ? 59  ASP A OD2 1 
ATOM   460  N  N   . GLY A 1 60 ? 20.041  5.241   1.244   1.00 21.92 ? 60  GLY A N   1 
ATOM   461  C  CA  . GLY A 1 60 ? 20.328  5.193   -0.183  1.00 21.31 ? 60  GLY A CA  1 
ATOM   462  C  C   . GLY A 1 60 ? 19.127  5.080   -1.110  1.00 20.96 ? 60  GLY A C   1 
ATOM   463  O  O   . GLY A 1 60 ? 19.262  5.238   -2.327  1.00 20.74 ? 60  GLY A O   1 
ATOM   464  N  N   . VAL A 1 61 ? 17.956  4.781   -0.556  1.00 19.20 ? 61  VAL A N   1 
ATOM   465  C  CA  . VAL A 1 61 ? 16.752  4.681   -1.376  1.00 18.79 ? 61  VAL A CA  1 
ATOM   466  C  C   . VAL A 1 61 ? 15.652  5.472   -0.686  1.00 22.78 ? 61  VAL A C   1 
ATOM   467  O  O   . VAL A 1 61 ? 15.589  5.527   0.548   1.00 22.56 ? 61  VAL A O   1 
ATOM   468  C  CB  . VAL A 1 61 ? 16.298  3.197   -1.586  1.00 19.51 ? 61  VAL A CB  1 
ATOM   469  C  CG1 . VAL A 1 61 ? 15.819  2.590   -0.272  1.00 18.04 ? 61  VAL A CG1 1 
ATOM   470  C  CG2 . VAL A 1 61 ? 15.204  3.133   -2.637  1.00 19.11 ? 61  VAL A CG2 1 
ATOM   471  N  N   . GLN A 1 62 ? 14.812  6.111   -1.489  1.00 24.03 ? 62  GLN A N   1 
ATOM   472  C  CA  . GLN A 1 62 ? 13.710  6.907   -0.978  1.00 27.38 ? 62  GLN A CA  1 
ATOM   473  C  C   . GLN A 1 62 ? 12.408  6.518   -1.649  1.00 28.16 ? 62  GLN A C   1 
ATOM   474  O  O   . GLN A 1 62 ? 12.357  6.294   -2.861  1.00 27.65 ? 62  GLN A O   1 
ATOM   475  C  CB  . GLN A 1 62 ? 13.943  8.401   -1.237  1.00 30.18 ? 62  GLN A CB  1 
ATOM   476  C  CG  . GLN A 1 62 ? 15.092  9.038   -0.468  1.00 34.01 ? 62  GLN A CG  1 
ATOM   477  C  CD  . GLN A 1 62 ? 15.237  10.526  -0.775  1.00 35.18 ? 62  GLN A CD  1 
ATOM   478  O  OE1 . GLN A 1 62 ? 16.143  11.194  -0.272  1.00 38.86 ? 62  GLN A OE1 1 
ATOM   479  N  NE2 . GLN A 1 62 ? 14.342  11.050  -1.606  1.00 36.94 ? 62  GLN A NE2 1 
ATOM   480  N  N   . LEU A 1 63 ? 11.355  6.435   -0.849  1.00 30.25 ? 63  LEU A N   1 
ATOM   481  C  CA  . LEU A 1 63 ? 10.036  6.133   -1.373  1.00 31.21 ? 63  LEU A CA  1 
ATOM   482  C  C   . LEU A 1 63 ? 9.477   7.507   -1.740  1.00 32.96 ? 63  LEU A C   1 
ATOM   483  O  O   . LEU A 1 63 ? 9.019   8.259   -0.876  1.00 33.04 ? 63  LEU A O   1 
ATOM   484  C  CB  . LEU A 1 63 ? 9.168   5.466   -0.299  1.00 31.46 ? 63  LEU A CB  1 
ATOM   485  C  CG  . LEU A 1 63 ? 7.708   5.156   -0.654  1.00 31.35 ? 63  LEU A CG  1 
ATOM   486  C  CD1 . LEU A 1 63 ? 7.621   4.341   -1.933  1.00 29.16 ? 63  LEU A CD1 1 
ATOM   487  C  CD2 . LEU A 1 63 ? 7.073   4.410   0.503   1.00 32.34 ? 63  LEU A CD2 1 
ATOM   488  N  N   . VAL A 1 64 ? 9.548   7.837   -3.024  1.00 34.63 ? 64  VAL A N   1 
ATOM   489  C  CA  . VAL A 1 64 ? 9.070   9.119   -3.516  1.00 37.25 ? 64  VAL A CA  1 
ATOM   490  C  C   . VAL A 1 64 ? 7.599   9.308   -3.171  1.00 38.87 ? 64  VAL A C   1 
ATOM   491  O  O   . VAL A 1 64 ? 7.232   10.273  -2.503  1.00 40.32 ? 64  VAL A O   1 
ATOM   492  C  CB  . VAL A 1 64 ? 9.257   9.230   -5.045  1.00 36.48 ? 64  VAL A CB  1 
ATOM   493  C  CG1 . VAL A 1 64 ? 8.791   10.591  -5.527  1.00 38.72 ? 64  VAL A CG1 1 
ATOM   494  C  CG2 . VAL A 1 64 ? 10.713  9.009   -5.406  1.00 36.79 ? 64  VAL A CG2 1 
ATOM   495  N  N   . ASN A 1 65 ? 6.757   8.380   -3.619  1.00 40.22 ? 65  ASN A N   1 
ATOM   496  C  CA  . ASN A 1 65 ? 5.327   8.468   -3.336  1.00 42.37 ? 65  ASN A CA  1 
ATOM   497  C  C   . ASN A 1 65 ? 4.616   7.127   -3.481  1.00 42.11 ? 65  ASN A C   1 
ATOM   498  O  O   . ASN A 1 65 ? 5.154   6.174   -4.048  1.00 40.48 ? 65  ASN A O   1 
ATOM   499  C  CB  . ASN A 1 65 ? 4.665   9.487   -4.264  1.00 42.90 ? 65  ASN A CB  1 
ATOM   500  C  CG  . ASN A 1 65 ? 4.577   8.997   -5.691  1.00 43.60 ? 65  ASN A CG  1 
ATOM   501  O  OD1 . ASN A 1 65 ? 5.577   8.598   -6.284  1.00 45.17 ? 65  ASN A OD1 1 
ATOM   502  N  ND2 . ASN A 1 65 ? 3.376   9.029   -6.254  1.00 45.07 ? 65  ASN A ND2 1 
ATOM   503  N  N   . VAL A 1 66 ? 3.391   7.077   -2.969  1.00 42.94 ? 66  VAL A N   1 
ATOM   504  C  CA  . VAL A 1 66 ? 2.570   5.876   -3.025  1.00 43.73 ? 66  VAL A CA  1 
ATOM   505  C  C   . VAL A 1 66 ? 1.254   6.198   -3.717  1.00 43.98 ? 66  VAL A C   1 
ATOM   506  O  O   . VAL A 1 66 ? 0.559   7.141   -3.337  1.00 44.08 ? 66  VAL A O   1 
ATOM   507  C  CB  . VAL A 1 66 ? 2.267   5.345   -1.609  1.00 44.29 ? 66  VAL A CB  1 
ATOM   508  C  CG1 . VAL A 1 66 ? 1.538   4.010   -1.696  1.00 43.66 ? 66  VAL A CG1 1 
ATOM   509  C  CG2 . VAL A 1 66 ? 3.564   5.203   -0.824  1.00 44.19 ? 66  VAL A CG2 1 
ATOM   510  N  N   . GLN A 1 67 ? 0.922   5.419   -4.739  1.00 44.65 ? 67  GLN A N   1 
ATOM   511  C  CA  . GLN A 1 67 ? -0.313  5.621   -5.480  1.00 45.92 ? 67  GLN A CA  1 
ATOM   512  C  C   . GLN A 1 67 ? -1.166  4.363   -5.490  1.00 46.12 ? 67  GLN A C   1 
ATOM   513  O  O   . GLN A 1 67 ? -0.721  3.301   -5.924  1.00 44.43 ? 67  GLN A O   1 
ATOM   514  C  CB  . GLN A 1 67 ? -0.008  6.044   -6.918  1.00 47.20 ? 67  GLN A CB  1 
ATOM   515  C  CG  . GLN A 1 67 ? 0.686   7.390   -7.021  1.00 50.51 ? 67  GLN A CG  1 
ATOM   516  C  CD  . GLN A 1 67 ? 0.843   7.856   -8.454  1.00 51.86 ? 67  GLN A CD  1 
ATOM   517  O  OE1 . GLN A 1 67 ? 1.479   7.189   -9.271  1.00 52.78 ? 67  GLN A OE1 1 
ATOM   518  N  NE2 . GLN A 1 67 ? 0.260   9.008   -8.767  1.00 52.88 ? 67  GLN A NE2 1 
ATOM   519  N  N   . THR A 1 68 ? -2.395  4.492   -5.005  1.00 46.82 ? 68  THR A N   1 
ATOM   520  C  CA  . THR A 1 68 ? -3.326  3.372   -4.961  1.00 47.95 ? 68  THR A CA  1 
ATOM   521  C  C   . THR A 1 68 ? -4.494  3.659   -5.891  1.00 48.54 ? 68  THR A C   1 
ATOM   522  O  O   . THR A 1 68 ? -4.873  4.810   -6.088  1.00 48.50 ? 68  THR A O   1 
ATOM   523  C  CB  . THR A 1 68 ? -3.871  3.148   -3.536  1.00 48.04 ? 68  THR A CB  1 
ATOM   524  O  OG1 . THR A 1 68 ? -4.531  4.333   -3.079  1.00 49.06 ? 68  THR A OG1 1 
ATOM   525  C  CG2 . THR A 1 68 ? -2.743  2.810   -2.580  1.00 48.30 ? 68  THR A CG2 1 
ATOM   526  N  N   . GLY A 1 69 ? -5.055  2.608   -6.470  1.00 49.37 ? 69  GLY A N   1 
ATOM   527  C  CA  . GLY A 1 69 ? -6.178  2.787   -7.367  1.00 51.53 ? 69  GLY A CA  1 
ATOM   528  C  C   . GLY A 1 69 ? -6.913  1.486   -7.592  1.00 53.18 ? 69  GLY A C   1 
ATOM   529  O  O   . GLY A 1 69 ? -6.734  0.525   -6.844  1.00 52.54 ? 69  GLY A O   1 
ATOM   530  N  N   . SER A 1 70 ? -7.750  1.462   -8.624  1.00 55.75 ? 70  SER A N   1 
ATOM   531  C  CA  . SER A 1 70 ? -8.516  0.275   -8.970  1.00 58.88 ? 70  SER A CA  1 
ATOM   532  C  C   . SER A 1 70 ? -8.520  0.149   -10.487 1.00 61.16 ? 70  SER A C   1 
ATOM   533  O  O   . SER A 1 70 ? -8.765  1.126   -11.191 1.00 61.55 ? 70  SER A O   1 
ATOM   534  C  CB  . SER A 1 70 ? -9.949  0.400   -8.449  1.00 58.17 ? 70  SER A CB  1 
ATOM   535  O  OG  . SER A 1 70 ? -10.653 -0.811  -8.632  1.00 59.05 ? 70  SER A OG  1 
ATOM   536  N  N   . GLU A 1 71 ? -8.240  -1.049  -10.991 1.00 64.22 ? 71  GLU A N   1 
ATOM   537  C  CA  . GLU A 1 71 ? -8.204  -1.264  -12.433 1.00 67.85 ? 71  GLU A CA  1 
ATOM   538  C  C   . GLU A 1 71 ? -9.202  -2.311  -12.919 1.00 70.09 ? 71  GLU A C   1 
ATOM   539  O  O   . GLU A 1 71 ? -10.117 -2.697  -12.193 1.00 70.27 ? 71  GLU A O   1 
ATOM   540  C  CB  . GLU A 1 71 ? -6.787  -1.650  -12.869 1.00 68.37 ? 71  GLU A CB  1 
ATOM   541  C  CG  . GLU A 1 71 ? -6.228  -2.883  -12.180 1.00 70.12 ? 71  GLU A CG  1 
ATOM   542  C  CD  . GLU A 1 71 ? -4.805  -3.194  -12.611 1.00 71.25 ? 71  GLU A CD  1 
ATOM   543  O  OE1 . GLU A 1 71 ? -4.239  -2.418  -13.411 1.00 71.85 ? 71  GLU A OE1 1 
ATOM   544  O  OE2 . GLU A 1 71 ? -4.252  -4.214  -12.150 1.00 72.11 ? 71  GLU A OE2 1 
ATOM   545  N  N   . VAL A 1 72 ? -9.012  -2.763  -14.156 1.00 72.78 ? 72  VAL A N   1 
ATOM   546  C  CA  . VAL A 1 72 ? -9.891  -3.749  -14.775 1.00 75.80 ? 72  VAL A CA  1 
ATOM   547  C  C   . VAL A 1 72 ? -9.450  -5.201  -14.589 1.00 77.20 ? 72  VAL A C   1 
ATOM   548  O  O   . VAL A 1 72 ? -10.077 -5.955  -13.843 1.00 77.32 ? 72  VAL A O   1 
ATOM   549  C  CB  . VAL A 1 72 ? -10.043 -3.466  -16.294 1.00 76.56 ? 72  VAL A CB  1 
ATOM   550  C  CG1 . VAL A 1 72 ? -8.677  -3.218  -16.921 1.00 76.63 ? 72  VAL A CG1 1 
ATOM   551  C  CG2 . VAL A 1 72 ? -10.738 -4.638  -16.980 1.00 77.19 ? 72  VAL A CG2 1 
ATOM   552  N  N   . ARG A 1 73 ? -8.381  -5.589  -15.278 1.00 78.79 ? 73  ARG A N   1 
ATOM   553  C  CA  . ARG A 1 73 ? -7.866  -6.951  -15.197 1.00 80.32 ? 73  ARG A CA  1 
ATOM   554  C  C   . ARG A 1 73 ? -8.876  -7.969  -15.723 1.00 80.76 ? 73  ARG A C   1 
ATOM   555  O  O   . ARG A 1 73 ? -9.673  -7.662  -16.611 1.00 80.99 ? 73  ARG A O   1 
ATOM   556  C  CB  . ARG A 1 73 ? -7.482  -7.291  -13.753 1.00 81.08 ? 73  ARG A CB  1 
ATOM   557  C  CG  . ARG A 1 73 ? -6.147  -6.709  -13.310 1.00 82.52 ? 73  ARG A CG  1 
ATOM   558  C  CD  . ARG A 1 73 ? -4.979  -7.441  -13.960 1.00 83.71 ? 73  ARG A CD  1 
ATOM   559  N  NE  . ARG A 1 73 ? -4.971  -8.865  -13.626 1.00 84.83 ? 73  ARG A NE  1 
ATOM   560  C  CZ  . ARG A 1 73 ? -4.835  -9.347  -12.395 1.00 85.39 ? 73  ARG A CZ  1 
ATOM   561  N  NH1 . ARG A 1 73 ? -4.691  -8.522  -11.366 1.00 85.56 ? 73  ARG A NH1 1 
ATOM   562  N  NH2 . ARG A 1 73 ? -4.843  -10.658 -12.189 1.00 85.55 ? 73  ARG A NH2 1 
ATOM   563  N  N   . ASP A 1 74 ? -8.834  -9.178  -15.167 1.00 80.96 ? 74  ASP A N   1 
ATOM   564  C  CA  . ASP A 1 74 ? -9.724  -10.264 -15.571 1.00 80.98 ? 74  ASP A CA  1 
ATOM   565  C  C   . ASP A 1 74 ? -11.137 -9.835  -15.957 1.00 80.66 ? 74  ASP A C   1 
ATOM   566  O  O   . ASP A 1 74 ? -11.415 -9.584  -17.132 1.00 80.76 ? 74  ASP A O   1 
ATOM   567  C  CB  . ASP A 1 74 ? -9.795  -11.328 -14.468 1.00 81.40 ? 74  ASP A CB  1 
ATOM   568  C  CG  . ASP A 1 74 ? -8.574  -12.231 -14.445 1.00 81.54 ? 74  ASP A CG  1 
ATOM   569  O  OD1 . ASP A 1 74 ? -8.357  -12.963 -15.435 1.00 81.60 ? 74  ASP A OD1 1 
ATOM   570  O  OD2 . ASP A 1 74 ? -7.830  -12.213 -13.441 1.00 81.41 ? 74  ASP A OD2 1 
ATOM   571  N  N   . ARG A 1 75 ? -12.029 -9.755  -14.972 1.00 80.07 ? 75  ARG A N   1 
ATOM   572  C  CA  . ARG A 1 75 ? -13.415 -9.380  -15.234 1.00 79.19 ? 75  ARG A CA  1 
ATOM   573  C  C   . ARG A 1 75 ? -13.969 -8.391  -14.216 1.00 77.87 ? 75  ARG A C   1 
ATOM   574  O  O   . ARG A 1 75 ? -14.966 -7.716  -14.477 1.00 77.73 ? 75  ARG A O   1 
ATOM   575  C  CB  . ARG A 1 75 ? -14.297 -10.629 -15.234 1.00 80.29 ? 75  ARG A CB  1 
ATOM   576  C  CG  . ARG A 1 75 ? -13.782 -11.754 -16.109 1.00 81.40 ? 75  ARG A CG  1 
ATOM   577  C  CD  . ARG A 1 75 ? -14.599 -13.012 -15.893 1.00 82.71 ? 75  ARG A CD  1 
ATOM   578  N  NE  . ARG A 1 75 ? -14.660 -13.378 -14.480 1.00 83.67 ? 75  ARG A NE  1 
ATOM   579  C  CZ  . ARG A 1 75 ? -15.266 -14.467 -14.016 1.00 84.23 ? 75  ARG A CZ  1 
ATOM   580  N  NH1 . ARG A 1 75 ? -15.865 -15.302 -14.853 1.00 84.06 ? 75  ARG A NH1 1 
ATOM   581  N  NH2 . ARG A 1 75 ? -15.274 -14.721 -12.713 1.00 84.33 ? 75  ARG A NH2 1 
ATOM   582  N  N   . ARG A 1 76 ? -13.329 -8.312  -13.055 1.00 76.10 ? 76  ARG A N   1 
ATOM   583  C  CA  . ARG A 1 76 ? -13.784 -7.411  -12.005 1.00 74.04 ? 76  ARG A CA  1 
ATOM   584  C  C   . ARG A 1 76 ? -12.696 -6.447  -11.559 1.00 71.65 ? 76  ARG A C   1 
ATOM   585  O  O   . ARG A 1 76 ? -11.506 -6.726  -11.707 1.00 71.74 ? 76  ARG A O   1 
ATOM   586  C  CB  . ARG A 1 76 ? -14.292 -8.228  -10.812 1.00 75.43 ? 76  ARG A CB  1 
ATOM   587  C  CG  . ARG A 1 76 ? -13.281 -9.221  -10.260 1.00 76.93 ? 76  ARG A CG  1 
ATOM   588  C  CD  . ARG A 1 76 ? -13.981 -10.369 -9.550  1.00 77.40 ? 76  ARG A CD  1 
ATOM   589  N  NE  . ARG A 1 76 ? -14.866 -11.085 -10.465 1.00 78.49 ? 76  ARG A NE  1 
ATOM   590  C  CZ  . ARG A 1 76 ? -15.558 -12.174 -10.147 1.00 79.14 ? 76  ARG A CZ  1 
ATOM   591  N  NH1 . ARG A 1 76 ? -15.469 -12.691 -8.928  1.00 78.95 ? 76  ARG A NH1 1 
ATOM   592  N  NH2 . ARG A 1 76 ? -16.337 -12.751 -11.054 1.00 79.70 ? 76  ARG A NH2 1 
ATOM   593  N  N   . ARG A 1 77 ? -13.117 -5.308  -11.015 1.00 68.53 ? 77  ARG A N   1 
ATOM   594  C  CA  . ARG A 1 77 ? -12.192 -4.284  -10.548 1.00 64.96 ? 77  ARG A CA  1 
ATOM   595  C  C   . ARG A 1 77 ? -11.288 -4.776  -9.423  1.00 61.47 ? 77  ARG A C   1 
ATOM   596  O  O   . ARG A 1 77 ? -11.750 -5.112  -8.333  1.00 60.84 ? 77  ARG A O   1 
ATOM   597  C  CB  . ARG A 1 77 ? -12.969 -3.045  -10.091 1.00 66.69 ? 77  ARG A CB  1 
ATOM   598  C  CG  . ARG A 1 77 ? -14.082 -3.333  -9.100  1.00 68.76 ? 77  ARG A CG  1 
ATOM   599  C  CD  . ARG A 1 77 ? -14.873 -2.072  -8.779  1.00 70.24 ? 77  ARG A CD  1 
ATOM   600  N  NE  . ARG A 1 77 ? -14.075 -1.088  -8.052  1.00 71.52 ? 77  ARG A NE  1 
ATOM   601  C  CZ  . ARG A 1 77 ? -13.592 -1.277  -6.827  1.00 72.52 ? 77  ARG A CZ  1 
ATOM   602  N  NH1 . ARG A 1 77 ? -13.826 -2.414  -6.187  1.00 72.75 ? 77  ARG A NH1 1 
ATOM   603  N  NH2 . ARG A 1 77 ? -12.876 -0.327  -6.241  1.00 73.32 ? 77  ARG A NH2 1 
ATOM   604  N  N   . ILE A 1 78 ? -9.990  -4.816  -9.704  1.00 57.53 ? 78  ILE A N   1 
ATOM   605  C  CA  . ILE A 1 78 ? -9.001  -5.253  -8.729  1.00 52.82 ? 78  ILE A CA  1 
ATOM   606  C  C   . ILE A 1 78 ? -8.179  -4.048  -8.282  1.00 49.68 ? 78  ILE A C   1 
ATOM   607  O  O   . ILE A 1 78 ? -7.908  -3.141  -9.070  1.00 49.43 ? 78  ILE A O   1 
ATOM   608  C  CB  . ILE A 1 78 ? -8.063  -6.318  -9.330  1.00 52.78 ? 78  ILE A CB  1 
ATOM   609  C  CG1 . ILE A 1 78 ? -7.121  -6.856  -8.253  1.00 52.67 ? 78  ILE A CG1 1 
ATOM   610  C  CG2 . ILE A 1 78 ? -7.273  -5.720  -10.477 1.00 52.21 ? 78  ILE A CG2 1 
ATOM   611  C  CD1 . ILE A 1 78 ? -6.277  -8.023  -8.715  1.00 54.07 ? 78  ILE A CD1 1 
ATOM   612  N  N   . SER A 1 79 ? -7.789  -4.044  -7.013  1.00 45.78 ? 79  SER A N   1 
ATOM   613  C  CA  . SER A 1 79 ? -7.017  -2.947  -6.452  1.00 41.96 ? 79  SER A CA  1 
ATOM   614  C  C   . SER A 1 79 ? -5.530  -3.043  -6.819  1.00 38.59 ? 79  SER A C   1 
ATOM   615  O  O   . SER A 1 79 ? -5.023  -4.127  -7.116  1.00 35.33 ? 79  SER A O   1 
ATOM   616  C  CB  . SER A 1 79 ? -7.202  -2.939  -4.934  1.00 43.26 ? 79  SER A CB  1 
ATOM   617  O  OG  . SER A 1 79 ? -6.468  -1.888  -4.341  1.00 49.06 ? 79  SER A OG  1 
ATOM   618  N  N   . TYR A 1 80 ? -4.838  -1.904  -6.823  1.00 36.44 ? 80  TYR A N   1 
ATOM   619  C  CA  . TYR A 1 80 ? -3.409  -1.884  -7.144  1.00 33.31 ? 80  TYR A CA  1 
ATOM   620  C  C   . TYR A 1 80 ? -2.681  -0.802  -6.353  1.00 30.79 ? 80  TYR A C   1 
ATOM   621  O  O   . TYR A 1 80 ? -3.298  0.133   -5.843  1.00 30.28 ? 80  TYR A O   1 
ATOM   622  C  CB  . TYR A 1 80 ? -3.191  -1.671  -8.650  1.00 34.58 ? 80  TYR A CB  1 
ATOM   623  C  CG  . TYR A 1 80 ? -3.408  -0.249  -9.138  1.00 37.44 ? 80  TYR A CG  1 
ATOM   624  C  CD1 . TYR A 1 80 ? -2.505  0.765   -8.819  1.00 37.07 ? 80  TYR A CD1 1 
ATOM   625  C  CD2 . TYR A 1 80 ? -4.529  0.086   -9.899  1.00 37.78 ? 80  TYR A CD2 1 
ATOM   626  C  CE1 . TYR A 1 80 ? -2.711  2.076   -9.238  1.00 39.29 ? 80  TYR A CE1 1 
ATOM   627  C  CE2 . TYR A 1 80 ? -4.743  1.396   -10.326 1.00 39.59 ? 80  TYR A CE2 1 
ATOM   628  C  CZ  . TYR A 1 80 ? -3.831  2.387   -9.988  1.00 39.56 ? 80  TYR A CZ  1 
ATOM   629  O  OH  . TYR A 1 80 ? -4.042  3.688   -10.383 1.00 41.03 ? 80  TYR A OH  1 
ATOM   630  N  N   . ILE A 1 81 ? -1.361  -0.941  -6.257  1.00 28.86 ? 81  ILE A N   1 
ATOM   631  C  CA  . ILE A 1 81 ? -0.529  0.016   -5.537  1.00 27.40 ? 81  ILE A CA  1 
ATOM   632  C  C   . ILE A 1 81 ? 0.725   0.287   -6.365  1.00 25.76 ? 81  ILE A C   1 
ATOM   633  O  O   . ILE A 1 81 ? 1.210   -0.590  -7.073  1.00 25.39 ? 81  ILE A O   1 
ATOM   634  C  CB  . ILE A 1 81 ? -0.120  -0.530  -4.136  1.00 27.77 ? 81  ILE A CB  1 
ATOM   635  C  CG1 . ILE A 1 81 ? 0.428   0.605   -3.275  1.00 23.77 ? 81  ILE A CG1 1 
ATOM   636  C  CG2 . ILE A 1 81 ? 0.915   -1.654  -4.281  1.00 24.66 ? 81  ILE A CG2 1 
ATOM   637  C  CD1 . ILE A 1 81 ? 0.623   0.235   -1.824  1.00 25.20 ? 81  ILE A CD1 1 
ATOM   638  N  N   . LEU A 1 82 ? 1.229   1.513   -6.299  1.00 27.08 ? 82  LEU A N   1 
ATOM   639  C  CA  . LEU A 1 82 ? 2.431   1.876   -7.040  1.00 27.77 ? 82  LEU A CA  1 
ATOM   640  C  C   . LEU A 1 82 ? 3.384   2.555   -6.073  1.00 27.00 ? 82  LEU A C   1 
ATOM   641  O  O   . LEU A 1 82 ? 3.057   3.586   -5.483  1.00 27.92 ? 82  LEU A O   1 
ATOM   642  C  CB  . LEU A 1 82 ? 2.101   2.834   -8.196  1.00 28.70 ? 82  LEU A CB  1 
ATOM   643  C  CG  . LEU A 1 82 ? 1.126   2.361   -9.277  1.00 29.46 ? 82  LEU A CG  1 
ATOM   644  C  CD1 . LEU A 1 82 ? 0.859   3.503   -10.256 1.00 31.47 ? 82  LEU A CD1 1 
ATOM   645  C  CD2 . LEU A 1 82 ? 1.695   1.157   -10.009 1.00 29.97 ? 82  LEU A CD2 1 
ATOM   646  N  N   . LEU A 1 83 ? 4.556   1.954   -5.894  1.00 26.50 ? 83  LEU A N   1 
ATOM   647  C  CA  . LEU A 1 83 ? 5.566   2.501   -5.003  1.00 26.95 ? 83  LEU A CA  1 
ATOM   648  C  C   . LEU A 1 83 ? 6.687   3.027   -5.891  1.00 27.47 ? 83  LEU A C   1 
ATOM   649  O  O   . LEU A 1 83 ? 7.394   2.243   -6.525  1.00 27.47 ? 83  LEU A O   1 
ATOM   650  C  CB  . LEU A 1 83 ? 6.103   1.403   -4.080  1.00 27.40 ? 83  LEU A CB  1 
ATOM   651  C  CG  . LEU A 1 83 ? 5.039   0.551   -3.374  1.00 27.87 ? 83  LEU A CG  1 
ATOM   652  C  CD1 . LEU A 1 83 ? 5.702   -0.620  -2.665  1.00 28.61 ? 83  LEU A CD1 1 
ATOM   653  C  CD2 . LEU A 1 83 ? 4.270   1.403   -2.390  1.00 27.51 ? 83  LEU A CD2 1 
ATOM   654  N  N   . ARG A 1 84 ? 6.834   4.346   -5.959  1.00 27.48 ? 84  ARG A N   1 
ATOM   655  C  CA  . ARG A 1 84 ? 7.880   4.927   -6.792  1.00 28.03 ? 84  ARG A CA  1 
ATOM   656  C  C   . ARG A 1 84 ? 9.131   5.093   -5.951  1.00 26.48 ? 84  ARG A C   1 
ATOM   657  O  O   . ARG A 1 84 ? 9.126   5.766   -4.920  1.00 26.39 ? 84  ARG A O   1 
ATOM   658  C  CB  . ARG A 1 84 ? 7.444   6.267   -7.376  1.00 30.26 ? 84  ARG A CB  1 
ATOM   659  C  CG  . ARG A 1 84 ? 8.447   6.832   -8.362  1.00 32.42 ? 84  ARG A CG  1 
ATOM   660  C  CD  . ARG A 1 84 ? 7.748   7.658   -9.413  1.00 39.29 ? 84  ARG A CD  1 
ATOM   661  N  NE  . ARG A 1 84 ? 6.890   8.684   -8.830  1.00 43.34 ? 84  ARG A NE  1 
ATOM   662  C  CZ  . ARG A 1 84 ? 5.904   9.284   -9.489  1.00 46.40 ? 84  ARG A CZ  1 
ATOM   663  N  NH1 . ARG A 1 84 ? 5.659   8.953   -10.750 1.00 47.10 ? 84  ARG A NH1 1 
ATOM   664  N  NH2 . ARG A 1 84 ? 5.159   10.205  -8.891  1.00 46.34 ? 84  ARG A NH2 1 
ATOM   665  N  N   . LEU A 1 85 ? 10.202  4.461   -6.410  1.00 25.83 ? 85  LEU A N   1 
ATOM   666  C  CA  . LEU A 1 85 ? 11.460  4.470   -5.696  1.00 23.32 ? 85  LEU A CA  1 
ATOM   667  C  C   . LEU A 1 85 ? 12.537  5.250   -6.439  1.00 23.89 ? 85  LEU A C   1 
ATOM   668  O  O   . LEU A 1 85 ? 12.614  5.218   -7.670  1.00 25.11 ? 85  LEU A O   1 
ATOM   669  C  CB  . LEU A 1 85 ? 11.919  3.026   -5.495  1.00 21.01 ? 85  LEU A CB  1 
ATOM   670  C  CG  . LEU A 1 85 ? 10.813  2.073   -5.030  1.00 22.24 ? 85  LEU A CG  1 
ATOM   671  C  CD1 . LEU A 1 85 ? 11.294  0.627   -5.104  1.00 22.72 ? 85  LEU A CD1 1 
ATOM   672  C  CD2 . LEU A 1 85 ? 10.391  2.441   -3.615  1.00 22.70 ? 85  LEU A CD2 1 
ATOM   673  N  N   . LYS A 1 86 ? 13.363  5.951   -5.675  1.00 22.23 ? 86  LYS A N   1 
ATOM   674  C  CA  . LYS A 1 86 ? 14.469  6.710   -6.249  1.00 21.81 ? 86  LYS A CA  1 
ATOM   675  C  C   . LYS A 1 86 ? 15.744  6.328   -5.509  1.00 19.98 ? 86  LYS A C   1 
ATOM   676  O  O   . LYS A 1 86 ? 15.777  6.345   -4.276  1.00 21.39 ? 86  LYS A O   1 
ATOM   677  C  CB  . LYS A 1 86 ? 14.224  8.212   -6.093  1.00 24.19 ? 86  LYS A CB  1 
ATOM   678  C  CG  . LYS A 1 86 ? 15.193  9.068   -6.897  1.00 28.54 ? 86  LYS A CG  1 
ATOM   679  C  CD  . LYS A 1 86 ? 14.910  10.560  -6.758  1.00 33.13 ? 86  LYS A CD  1 
ATOM   680  C  CE  . LYS A 1 86 ? 15.431  11.136  -5.442  1.00 35.10 ? 86  LYS A CE  1 
ATOM   681  N  NZ  . LYS A 1 86 ? 14.769  10.574  -4.229  1.00 38.74 ? 86  LYS A NZ  1 
ATOM   682  N  N   . ARG A 1 87 ? 16.784  5.957   -6.253  1.00 18.47 ? 87  ARG A N   1 
ATOM   683  C  CA  . ARG A 1 87 ? 18.056  5.631   -5.635  1.00 19.74 ? 87  ARG A CA  1 
ATOM   684  C  C   . ARG A 1 87 ? 18.701  6.994   -5.401  1.00 20.86 ? 87  ARG A C   1 
ATOM   685  O  O   . ARG A 1 87 ? 18.773  7.810   -6.326  1.00 19.79 ? 87  ARG A O   1 
ATOM   686  C  CB  . ARG A 1 87 ? 18.933  4.814   -6.580  1.00 19.65 ? 87  ARG A CB  1 
ATOM   687  C  CG  . ARG A 1 87 ? 20.286  4.422   -5.995  1.00 24.14 ? 87  ARG A CG  1 
ATOM   688  C  CD  . ARG A 1 87 ? 20.128  3.417   -4.861  1.00 27.96 ? 87  ARG A CD  1 
ATOM   689  N  NE  . ARG A 1 87 ? 21.402  2.829   -4.454  1.00 30.34 ? 87  ARG A NE  1 
ATOM   690  C  CZ  . ARG A 1 87 ? 22.327  3.457   -3.737  1.00 32.91 ? 87  ARG A CZ  1 
ATOM   691  N  NH1 . ARG A 1 87 ? 22.137  4.709   -3.331  1.00 30.81 ? 87  ARG A NH1 1 
ATOM   692  N  NH2 . ARG A 1 87 ? 23.452  2.826   -3.423  1.00 36.46 ? 87  ARG A NH2 1 
ATOM   693  N  N   . VAL A 1 88 ? 19.149  7.246   -4.177  1.00 22.95 ? 88  VAL A N   1 
ATOM   694  C  CA  . VAL A 1 88 ? 19.771  8.530   -3.847  1.00 26.29 ? 88  VAL A CA  1 
ATOM   695  C  C   . VAL A 1 88 ? 21.208  8.388   -3.368  1.00 28.03 ? 88  VAL A C   1 
ATOM   696  O  O   . VAL A 1 88 ? 21.557  7.430   -2.681  1.00 28.77 ? 88  VAL A O   1 
ATOM   697  C  CB  . VAL A 1 88 ? 18.960  9.284   -2.762  1.00 26.17 ? 88  VAL A CB  1 
ATOM   698  C  CG1 . VAL A 1 88 ? 17.588  9.649   -3.302  1.00 27.23 ? 88  VAL A CG1 1 
ATOM   699  C  CG2 . VAL A 1 88 ? 18.820  8.431   -1.526  1.00 27.16 ? 88  VAL A CG2 1 
ATOM   700  N  N   . TYR A 1 89 ? 22.039  9.360   -3.733  1.00 33.14 ? 89  TYR A N   1 
ATOM   701  C  CA  . TYR A 1 89 ? 23.451  9.349   -3.358  1.00 36.56 ? 89  TYR A CA  1 
ATOM   702  C  C   . TYR A 1 89 ? 23.812  10.572  -2.523  1.00 38.50 ? 89  TYR A C   1 
ATOM   703  O  O   . TYR A 1 89 ? 22.896  11.370  -2.245  1.00 41.46 ? 89  TYR A O   1 
ATOM   704  C  CB  . TYR A 1 89 ? 24.312  9.311   -4.615  1.00 37.17 ? 89  TYR A CB  1 
ATOM   705  C  CG  . TYR A 1 89 ? 24.109  8.067   -5.446  1.00 38.43 ? 89  TYR A CG  1 
ATOM   706  C  CD1 . TYR A 1 89 ? 24.690  6.855   -5.075  1.00 37.47 ? 89  TYR A CD1 1 
ATOM   707  C  CD2 . TYR A 1 89 ? 23.333  8.100   -6.604  1.00 37.43 ? 89  TYR A CD2 1 
ATOM   708  C  CE1 . TYR A 1 89 ? 24.507  5.707   -5.839  1.00 38.24 ? 89  TYR A CE1 1 
ATOM   709  C  CE2 . TYR A 1 89 ? 23.143  6.961   -7.373  1.00 37.46 ? 89  TYR A CE2 1 
ATOM   710  C  CZ  . TYR A 1 89 ? 23.734  5.767   -6.984  1.00 37.37 ? 89  TYR A CZ  1 
ATOM   711  O  OH  . TYR A 1 89 ? 23.555  4.637   -7.746  1.00 40.27 ? 89  TYR A OH  1 
ATOM   712  O  OXT . TYR A 1 89 ? 24.997  10.717  -2.156  1.00 38.33 ? 89  TYR A OXT 1 
ATOM   713  N  N   . LYS B 1 4  ? -5.864  5.504   17.995  1.00 60.62 ? 4   LYS B N   1 
ATOM   714  C  CA  . LYS B 1 4  ? -6.244  4.746   19.220  1.00 60.64 ? 4   LYS B CA  1 
ATOM   715  C  C   . LYS B 1 4  ? -7.757  4.576   19.320  1.00 59.84 ? 4   LYS B C   1 
ATOM   716  O  O   . LYS B 1 4  ? -8.244  3.530   19.749  1.00 59.99 ? 4   LYS B O   1 
ATOM   717  C  CB  . LYS B 1 4  ? -5.730  5.469   20.466  1.00 61.29 ? 4   LYS B CB  1 
ATOM   718  C  CG  . LYS B 1 4  ? -6.145  4.817   21.779  1.00 63.09 ? 4   LYS B CG  1 
ATOM   719  C  CD  . LYS B 1 4  ? -5.674  5.634   22.970  1.00 64.08 ? 4   LYS B CD  1 
ATOM   720  C  CE  . LYS B 1 4  ? -6.252  7.039   22.934  1.00 64.26 ? 4   LYS B CE  1 
ATOM   721  N  NZ  . LYS B 1 4  ? -5.696  7.889   24.022  1.00 65.80 ? 4   LYS B NZ  1 
ATOM   722  N  N   . LEU B 1 5  ? -8.492  5.612   18.930  1.00 58.78 ? 5   LEU B N   1 
ATOM   723  C  CA  . LEU B 1 5  ? -9.950  5.581   18.973  1.00 56.65 ? 5   LEU B CA  1 
ATOM   724  C  C   . LEU B 1 5  ? -10.532 5.884   17.599  1.00 54.06 ? 5   LEU B C   1 
ATOM   725  O  O   . LEU B 1 5  ? -11.713 5.645   17.349  1.00 54.30 ? 5   LEU B O   1 
ATOM   726  C  CB  . LEU B 1 5  ? -10.476 6.594   19.994  1.00 57.18 ? 5   LEU B CB  1 
ATOM   727  C  CG  . LEU B 1 5  ? -10.072 6.351   21.451  1.00 57.80 ? 5   LEU B CG  1 
ATOM   728  C  CD1 . LEU B 1 5  ? -10.709 7.402   22.345  1.00 57.55 ? 5   LEU B CD1 1 
ATOM   729  C  CD2 . LEU B 1 5  ? -10.505 4.959   21.880  1.00 57.78 ? 5   LEU B CD2 1 
ATOM   730  N  N   . ASN B 1 6  ? -9.691  6.409   16.715  1.00 51.22 ? 6   ASN B N   1 
ATOM   731  C  CA  . ASN B 1 6  ? -10.104 6.742   15.357  1.00 48.26 ? 6   ASN B CA  1 
ATOM   732  C  C   . ASN B 1 6  ? -9.285  5.947   14.340  1.00 46.00 ? 6   ASN B C   1 
ATOM   733  O  O   . ASN B 1 6  ? -9.173  6.335   13.180  1.00 45.64 ? 6   ASN B O   1 
ATOM   734  C  CB  . ASN B 1 6  ? -9.937  8.243   15.100  1.00 47.86 ? 6   ASN B CB  1 
ATOM   735  C  CG  . ASN B 1 6  ? -8.485  8.684   15.135  1.00 48.12 ? 6   ASN B CG  1 
ATOM   736  O  OD1 . ASN B 1 6  ? -7.779  8.462   16.120  1.00 49.12 ? 6   ASN B OD1 1 
ATOM   737  N  ND2 . ASN B 1 6  ? -8.033  9.313   14.057  1.00 47.36 ? 6   ASN B ND2 1 
ATOM   738  N  N   . GLU B 1 7  ? -8.705  4.837   14.787  1.00 44.01 ? 7   GLU B N   1 
ATOM   739  C  CA  . GLU B 1 7  ? -7.912  3.987   13.906  1.00 42.97 ? 7   GLU B CA  1 
ATOM   740  C  C   . GLU B 1 7  ? -8.615  2.654   13.676  1.00 40.34 ? 7   GLU B C   1 
ATOM   741  O  O   . GLU B 1 7  ? -9.115  2.030   14.617  1.00 41.57 ? 7   GLU B O   1 
ATOM   742  C  CB  . GLU B 1 7  ? -6.525  3.732   14.499  1.00 44.90 ? 7   GLU B CB  1 
ATOM   743  C  CG  . GLU B 1 7  ? -6.539  3.022   15.841  1.00 49.92 ? 7   GLU B CG  1 
ATOM   744  C  CD  . GLU B 1 7  ? -5.164  2.538   16.254  1.00 52.14 ? 7   GLU B CD  1 
ATOM   745  O  OE1 . GLU B 1 7  ? -4.215  3.352   16.222  1.00 54.05 ? 7   GLU B OE1 1 
ATOM   746  O  OE2 . GLU B 1 7  ? -5.033  1.347   16.614  1.00 53.34 ? 7   GLU B OE2 1 
ATOM   747  N  N   . ILE B 1 8  ? -8.653  2.221   12.422  1.00 36.74 ? 8   ILE B N   1 
ATOM   748  C  CA  . ILE B 1 8  ? -9.299  0.963   12.070  1.00 33.24 ? 8   ILE B CA  1 
ATOM   749  C  C   . ILE B 1 8  ? -8.284  -0.088  11.641  1.00 30.09 ? 8   ILE B C   1 
ATOM   750  O  O   . ILE B 1 8  ? -7.704  0.013   10.562  1.00 29.81 ? 8   ILE B O   1 
ATOM   751  C  CB  . ILE B 1 8  ? -10.301 1.154   10.915  1.00 33.05 ? 8   ILE B CB  1 
ATOM   752  C  CG1 . ILE B 1 8  ? -11.374 2.169   11.316  1.00 33.22 ? 8   ILE B CG1 1 
ATOM   753  C  CG2 . ILE B 1 8  ? -10.938 -0.185  10.547  1.00 34.05 ? 8   ILE B CG2 1 
ATOM   754  C  CD1 . ILE B 1 8  ? -12.108 1.819   12.592  1.00 31.11 ? 8   ILE B CD1 1 
ATOM   755  N  N   . VAL B 1 9  ? -8.070  -1.089  12.490  1.00 28.91 ? 9   VAL B N   1 
ATOM   756  C  CA  . VAL B 1 9  ? -7.143  -2.174  12.177  1.00 27.81 ? 9   VAL B CA  1 
ATOM   757  C  C   . VAL B 1 9  ? -7.888  -3.190  11.317  1.00 28.43 ? 9   VAL B C   1 
ATOM   758  O  O   . VAL B 1 9  ? -8.856  -3.811  11.767  1.00 27.28 ? 9   VAL B O   1 
ATOM   759  C  CB  . VAL B 1 9  ? -6.633  -2.879  13.461  1.00 29.22 ? 9   VAL B CB  1 
ATOM   760  C  CG1 . VAL B 1 9  ? -5.653  -3.988  13.097  1.00 29.83 ? 9   VAL B CG1 1 
ATOM   761  C  CG2 . VAL B 1 9  ? -5.962  -1.869  14.384  1.00 29.25 ? 9   VAL B CG2 1 
ATOM   762  N  N   . VAL B 1 10 ? -7.450  -3.339  10.074  1.00 27.53 ? 10  VAL B N   1 
ATOM   763  C  CA  . VAL B 1 10 ? -8.075  -4.275  9.154   1.00 27.98 ? 10  VAL B CA  1 
ATOM   764  C  C   . VAL B 1 10 ? -7.828  -5.700  9.647   1.00 29.21 ? 10  VAL B C   1 
ATOM   765  O  O   . VAL B 1 10 ? -6.681  -6.117  9.812   1.00 28.58 ? 10  VAL B O   1 
ATOM   766  C  CB  . VAL B 1 10 ? -7.502  -4.087  7.737   1.00 28.34 ? 10  VAL B CB  1 
ATOM   767  C  CG1 . VAL B 1 10 ? -8.125  -5.072  6.776   1.00 30.07 ? 10  VAL B CG1 1 
ATOM   768  C  CG2 . VAL B 1 10 ? -7.753  -2.666  7.277   1.00 28.18 ? 10  VAL B CG2 1 
ATOM   769  N  N   . ARG B 1 11 ? -8.908  -6.439  9.892   1.00 28.10 ? 11  ARG B N   1 
ATOM   770  C  CA  . ARG B 1 11 ? -8.808  -7.808  10.386  1.00 28.10 ? 11  ARG B CA  1 
ATOM   771  C  C   . ARG B 1 11 ? -8.986  -8.886  9.320   1.00 26.40 ? 11  ARG B C   1 
ATOM   772  O  O   . ARG B 1 11 ? -9.717  -8.714  8.350   1.00 23.29 ? 11  ARG B O   1 
ATOM   773  C  CB  . ARG B 1 11 ? -9.817  -8.035  11.510  1.00 32.17 ? 11  ARG B CB  1 
ATOM   774  C  CG  . ARG B 1 11 ? -9.472  -7.317  12.805  1.00 35.72 ? 11  ARG B CG  1 
ATOM   775  C  CD  . ARG B 1 11 ? -10.580 -7.494  13.826  1.00 41.88 ? 11  ARG B CD  1 
ATOM   776  N  NE  . ARG B 1 11 ? -10.887 -8.904  14.053  1.00 45.37 ? 11  ARG B NE  1 
ATOM   777  C  CZ  . ARG B 1 11 ? -11.890 -9.337  14.811  1.00 49.02 ? 11  ARG B CZ  1 
ATOM   778  N  NH1 . ARG B 1 11 ? -12.689 -8.467  15.421  1.00 49.25 ? 11  ARG B NH1 1 
ATOM   779  N  NH2 . ARG B 1 11 ? -12.100 -10.640 14.954  1.00 49.75 ? 11  ARG B NH2 1 
ATOM   780  N  N   . LYS B 1 12 ? -8.302  -10.003 9.521   1.00 25.48 ? 12  LYS B N   1 
ATOM   781  C  CA  . LYS B 1 12 ? -8.359  -11.122 8.599   1.00 28.23 ? 12  LYS B CA  1 
ATOM   782  C  C   . LYS B 1 12 ? -9.750  -11.743 8.510   1.00 28.74 ? 12  LYS B C   1 
ATOM   783  O  O   . LYS B 1 12 ? -10.176 -12.171 7.436   1.00 28.84 ? 12  LYS B O   1 
ATOM   784  C  CB  . LYS B 1 12 ? -7.365  -12.199 9.034   1.00 30.66 ? 12  LYS B CB  1 
ATOM   785  C  CG  . LYS B 1 12 ? -7.420  -13.462 8.193   1.00 33.53 ? 12  LYS B CG  1 
ATOM   786  C  CD  . LYS B 1 12 ? -6.546  -14.555 8.788   1.00 38.45 ? 12  LYS B CD  1 
ATOM   787  C  CE  . LYS B 1 12 ? -6.638  -15.847 7.984   1.00 39.07 ? 12  LYS B CE  1 
ATOM   788  N  NZ  . LYS B 1 12 ? -5.961  -16.964 8.703   1.00 41.69 ? 12  LYS B NZ  1 
ATOM   789  N  N   . THR B 1 13 ? -10.450 -11.782 9.639   1.00 29.78 ? 13  THR B N   1 
ATOM   790  C  CA  . THR B 1 13 ? -11.773 -12.399 9.711   1.00 31.40 ? 13  THR B CA  1 
ATOM   791  C  C   . THR B 1 13 ? -13.003 -11.535 9.433   1.00 32.20 ? 13  THR B C   1 
ATOM   792  O  O   . THR B 1 13 ? -14.127 -12.002 9.617   1.00 34.09 ? 13  THR B O   1 
ATOM   793  C  CB  . THR B 1 13 ? -11.977 -13.076 11.080  1.00 31.58 ? 13  THR B CB  1 
ATOM   794  O  OG1 . THR B 1 13 ? -11.791 -12.111 12.125  1.00 34.26 ? 13  THR B OG1 1 
ATOM   795  C  CG2 . THR B 1 13 ? -10.984 -14.217 11.258  1.00 31.15 ? 13  THR B CG2 1 
ATOM   796  N  N   . LYS B 1 14 ? -12.807 -10.288 9.013   1.00 29.20 ? 14  LYS B N   1 
ATOM   797  C  CA  . LYS B 1 14 ? -13.938 -9.417  8.700   1.00 27.52 ? 14  LYS B CA  1 
ATOM   798  C  C   . LYS B 1 14 ? -13.807 -9.064  7.238   1.00 25.49 ? 14  LYS B C   1 
ATOM   799  O  O   . LYS B 1 14 ? -12.696 -8.832  6.756   1.00 26.05 ? 14  LYS B O   1 
ATOM   800  C  CB  . LYS B 1 14 ? -13.913 -8.124  9.522   1.00 29.87 ? 14  LYS B CB  1 
ATOM   801  C  CG  . LYS B 1 14 ? -13.970 -8.302  11.024  1.00 32.11 ? 14  LYS B CG  1 
ATOM   802  C  CD  . LYS B 1 14 ? -14.618 -7.091  11.695  1.00 34.81 ? 14  LYS B CD  1 
ATOM   803  C  CE  . LYS B 1 14 ? -13.939 -5.780  11.321  1.00 34.76 ? 14  LYS B CE  1 
ATOM   804  N  NZ  . LYS B 1 14 ? -14.701 -4.605  11.841  1.00 33.97 ? 14  LYS B NZ  1 
ATOM   805  N  N   . ASN B 1 15 ? -14.924 -9.016  6.521   1.00 22.91 ? 15  ASN B N   1 
ATOM   806  C  CA  . ASN B 1 15 ? -14.852 -8.689  5.105   1.00 21.04 ? 15  ASN B CA  1 
ATOM   807  C  C   . ASN B 1 15 ? -14.593 -7.205  4.880   1.00 18.69 ? 15  ASN B C   1 
ATOM   808  O  O   . ASN B 1 15 ? -14.692 -6.394  5.803   1.00 18.81 ? 15  ASN B O   1 
ATOM   809  C  CB  . ASN B 1 15 ? -16.116 -9.144  4.351   1.00 21.82 ? 15  ASN B CB  1 
ATOM   810  C  CG  . ASN B 1 15 ? -17.380 -8.467  4.838   1.00 24.41 ? 15  ASN B CG  1 
ATOM   811  O  OD1 . ASN B 1 15 ? -17.431 -7.247  4.981   1.00 20.96 ? 15  ASN B OD1 1 
ATOM   812  N  ND2 . ASN B 1 15 ? -18.422 -9.261  5.072   1.00 20.29 ? 15  ASN B ND2 1 
ATOM   813  N  N   . VAL B 1 16 ? -14.229 -6.877  3.648   1.00 19.45 ? 16  VAL B N   1 
ATOM   814  C  CA  . VAL B 1 16 ? -13.906 -5.513  3.233   1.00 19.62 ? 16  VAL B CA  1 
ATOM   815  C  C   . VAL B 1 16 ? -15.000 -4.507  3.554   1.00 22.34 ? 16  VAL B C   1 
ATOM   816  O  O   . VAL B 1 16 ? -14.750 -3.462  4.153   1.00 18.92 ? 16  VAL B O   1 
ATOM   817  C  CB  . VAL B 1 16 ? -13.634 -5.468  1.714   1.00 19.67 ? 16  VAL B CB  1 
ATOM   818  C  CG1 . VAL B 1 16 ? -13.535 -4.029  1.232   1.00 21.95 ? 16  VAL B CG1 1 
ATOM   819  C  CG2 . VAL B 1 16 ? -12.348 -6.225  1.403   1.00 19.99 ? 16  VAL B CG2 1 
ATOM   820  N  N   . GLU B 1 17 ? -16.220 -4.840  3.150   1.00 19.54 ? 17  GLU B N   1 
ATOM   821  C  CA  . GLU B 1 17 ? -17.365 -3.977  3.360   1.00 19.51 ? 17  GLU B CA  1 
ATOM   822  C  C   . GLU B 1 17 ? -17.630 -3.671  4.826   1.00 18.66 ? 17  GLU B C   1 
ATOM   823  O  O   . GLU B 1 17 ? -18.107 -2.588  5.162   1.00 22.05 ? 17  GLU B O   1 
ATOM   824  C  CB  . GLU B 1 17 ? -18.601 -4.615  2.722   1.00 17.56 ? 17  GLU B CB  1 
ATOM   825  C  CG  . GLU B 1 17 ? -18.607 -4.614  1.194   1.00 22.18 ? 17  GLU B CG  1 
ATOM   826  C  CD  . GLU B 1 17 ? -17.646 -5.617  0.562   1.00 26.09 ? 17  GLU B CD  1 
ATOM   827  O  OE1 . GLU B 1 17 ? -17.264 -6.607  1.220   1.00 25.14 ? 17  GLU B OE1 1 
ATOM   828  O  OE2 . GLU B 1 17 ? -17.289 -5.420  -0.617  1.00 30.33 ? 17  GLU B OE2 1 
ATOM   829  N  N   . ASP B 1 18 ? -17.325 -4.625  5.697   1.00 19.43 ? 18  ASP B N   1 
ATOM   830  C  CA  . ASP B 1 18 ? -17.527 -4.461  7.126   1.00 20.93 ? 18  ASP B CA  1 
ATOM   831  C  C   . ASP B 1 18 ? -16.635 -3.325  7.636   1.00 24.24 ? 18  ASP B C   1 
ATOM   832  O  O   . ASP B 1 18 ? -17.069 -2.501  8.445   1.00 24.23 ? 18  ASP B O   1 
ATOM   833  C  CB  . ASP B 1 18 ? -17.192 -5.774  7.841   1.00 26.21 ? 18  ASP B CB  1 
ATOM   834  C  CG  . ASP B 1 18 ? -17.497 -5.739  9.327   1.00 30.71 ? 18  ASP B CG  1 
ATOM   835  O  OD1 . ASP B 1 18 ? -17.660 -4.637  9.887   1.00 34.19 ? 18  ASP B OD1 1 
ATOM   836  O  OD2 . ASP B 1 18 ? -17.562 -6.827  9.944   1.00 33.26 ? 18  ASP B OD2 1 
ATOM   837  N  N   . HIS B 1 19 ? -15.397 -3.280  7.150   1.00 23.03 ? 19  HIS B N   1 
ATOM   838  C  CA  . HIS B 1 19 ? -14.461 -2.230  7.558   1.00 24.74 ? 19  HIS B CA  1 
ATOM   839  C  C   . HIS B 1 19 ? -14.899 -0.878  6.999   1.00 24.16 ? 19  HIS B C   1 
ATOM   840  O  O   . HIS B 1 19 ? -14.755 0.156   7.659   1.00 25.44 ? 19  HIS B O   1 
ATOM   841  C  CB  . HIS B 1 19 ? -13.045 -2.544  7.066   1.00 22.17 ? 19  HIS B CB  1 
ATOM   842  C  CG  . HIS B 1 19 ? -12.448 -3.772  7.676   1.00 23.52 ? 19  HIS B CG  1 
ATOM   843  N  ND1 . HIS B 1 19 ? -12.528 -5.013  7.083   1.00 22.83 ? 19  HIS B ND1 1 
ATOM   844  C  CD2 . HIS B 1 19 ? -11.751 -3.949  8.826   1.00 24.06 ? 19  HIS B CD2 1 
ATOM   845  C  CE1 . HIS B 1 19 ? -11.900 -5.901  7.836   1.00 24.04 ? 19  HIS B CE1 1 
ATOM   846  N  NE2 . HIS B 1 19 ? -11.419 -5.281  8.900   1.00 25.59 ? 19  HIS B NE2 1 
ATOM   847  N  N   . VAL B 1 20 ? -15.413 -0.885  5.774   1.00 25.37 ? 20  VAL B N   1 
ATOM   848  C  CA  . VAL B 1 20 ? -15.884 0.347   5.155   1.00 27.24 ? 20  VAL B CA  1 
ATOM   849  C  C   . VAL B 1 20 ? -16.952 0.948   6.074   1.00 28.79 ? 20  VAL B C   1 
ATOM   850  O  O   . VAL B 1 20 ? -16.891 2.123   6.434   1.00 28.07 ? 20  VAL B O   1 
ATOM   851  C  CB  . VAL B 1 20 ? -16.486 0.068   3.762   1.00 26.07 ? 20  VAL B CB  1 
ATOM   852  C  CG1 . VAL B 1 20 ? -17.028 1.349   3.152   1.00 26.94 ? 20  VAL B CG1 1 
ATOM   853  C  CG2 . VAL B 1 20 ? -15.423 -0.539  2.864   1.00 25.32 ? 20  VAL B CG2 1 
ATOM   854  N  N   . LEU B 1 21 ? -17.907 0.115   6.480   1.00 29.67 ? 21  LEU B N   1 
ATOM   855  C  CA  . LEU B 1 21 ? -18.982 0.552   7.362   1.00 29.43 ? 21  LEU B CA  1 
ATOM   856  C  C   . LEU B 1 21 ? -18.455 1.076   8.699   1.00 30.05 ? 21  LEU B C   1 
ATOM   857  O  O   . LEU B 1 21 ? -19.037 1.998   9.276   1.00 28.85 ? 21  LEU B O   1 
ATOM   858  C  CB  . LEU B 1 21 ? -19.975 -0.598  7.600   1.00 29.54 ? 21  LEU B CB  1 
ATOM   859  C  CG  . LEU B 1 21 ? -20.752 -1.087  6.369   1.00 30.52 ? 21  LEU B CG  1 
ATOM   860  C  CD1 . LEU B 1 21 ? -21.539 -2.348  6.712   1.00 28.75 ? 21  LEU B CD1 1 
ATOM   861  C  CD2 . LEU B 1 21 ? -21.686 0.016   5.873   1.00 30.14 ? 21  LEU B CD2 1 
ATOM   862  N  N   . ASP B 1 22 ? -17.361 0.501   9.194   1.00 30.24 ? 22  ASP B N   1 
ATOM   863  C  CA  . ASP B 1 22 ? -16.790 0.954   10.462  1.00 31.71 ? 22  ASP B CA  1 
ATOM   864  C  C   . ASP B 1 22 ? -16.330 2.402   10.322  1.00 31.44 ? 22  ASP B C   1 
ATOM   865  O  O   . ASP B 1 22 ? -16.468 3.198   11.250  1.00 33.23 ? 22  ASP B O   1 
ATOM   866  C  CB  . ASP B 1 22 ? -15.597 0.088   10.888  1.00 33.08 ? 22  ASP B CB  1 
ATOM   867  C  CG  . ASP B 1 22 ? -15.991 -1.339  11.217  1.00 35.37 ? 22  ASP B CG  1 
ATOM   868  O  OD1 . ASP B 1 22 ? -17.007 -1.540  11.919  1.00 34.39 ? 22  ASP B OD1 1 
ATOM   869  O  OD2 . ASP B 1 22 ? -15.273 -2.264  10.784  1.00 38.21 ? 22  ASP B OD2 1 
ATOM   870  N  N   . VAL B 1 23 ? -15.783 2.731   9.158   1.00 32.49 ? 23  VAL B N   1 
ATOM   871  C  CA  . VAL B 1 23 ? -15.314 4.086   8.882   1.00 34.89 ? 23  VAL B CA  1 
ATOM   872  C  C   . VAL B 1 23 ? -16.500 5.047   8.834   1.00 36.26 ? 23  VAL B C   1 
ATOM   873  O  O   . VAL B 1 23 ? -16.559 6.014   9.596   1.00 37.28 ? 23  VAL B O   1 
ATOM   874  C  CB  . VAL B 1 23 ? -14.558 4.146   7.535   1.00 34.62 ? 23  VAL B CB  1 
ATOM   875  C  CG1 . VAL B 1 23 ? -14.275 5.587   7.156   1.00 34.91 ? 23  VAL B CG1 1 
ATOM   876  C  CG2 . VAL B 1 23 ? -13.251 3.372   7.643   1.00 32.17 ? 23  VAL B CG2 1 
ATOM   877  N  N   . ILE B 1 24 ? -17.443 4.771   7.936   1.00 36.46 ? 24  ILE B N   1 
ATOM   878  C  CA  . ILE B 1 24 ? -18.637 5.597   7.782   1.00 35.38 ? 24  ILE B CA  1 
ATOM   879  C  C   . ILE B 1 24 ? -19.281 5.887   9.133   1.00 35.55 ? 24  ILE B C   1 
ATOM   880  O  O   . ILE B 1 24 ? -19.744 7.000   9.385   1.00 35.38 ? 24  ILE B O   1 
ATOM   881  C  CB  . ILE B 1 24 ? -19.660 4.904   6.861   1.00 36.45 ? 24  ILE B CB  1 
ATOM   882  C  CG1 . ILE B 1 24 ? -19.101 4.845   5.440   1.00 37.10 ? 24  ILE B CG1 1 
ATOM   883  C  CG2 . ILE B 1 24 ? -20.991 5.647   6.893   1.00 36.53 ? 24  ILE B CG2 1 
ATOM   884  C  CD1 . ILE B 1 24 ? -19.993 4.143   4.442   1.00 38.24 ? 24  ILE B CD1 1 
ATOM   885  N  N   . VAL B 1 25 ? -19.307 4.887   10.004  1.00 35.43 ? 25  VAL B N   1 
ATOM   886  C  CA  . VAL B 1 25 ? -19.881 5.062   11.328  1.00 36.71 ? 25  VAL B CA  1 
ATOM   887  C  C   . VAL B 1 25 ? -19.116 6.149   12.079  1.00 38.27 ? 25  VAL B C   1 
ATOM   888  O  O   . VAL B 1 25 ? -19.715 6.975   12.770  1.00 39.13 ? 25  VAL B O   1 
ATOM   889  C  CB  . VAL B 1 25 ? -19.833 3.752   12.135  1.00 36.80 ? 25  VAL B CB  1 
ATOM   890  C  CG1 . VAL B 1 25 ? -20.144 4.021   13.599  1.00 36.13 ? 25  VAL B CG1 1 
ATOM   891  C  CG2 . VAL B 1 25 ? -20.839 2.764   11.558  1.00 36.87 ? 25  VAL B CG2 1 
ATOM   892  N  N   . LEU B 1 26 ? -17.793 6.150   11.949  1.00 38.88 ? 26  LEU B N   1 
ATOM   893  C  CA  . LEU B 1 26 ? -16.986 7.164   12.618  1.00 40.06 ? 26  LEU B CA  1 
ATOM   894  C  C   . LEU B 1 26 ? -17.234 8.510   11.951  1.00 40.76 ? 26  LEU B C   1 
ATOM   895  O  O   . LEU B 1 26 ? -17.422 9.517   12.627  1.00 41.54 ? 26  LEU B O   1 
ATOM   896  C  CB  . LEU B 1 26 ? -15.501 6.802   12.552  1.00 38.18 ? 26  LEU B CB  1 
ATOM   897  C  CG  . LEU B 1 26 ? -15.091 5.578   13.377  1.00 38.02 ? 26  LEU B CG  1 
ATOM   898  C  CD1 . LEU B 1 26 ? -13.604 5.313   13.197  1.00 39.71 ? 26  LEU B CD1 1 
ATOM   899  C  CD2 . LEU B 1 26 ? -15.417 5.805   14.840  1.00 36.90 ? 26  LEU B CD2 1 
ATOM   900  N  N   . PHE B 1 27 ? -17.246 8.524   10.624  1.00 41.49 ? 27  PHE B N   1 
ATOM   901  C  CA  . PHE B 1 27 ? -17.497 9.758   9.895   1.00 42.94 ? 27  PHE B CA  1 
ATOM   902  C  C   . PHE B 1 27 ? -18.835 10.359  10.306  1.00 44.91 ? 27  PHE B C   1 
ATOM   903  O  O   . PHE B 1 27 ? -18.950 11.567  10.509  1.00 45.87 ? 27  PHE B O   1 
ATOM   904  C  CB  . PHE B 1 27 ? -17.489 9.495   8.391   1.00 41.77 ? 27  PHE B CB  1 
ATOM   905  C  CG  . PHE B 1 27 ? -16.116 9.364   7.810   1.00 42.09 ? 27  PHE B CG  1 
ATOM   906  C  CD1 . PHE B 1 27 ? -14.988 9.614   8.589   1.00 41.34 ? 27  PHE B CD1 1 
ATOM   907  C  CD2 . PHE B 1 27 ? -15.946 9.009   6.478   1.00 42.56 ? 27  PHE B CD2 1 
ATOM   908  C  CE1 . PHE B 1 27 ? -13.714 9.511   8.051   1.00 41.03 ? 27  PHE B CE1 1 
ATOM   909  C  CE2 . PHE B 1 27 ? -14.670 8.903   5.927   1.00 43.21 ? 27  PHE B CE2 1 
ATOM   910  C  CZ  . PHE B 1 27 ? -13.553 9.155   6.717   1.00 42.17 ? 27  PHE B CZ  1 
ATOM   911  N  N   . ASN B 1 28 ? -19.846 9.507   10.428  1.00 45.74 ? 28  ASN B N   1 
ATOM   912  C  CA  . ASN B 1 28 ? -21.172 9.956   10.823  1.00 47.75 ? 28  ASN B CA  1 
ATOM   913  C  C   . ASN B 1 28 ? -21.156 10.445  12.266  1.00 48.84 ? 28  ASN B C   1 
ATOM   914  O  O   . ASN B 1 28 ? -21.963 11.285  12.661  1.00 49.65 ? 28  ASN B O   1 
ATOM   915  C  CB  . ASN B 1 28 ? -22.182 8.817   10.671  1.00 46.23 ? 28  ASN B CB  1 
ATOM   916  C  CG  . ASN B 1 28 ? -22.478 8.492   9.221   1.00 46.64 ? 28  ASN B CG  1 
ATOM   917  O  OD1 . ASN B 1 28 ? -23.168 7.518   8.923   1.00 47.27 ? 28  ASN B OD1 1 
ATOM   918  N  ND2 . ASN B 1 28 ? -21.961 9.313   8.310   1.00 46.76 ? 28  ASN B ND2 1 
ATOM   919  N  N   . GLN B 1 29 ? -20.228 9.913   13.050  1.00 49.32 ? 29  GLN B N   1 
ATOM   920  C  CA  . GLN B 1 29 ? -20.111 10.289  14.448  1.00 49.98 ? 29  GLN B CA  1 
ATOM   921  C  C   . GLN B 1 29 ? -19.490 11.678  14.578  1.00 50.16 ? 29  GLN B C   1 
ATOM   922  O  O   . GLN B 1 29 ? -19.363 12.212  15.678  1.00 50.48 ? 29  GLN B O   1 
ATOM   923  C  CB  . GLN B 1 29 ? -19.258 9.256   15.179  1.00 51.10 ? 29  GLN B CB  1 
ATOM   924  C  CG  . GLN B 1 29 ? -19.220 9.410   16.681  1.00 53.04 ? 29  GLN B CG  1 
ATOM   925  C  CD  . GLN B 1 29 ? -18.482 8.267   17.348  1.00 54.82 ? 29  GLN B CD  1 
ATOM   926  O  OE1 . GLN B 1 29 ? -18.858 7.103   17.199  1.00 55.14 ? 29  GLN B OE1 1 
ATOM   927  N  NE2 . GLN B 1 29 ? -17.425 8.592   18.082  1.00 55.49 ? 29  GLN B NE2 1 
ATOM   928  N  N   . GLY B 1 30 ? -19.108 12.262  13.446  1.00 49.65 ? 30  GLY B N   1 
ATOM   929  C  CA  . GLY B 1 30 ? -18.504 13.582  13.467  1.00 49.71 ? 30  GLY B CA  1 
ATOM   930  C  C   . GLY B 1 30 ? -16.984 13.581  13.522  1.00 49.54 ? 30  GLY B C   1 
ATOM   931  O  O   . GLY B 1 30 ? -16.365 14.627  13.724  1.00 49.31 ? 30  GLY B O   1 
ATOM   932  N  N   . ILE B 1 31 ? -16.376 12.411  13.347  1.00 48.61 ? 31  ILE B N   1 
ATOM   933  C  CA  . ILE B 1 31 ? -14.922 12.298  13.371  1.00 48.51 ? 31  ILE B CA  1 
ATOM   934  C  C   . ILE B 1 31 ? -14.344 12.748  12.033  1.00 48.41 ? 31  ILE B C   1 
ATOM   935  O  O   . ILE B 1 31 ? -14.729 12.244  10.978  1.00 47.81 ? 31  ILE B O   1 
ATOM   936  C  CB  . ILE B 1 31 ? -14.487 10.852  13.658  1.00 47.95 ? 31  ILE B CB  1 
ATOM   937  C  CG1 . ILE B 1 31 ? -14.983 10.439  15.045  1.00 48.65 ? 31  ILE B CG1 1 
ATOM   938  C  CG2 . ILE B 1 31 ? -12.971 10.736  13.578  1.00 48.55 ? 31  ILE B CG2 1 
ATOM   939  C  CD1 . ILE B 1 31 ? -14.624 9.021   15.434  1.00 49.75 ? 31  ILE B CD1 1 
ATOM   940  N  N   . ASP B 1 32 ? -13.416 13.697  12.085  1.00 48.77 ? 32  ASP B N   1 
ATOM   941  C  CA  . ASP B 1 32 ? -12.801 14.238  10.877  1.00 48.87 ? 32  ASP B CA  1 
ATOM   942  C  C   . ASP B 1 32 ? -11.828 13.298  10.178  1.00 47.13 ? 32  ASP B C   1 
ATOM   943  O  O   . ASP B 1 32 ? -11.891 13.130  8.958   1.00 47.24 ? 32  ASP B O   1 
ATOM   944  C  CB  . ASP B 1 32 ? -12.098 15.555  11.197  1.00 51.97 ? 32  ASP B CB  1 
ATOM   945  C  CG  . ASP B 1 32 ? -13.064 16.634  11.645  1.00 55.03 ? 32  ASP B CG  1 
ATOM   946  O  OD1 . ASP B 1 32 ? -14.029 16.910  10.899  1.00 56.18 ? 32  ASP B OD1 1 
ATOM   947  O  OD2 . ASP B 1 32 ? -12.857 17.206  12.738  1.00 56.40 ? 32  ASP B OD2 1 
ATOM   948  N  N   . GLU B 1 33 ? -10.919 12.691  10.932  1.00 45.13 ? 33  GLU B N   1 
ATOM   949  C  CA  . GLU B 1 33 ? -9.970  11.780  10.309  1.00 43.60 ? 33  GLU B CA  1 
ATOM   950  C  C   . GLU B 1 33 ? -9.924  10.412  10.975  1.00 39.87 ? 33  GLU B C   1 
ATOM   951  O  O   . GLU B 1 33 ? -10.144 10.270  12.179  1.00 37.89 ? 33  GLU B O   1 
ATOM   952  C  CB  . GLU B 1 33 ? -8.559  12.393  10.273  1.00 46.02 ? 33  GLU B CB  1 
ATOM   953  C  CG  . GLU B 1 33 ? -7.823  12.424  11.602  1.00 48.95 ? 33  GLU B CG  1 
ATOM   954  C  CD  . GLU B 1 33 ? -6.378  12.872  11.446  1.00 51.48 ? 33  GLU B CD  1 
ATOM   955  O  OE1 . GLU B 1 33 ? -6.154  14.008  10.973  1.00 52.48 ? 33  GLU B OE1 1 
ATOM   956  O  OE2 . GLU B 1 33 ? -5.469  12.085  11.791  1.00 52.50 ? 33  GLU B OE2 1 
ATOM   957  N  N   . VAL B 1 34 ? -9.644  9.404   10.163  1.00 37.06 ? 34  VAL B N   1 
ATOM   958  C  CA  . VAL B 1 34 ? -9.567  8.034   10.636  1.00 33.93 ? 34  VAL B CA  1 
ATOM   959  C  C   . VAL B 1 34 ? -8.330  7.387   10.038  1.00 29.94 ? 34  VAL B C   1 
ATOM   960  O  O   . VAL B 1 34 ? -7.960  7.667   8.897   1.00 27.68 ? 34  VAL B O   1 
ATOM   961  C  CB  . VAL B 1 34 ? -10.826 7.226   10.218  1.00 34.46 ? 34  VAL B CB  1 
ATOM   962  C  CG1 . VAL B 1 34 ? -10.681 5.772   10.635  1.00 33.97 ? 34  VAL B CG1 1 
ATOM   963  C  CG2 . VAL B 1 34 ? -12.072 7.834   10.859  1.00 34.22 ? 34  VAL B CG2 1 
ATOM   964  N  N   . ILE B 1 35 ? -7.688  6.526   10.818  1.00 28.91 ? 35  ILE B N   1 
ATOM   965  C  CA  . ILE B 1 35 ? -6.489  5.833   10.359  1.00 29.46 ? 35  ILE B CA  1 
ATOM   966  C  C   . ILE B 1 35 ? -6.801  4.377   10.006  1.00 28.14 ? 35  ILE B C   1 
ATOM   967  O  O   . ILE B 1 35 ? -7.187  3.604   10.871  1.00 29.64 ? 35  ILE B O   1 
ATOM   968  C  CB  . ILE B 1 35 ? -5.389  5.832   11.442  1.00 30.06 ? 35  ILE B CB  1 
ATOM   969  C  CG1 . ILE B 1 35 ? -5.091  7.266   11.900  1.00 33.14 ? 35  ILE B CG1 1 
ATOM   970  C  CG2 . ILE B 1 35 ? -4.135  5.164   10.898  1.00 29.37 ? 35  ILE B CG2 1 
ATOM   971  C  CD1 . ILE B 1 35 ? -4.743  8.228   10.776  1.00 32.84 ? 35  ILE B CD1 1 
ATOM   972  N  N   . LEU B 1 36 ? -6.621  4.014   8.740   1.00 27.98 ? 36  LEU B N   1 
ATOM   973  C  CA  . LEU B 1 36 ? -6.867  2.644   8.285   1.00 28.53 ? 36  LEU B CA  1 
ATOM   974  C  C   . LEU B 1 36 ? -5.537  1.885   8.214   1.00 28.50 ? 36  LEU B C   1 
ATOM   975  O  O   . LEU B 1 36 ? -4.697  2.180   7.361   1.00 30.24 ? 36  LEU B O   1 
ATOM   976  C  CB  . LEU B 1 36 ? -7.517  2.668   6.905   1.00 28.61 ? 36  LEU B CB  1 
ATOM   977  C  CG  . LEU B 1 36 ? -8.000  1.331   6.344   1.00 31.96 ? 36  LEU B CG  1 
ATOM   978  C  CD1 . LEU B 1 36 ? -9.067  0.753   7.279   1.00 32.04 ? 36  LEU B CD1 1 
ATOM   979  C  CD2 . LEU B 1 36 ? -8.564  1.534   4.941   1.00 31.61 ? 36  LEU B CD2 1 
ATOM   980  N  N   . LYS B 1 37 ? -5.355  0.904   9.094   1.00 28.22 ? 37  LYS B N   1 
ATOM   981  C  CA  . LYS B 1 37 ? -4.114  0.132   9.127   1.00 26.47 ? 37  LYS B CA  1 
ATOM   982  C  C   . LYS B 1 37 ? -4.237  -1.351  8.777   1.00 26.42 ? 37  LYS B C   1 
ATOM   983  O  O   . LYS B 1 37 ? -5.192  -2.032  9.168   1.00 25.66 ? 37  LYS B O   1 
ATOM   984  C  CB  . LYS B 1 37 ? -3.461  0.247   10.504  1.00 27.86 ? 37  LYS B CB  1 
ATOM   985  C  CG  . LYS B 1 37 ? -2.117  -0.487  10.600  1.00 30.45 ? 37  LYS B CG  1 
ATOM   986  C  CD  . LYS B 1 37 ? -1.560  -0.463  12.014  1.00 30.95 ? 37  LYS B CD  1 
ATOM   987  C  CE  . LYS B 1 37 ? -0.202  -1.148  12.076  1.00 31.19 ? 37  LYS B CE  1 
ATOM   988  N  NZ  . LYS B 1 37 ? 0.297   -1.268  13.470  1.00 31.14 ? 37  LYS B NZ  1 
ATOM   989  N  N   . GLY B 1 38 ? -3.239  -1.843  8.050   1.00 24.89 ? 38  GLY B N   1 
ATOM   990  C  CA  . GLY B 1 38 ? -3.196  -3.239  7.657   1.00 24.34 ? 38  GLY B CA  1 
ATOM   991  C  C   . GLY B 1 38 ? -1.763  -3.733  7.762   1.00 24.84 ? 38  GLY B C   1 
ATOM   992  O  O   . GLY B 1 38 ? -0.828  -2.999  7.428   1.00 25.05 ? 38  GLY B O   1 
ATOM   993  N  N   . THR B 1 39 ? -1.570  -4.946  8.264   1.00 24.55 ? 39  THR B N   1 
ATOM   994  C  CA  . THR B 1 39 ? -0.219  -5.497  8.366   1.00 23.06 ? 39  THR B CA  1 
ATOM   995  C  C   . THR B 1 39 ? -0.184  -6.864  7.709   1.00 23.25 ? 39  THR B C   1 
ATOM   996  O  O   . THR B 1 39 ? -1.194  -7.562  7.673   1.00 22.18 ? 39  THR B O   1 
ATOM   997  C  CB  . THR B 1 39 ? 0.265   -5.632  9.840   1.00 25.01 ? 39  THR B CB  1 
ATOM   998  O  OG1 . THR B 1 39 ? -0.561  -6.557  10.551  1.00 28.09 ? 39  THR B OG1 1 
ATOM   999  C  CG2 . THR B 1 39 ? 0.232   -4.289  10.540  1.00 24.66 ? 39  THR B CG2 1 
ATOM   1000 N  N   . GLY B 1 40 ? 0.976   -7.245  7.176   1.00 19.38 ? 40  GLY B N   1 
ATOM   1001 C  CA  . GLY B 1 40 ? 1.095   -8.538  6.532   1.00 19.59 ? 40  GLY B CA  1 
ATOM   1002 C  C   . GLY B 1 40 ? 0.146   -8.698  5.359   1.00 20.22 ? 40  GLY B C   1 
ATOM   1003 O  O   . GLY B 1 40 ? 0.038   -7.814  4.509   1.00 19.35 ? 40  GLY B O   1 
ATOM   1004 N  N   . ARG B 1 41 ? -0.554  -9.826  5.317   1.00 20.85 ? 41  ARG B N   1 
ATOM   1005 C  CA  . ARG B 1 41 ? -1.491  -10.110 4.235   1.00 22.75 ? 41  ARG B CA  1 
ATOM   1006 C  C   . ARG B 1 41 ? -2.639  -9.112  4.146   1.00 21.95 ? 41  ARG B C   1 
ATOM   1007 O  O   . ARG B 1 41 ? -3.196  -8.897  3.070   1.00 22.35 ? 41  ARG B O   1 
ATOM   1008 C  CB  . ARG B 1 41 ? -2.066  -11.524 4.392   1.00 29.28 ? 41  ARG B CB  1 
ATOM   1009 C  CG  . ARG B 1 41 ? -1.198  -12.662 3.844   1.00 36.30 ? 41  ARG B CG  1 
ATOM   1010 C  CD  . ARG B 1 41 ? 0.140   -12.833 4.567   1.00 42.91 ? 41  ARG B CD  1 
ATOM   1011 N  NE  . ARG B 1 41 ? 1.078   -11.752 4.270   1.00 49.19 ? 41  ARG B NE  1 
ATOM   1012 C  CZ  . ARG B 1 41 ? 2.328   -11.692 4.722   1.00 50.51 ? 41  ARG B CZ  1 
ATOM   1013 N  NH1 . ARG B 1 41 ? 2.806   -12.657 5.500   1.00 51.50 ? 41  ARG B NH1 1 
ATOM   1014 N  NH2 . ARG B 1 41 ? 3.096   -10.660 4.402   1.00 52.14 ? 41  ARG B NH2 1 
ATOM   1015 N  N   . GLU B 1 42 ? -2.982  -8.493  5.269   1.00 19.94 ? 42  GLU B N   1 
ATOM   1016 C  CA  . GLU B 1 42 ? -4.085  -7.540  5.301   1.00 22.17 ? 42  GLU B CA  1 
ATOM   1017 C  C   . GLU B 1 42 ? -3.770  -6.175  4.694   1.00 21.96 ? 42  GLU B C   1 
ATOM   1018 O  O   . GLU B 1 42 ? -4.639  -5.308  4.649   1.00 20.50 ? 42  GLU B O   1 
ATOM   1019 C  CB  . GLU B 1 42 ? -4.585  -7.364  6.738   1.00 21.93 ? 42  GLU B CB  1 
ATOM   1020 C  CG  . GLU B 1 42 ? -5.494  -8.491  7.227   1.00 25.70 ? 42  GLU B CG  1 
ATOM   1021 C  CD  . GLU B 1 42 ? -4.798  -9.837  7.322   1.00 26.46 ? 42  GLU B CD  1 
ATOM   1022 O  OE1 . GLU B 1 42 ? -3.884  -9.988  8.156   1.00 28.35 ? 42  GLU B OE1 1 
ATOM   1023 O  OE2 . GLU B 1 42 ? -5.169  -10.751 6.563   1.00 29.41 ? 42  GLU B OE2 1 
ATOM   1024 N  N   . ILE B 1 43 ? -2.534  -5.975  4.239   1.00 20.51 ? 43  ILE B N   1 
ATOM   1025 C  CA  . ILE B 1 43 ? -2.172  -4.701  3.609   1.00 18.96 ? 43  ILE B CA  1 
ATOM   1026 C  C   . ILE B 1 43 ? -3.011  -4.555  2.341   1.00 19.24 ? 43  ILE B C   1 
ATOM   1027 O  O   . ILE B 1 43 ? -3.521  -3.478  2.040   1.00 19.23 ? 43  ILE B O   1 
ATOM   1028 C  CB  . ILE B 1 43 ? -0.668  -4.647  3.220   1.00 15.64 ? 43  ILE B CB  1 
ATOM   1029 C  CG1 . ILE B 1 43 ? 0.186   -4.482  4.477   1.00 18.80 ? 43  ILE B CG1 1 
ATOM   1030 C  CG2 . ILE B 1 43 ? -0.430  -3.506  2.233   1.00 15.51 ? 43  ILE B CG2 1 
ATOM   1031 C  CD1 . ILE B 1 43 ? 1.685   -4.604  4.230   1.00 17.00 ? 43  ILE B CD1 1 
ATOM   1032 N  N   . SER B 1 44 ? -3.145  -5.652  1.604   1.00 19.54 ? 44  SER B N   1 
ATOM   1033 C  CA  . SER B 1 44 ? -3.936  -5.666  0.381   1.00 21.58 ? 44  SER B CA  1 
ATOM   1034 C  C   . SER B 1 44 ? -5.368  -5.300  0.721   1.00 21.87 ? 44  SER B C   1 
ATOM   1035 O  O   . SER B 1 44 ? -5.999  -4.486  0.038   1.00 22.22 ? 44  SER B O   1 
ATOM   1036 C  CB  . SER B 1 44 ? -3.918  -7.061  -0.256  1.00 20.12 ? 44  SER B CB  1 
ATOM   1037 O  OG  . SER B 1 44 ? -2.610  -7.430  -0.659  1.00 29.01 ? 44  SER B OG  1 
ATOM   1038 N  N   . LYS B 1 45 ? -5.871  -5.896  1.794   1.00 22.04 ? 45  LYS B N   1 
ATOM   1039 C  CA  . LYS B 1 45 ? -7.241  -5.647  2.216   1.00 24.17 ? 45  LYS B CA  1 
ATOM   1040 C  C   . LYS B 1 45 ? -7.457  -4.191  2.622   1.00 23.88 ? 45  LYS B C   1 
ATOM   1041 O  O   . LYS B 1 45 ? -8.511  -3.619  2.346   1.00 23.42 ? 45  LYS B O   1 
ATOM   1042 C  CB  . LYS B 1 45 ? -7.624  -6.585  3.367   1.00 22.47 ? 45  LYS B CB  1 
ATOM   1043 C  CG  . LYS B 1 45 ? -9.059  -6.416  3.818   1.00 22.89 ? 45  LYS B CG  1 
ATOM   1044 C  CD  . LYS B 1 45 ? -9.448  -7.409  4.904   1.00 25.56 ? 45  LYS B CD  1 
ATOM   1045 C  CE  . LYS B 1 45 ? -9.724  -8.785  4.324   1.00 24.95 ? 45  LYS B CE  1 
ATOM   1046 N  NZ  . LYS B 1 45 ? -10.274 -9.730  5.341   1.00 25.56 ? 45  LYS B NZ  1 
ATOM   1047 N  N   . ALA B 1 46 ? -6.465  -3.586  3.269   1.00 22.57 ? 46  ALA B N   1 
ATOM   1048 C  CA  . ALA B 1 46 ? -6.594  -2.189  3.677   1.00 23.18 ? 46  ALA B CA  1 
ATOM   1049 C  C   . ALA B 1 46 ? -6.799  -1.311  2.443   1.00 21.36 ? 46  ALA B C   1 
ATOM   1050 O  O   . ALA B 1 46 ? -7.590  -0.371  2.471   1.00 22.28 ? 46  ALA B O   1 
ATOM   1051 C  CB  . ALA B 1 46 ? -5.358  -1.743  4.452   1.00 21.89 ? 46  ALA B CB  1 
ATOM   1052 N  N   . VAL B 1 47 ? -6.091  -1.616  1.362   1.00 20.30 ? 47  VAL B N   1 
ATOM   1053 C  CA  . VAL B 1 47 ? -6.246  -0.846  0.133   1.00 21.38 ? 47  VAL B CA  1 
ATOM   1054 C  C   . VAL B 1 47 ? -7.603  -1.185  -0.479  1.00 25.43 ? 47  VAL B C   1 
ATOM   1055 O  O   . VAL B 1 47 ? -8.244  -0.336  -1.107  1.00 25.45 ? 47  VAL B O   1 
ATOM   1056 C  CB  . VAL B 1 47 ? -5.145  -1.160  -0.889  1.00 23.21 ? 47  VAL B CB  1 
ATOM   1057 C  CG1 . VAL B 1 47 ? -5.405  -0.394  -2.177  1.00 22.55 ? 47  VAL B CG1 1 
ATOM   1058 C  CG2 . VAL B 1 47 ? -3.779  -0.772  -0.318  1.00 21.16 ? 47  VAL B CG2 1 
ATOM   1059 N  N   . ASP B 1 48 ? -8.036  -2.430  -0.304  1.00 23.23 ? 48  ASP B N   1 
ATOM   1060 C  CA  . ASP B 1 48 ? -9.340  -2.841  -0.813  1.00 25.85 ? 48  ASP B CA  1 
ATOM   1061 C  C   . ASP B 1 48 ? -10.421 -2.020  -0.110  1.00 24.54 ? 48  ASP B C   1 
ATOM   1062 O  O   . ASP B 1 48 ? -11.375 -1.560  -0.742  1.00 25.37 ? 48  ASP B O   1 
ATOM   1063 C  CB  . ASP B 1 48 ? -9.566  -4.331  -0.555  1.00 24.08 ? 48  ASP B CB  1 
ATOM   1064 C  CG  . ASP B 1 48 ? -8.916  -5.204  -1.598  1.00 26.16 ? 48  ASP B CG  1 
ATOM   1065 O  OD1 . ASP B 1 48 ? -8.585  -4.691  -2.690  1.00 25.96 ? 48  ASP B OD1 1 
ATOM   1066 O  OD2 . ASP B 1 48 ? -8.749  -6.416  -1.337  1.00 27.47 ? 48  ASP B OD2 1 
ATOM   1067 N  N   . VAL B 1 49 ? -10.267 -1.844  1.201   1.00 23.81 ? 49  VAL B N   1 
ATOM   1068 C  CA  . VAL B 1 49 ? -11.216 -1.071  1.993   1.00 24.19 ? 49  VAL B CA  1 
ATOM   1069 C  C   . VAL B 1 49 ? -11.264 0.385   1.535   1.00 26.57 ? 49  VAL B C   1 
ATOM   1070 O  O   . VAL B 1 49 ? -12.341 0.983   1.478   1.00 23.77 ? 49  VAL B O   1 
ATOM   1071 C  CB  . VAL B 1 49 ? -10.858 -1.111  3.495   1.00 22.88 ? 49  VAL B CB  1 
ATOM   1072 C  CG1 . VAL B 1 49 ? -11.742 -0.157  4.277   1.00 23.61 ? 49  VAL B CG1 1 
ATOM   1073 C  CG2 . VAL B 1 49 ? -11.023 -2.526  4.025   1.00 20.97 ? 49  VAL B CG2 1 
ATOM   1074 N  N   . TYR B 1 50 ? -10.104 0.954   1.204   1.00 26.08 ? 50  TYR B N   1 
ATOM   1075 C  CA  . TYR B 1 50 ? -10.061 2.343   0.751   1.00 29.50 ? 50  TYR B CA  1 
ATOM   1076 C  C   . TYR B 1 50 ? -10.788 2.520   -0.576  1.00 29.39 ? 50  TYR B C   1 
ATOM   1077 O  O   . TYR B 1 50 ? -11.635 3.403   -0.713  1.00 29.18 ? 50  TYR B O   1 
ATOM   1078 C  CB  . TYR B 1 50 ? -8.617  2.842   0.593   1.00 30.09 ? 50  TYR B CB  1 
ATOM   1079 C  CG  . TYR B 1 50 ? -8.540  4.080   -0.272  1.00 31.39 ? 50  TYR B CG  1 
ATOM   1080 C  CD1 . TYR B 1 50 ? -9.009  5.310   0.192   1.00 35.22 ? 50  TYR B CD1 1 
ATOM   1081 C  CD2 . TYR B 1 50 ? -8.084  4.003   -1.585  1.00 34.37 ? 50  TYR B CD2 1 
ATOM   1082 C  CE1 . TYR B 1 50 ? -9.032  6.440   -0.642  1.00 36.45 ? 50  TYR B CE1 1 
ATOM   1083 C  CE2 . TYR B 1 50 ? -8.102  5.123   -2.430  1.00 36.73 ? 50  TYR B CE2 1 
ATOM   1084 C  CZ  . TYR B 1 50 ? -8.579  6.335   -1.952  1.00 37.21 ? 50  TYR B CZ  1 
ATOM   1085 O  OH  . TYR B 1 50 ? -8.629  7.426   -2.798  1.00 39.89 ? 50  TYR B OH  1 
ATOM   1086 N  N   . ASN B 1 51 ? -10.450 1.691   -1.557  1.00 30.75 ? 51  ASN B N   1 
ATOM   1087 C  CA  . ASN B 1 51 ? -11.086 1.791   -2.859  1.00 32.41 ? 51  ASN B CA  1 
ATOM   1088 C  C   . ASN B 1 51 ? -12.588 1.578   -2.768  1.00 33.62 ? 51  ASN B C   1 
ATOM   1089 O  O   . ASN B 1 51 ? -13.346 2.094   -3.593  1.00 33.56 ? 51  ASN B O   1 
ATOM   1090 C  CB  . ASN B 1 51 ? -10.479 0.790   -3.837  1.00 32.26 ? 51  ASN B CB  1 
ATOM   1091 C  CG  . ASN B 1 51 ? -9.121  1.234   -4.344  1.00 34.15 ? 51  ASN B CG  1 
ATOM   1092 O  OD1 . ASN B 1 51 ? -8.930  2.399   -4.691  1.00 34.01 ? 51  ASN B OD1 1 
ATOM   1093 N  ND2 . ASN B 1 51 ? -8.177  0.304   -4.401  1.00 32.45 ? 51  ASN B ND2 1 
ATOM   1094 N  N   . SER B 1 52 ? -13.012 0.816   -1.766  1.00 33.89 ? 52  SER B N   1 
ATOM   1095 C  CA  . SER B 1 52 ? -14.427 0.553   -1.558  1.00 34.27 ? 52  SER B CA  1 
ATOM   1096 C  C   . SER B 1 52 ? -15.050 1.808   -0.954  1.00 34.55 ? 52  SER B C   1 
ATOM   1097 O  O   . SER B 1 52 ? -16.126 2.242   -1.375  1.00 33.89 ? 52  SER B O   1 
ATOM   1098 C  CB  . SER B 1 52 ? -14.610 -0.639  -0.615  1.00 35.04 ? 52  SER B CB  1 
ATOM   1099 O  OG  . SER B 1 52 ? -15.983 -0.878  -0.351  1.00 33.15 ? 52  SER B OG  1 
ATOM   1100 N  N   . LEU B 1 53 ? -14.365 2.388   0.030   1.00 34.77 ? 53  LEU B N   1 
ATOM   1101 C  CA  . LEU B 1 53 ? -14.833 3.607   0.683   1.00 36.40 ? 53  LEU B CA  1 
ATOM   1102 C  C   . LEU B 1 53 ? -15.000 4.707   -0.356  1.00 37.44 ? 53  LEU B C   1 
ATOM   1103 O  O   . LEU B 1 53 ? -16.023 5.389   -0.397  1.00 38.16 ? 53  LEU B O   1 
ATOM   1104 C  CB  . LEU B 1 53 ? -13.831 4.077   1.740   1.00 36.93 ? 53  LEU B CB  1 
ATOM   1105 C  CG  . LEU B 1 53 ? -14.249 4.083   3.213   1.00 37.65 ? 53  LEU B CG  1 
ATOM   1106 C  CD1 . LEU B 1 53 ? -13.151 4.764   4.023   1.00 39.19 ? 53  LEU B CD1 1 
ATOM   1107 C  CD2 . LEU B 1 53 ? -15.565 4.818   3.402   1.00 36.89 ? 53  LEU B CD2 1 
ATOM   1108 N  N   . LYS B 1 54 ? -13.989 4.867   -1.201  1.00 38.76 ? 54  LYS B N   1 
ATOM   1109 C  CA  . LYS B 1 54 ? -14.011 5.886   -2.241  1.00 40.67 ? 54  LYS B CA  1 
ATOM   1110 C  C   . LYS B 1 54 ? -15.135 5.634   -3.239  1.00 41.79 ? 54  LYS B C   1 
ATOM   1111 O  O   . LYS B 1 54 ? -15.763 6.573   -3.719  1.00 41.19 ? 54  LYS B O   1 
ATOM   1112 C  CB  . LYS B 1 54 ? -12.670 5.916   -2.976  1.00 41.52 ? 54  LYS B CB  1 
ATOM   1113 C  CG  . LYS B 1 54 ? -12.443 7.154   -3.823  1.00 41.75 ? 54  LYS B CG  1 
ATOM   1114 C  CD  . LYS B 1 54 ? -12.344 8.404   -2.958  1.00 42.34 ? 54  LYS B CD  1 
ATOM   1115 C  CE  . LYS B 1 54 ? -12.060 9.635   -3.800  1.00 41.99 ? 54  LYS B CE  1 
ATOM   1116 N  NZ  . LYS B 1 54 ? -12.048 10.867  -2.969  1.00 41.65 ? 54  LYS B NZ  1 
ATOM   1117 N  N   . ASP B 1 55 ? -15.384 4.367   -3.558  1.00 43.12 ? 55  ASP B N   1 
ATOM   1118 C  CA  . ASP B 1 55 ? -16.449 4.020   -4.496  1.00 44.49 ? 55  ASP B CA  1 
ATOM   1119 C  C   . ASP B 1 55 ? -17.815 4.365   -3.922  1.00 44.24 ? 55  ASP B C   1 
ATOM   1120 O  O   . ASP B 1 55 ? -18.771 4.590   -4.663  1.00 44.36 ? 55  ASP B O   1 
ATOM   1121 C  CB  . ASP B 1 55 ? -16.425 2.523   -4.822  1.00 46.95 ? 55  ASP B CB  1 
ATOM   1122 C  CG  . ASP B 1 55 ? -15.241 2.128   -5.675  1.00 49.34 ? 55  ASP B CG  1 
ATOM   1123 O  OD1 . ASP B 1 55 ? -14.390 2.999   -5.958  1.00 51.46 ? 55  ASP B OD1 1 
ATOM   1124 O  OD2 . ASP B 1 55 ? -15.161 0.942   -6.061  1.00 51.22 ? 55  ASP B OD2 1 
ATOM   1125 N  N   . ARG B 1 56 ? -17.897 4.406   -2.597  1.00 43.49 ? 56  ARG B N   1 
ATOM   1126 C  CA  . ARG B 1 56 ? -19.151 4.695   -1.917  1.00 43.24 ? 56  ARG B CA  1 
ATOM   1127 C  C   . ARG B 1 56 ? -19.341 6.172   -1.575  1.00 44.35 ? 56  ARG B C   1 
ATOM   1128 O  O   . ARG B 1 56 ? -20.421 6.726   -1.787  1.00 44.42 ? 56  ARG B O   1 
ATOM   1129 C  CB  . ARG B 1 56 ? -19.249 3.863   -0.634  1.00 42.12 ? 56  ARG B CB  1 
ATOM   1130 C  CG  . ARG B 1 56 ? -19.166 2.353   -0.841  1.00 40.57 ? 56  ARG B CG  1 
ATOM   1131 C  CD  . ARG B 1 56 ? -20.331 1.832   -1.662  1.00 39.60 ? 56  ARG B CD  1 
ATOM   1132 N  NE  . ARG B 1 56 ? -20.436 0.378   -1.587  1.00 39.02 ? 56  ARG B NE  1 
ATOM   1133 C  CZ  . ARG B 1 56 ? -21.440 -0.328  -2.102  1.00 39.19 ? 56  ARG B CZ  1 
ATOM   1134 N  NH1 . ARG B 1 56 ? -22.431 0.283   -2.740  1.00 36.94 ? 56  ARG B NH1 1 
ATOM   1135 N  NH2 . ARG B 1 56 ? -21.459 -1.648  -1.968  1.00 38.13 ? 56  ARG B NH2 1 
ATOM   1136 N  N   . LEU B 1 57 ? -18.298 6.804   -1.042  1.00 44.39 ? 57  LEU B N   1 
ATOM   1137 C  CA  . LEU B 1 57 ? -18.374 8.207   -0.654  1.00 44.93 ? 57  LEU B CA  1 
ATOM   1138 C  C   . LEU B 1 57 ? -17.781 9.158   -1.692  1.00 45.66 ? 57  LEU B C   1 
ATOM   1139 O  O   . LEU B 1 57 ? -18.094 10.346  -1.701  1.00 45.75 ? 57  LEU B O   1 
ATOM   1140 C  CB  . LEU B 1 57 ? -17.673 8.410   0.689   1.00 44.24 ? 57  LEU B CB  1 
ATOM   1141 C  CG  . LEU B 1 57 ? -18.142 7.501   1.825   1.00 44.07 ? 57  LEU B CG  1 
ATOM   1142 C  CD1 . LEU B 1 57 ? -17.408 7.860   3.107   1.00 43.30 ? 57  LEU B CD1 1 
ATOM   1143 C  CD2 . LEU B 1 57 ? -19.644 7.643   2.008   1.00 44.62 ? 57  LEU B CD2 1 
ATOM   1144 N  N   . GLY B 1 58 ? -16.929 8.631   -2.563  1.00 47.07 ? 58  GLY B N   1 
ATOM   1145 C  CA  . GLY B 1 58 ? -16.311 9.451   -3.590  1.00 48.19 ? 58  GLY B CA  1 
ATOM   1146 C  C   . GLY B 1 58 ? -15.687 10.722  -3.047  1.00 48.79 ? 58  GLY B C   1 
ATOM   1147 O  O   . GLY B 1 58 ? -14.968 10.700  -2.046  1.00 48.26 ? 58  GLY B O   1 
ATOM   1148 N  N   . ASP B 1 59 ? -15.970 11.835  -3.716  1.00 49.12 ? 59  ASP B N   1 
ATOM   1149 C  CA  . ASP B 1 59 ? -15.457 13.142  -3.327  1.00 49.25 ? 59  ASP B CA  1 
ATOM   1150 C  C   . ASP B 1 59 ? -15.725 13.440  -1.850  1.00 47.99 ? 59  ASP B C   1 
ATOM   1151 O  O   . ASP B 1 59 ? -15.141 14.358  -1.271  1.00 48.21 ? 59  ASP B O   1 
ATOM   1152 C  CB  . ASP B 1 59 ? -16.089 14.215  -4.217  1.00 51.75 ? 59  ASP B CB  1 
ATOM   1153 C  CG  . ASP B 1 59 ? -15.802 15.619  -3.738  1.00 55.56 ? 59  ASP B CG  1 
ATOM   1154 O  OD1 . ASP B 1 59 ? -16.434 16.053  -2.750  1.00 57.16 ? 59  ASP B OD1 1 
ATOM   1155 O  OD2 . ASP B 1 59 ? -14.940 16.289  -4.348  1.00 58.80 ? 59  ASP B OD2 1 
ATOM   1156 N  N   . GLY B 1 60 ? -16.603 12.653  -1.240  1.00 46.07 ? 60  GLY B N   1 
ATOM   1157 C  CA  . GLY B 1 60 ? -16.926 12.854  0.158   1.00 43.67 ? 60  GLY B CA  1 
ATOM   1158 C  C   . GLY B 1 60 ? -15.826 12.381  1.088   1.00 42.73 ? 60  GLY B C   1 
ATOM   1159 O  O   . GLY B 1 60 ? -15.907 12.572  2.296   1.00 42.74 ? 60  GLY B O   1 
ATOM   1160 N  N   . VAL B 1 61 ? -14.799 11.754  0.531   1.00 41.37 ? 61  VAL B N   1 
ATOM   1161 C  CA  . VAL B 1 61 ? -13.689 11.270  1.343   1.00 40.38 ? 61  VAL B CA  1 
ATOM   1162 C  C   . VAL B 1 61 ? -12.371 11.602  0.664   1.00 39.75 ? 61  VAL B C   1 
ATOM   1163 O  O   . VAL B 1 61 ? -12.292 11.641  -0.564  1.00 39.43 ? 61  VAL B O   1 
ATOM   1164 C  CB  . VAL B 1 61 ? -13.764 9.740   1.550   1.00 39.19 ? 61  VAL B CB  1 
ATOM   1165 C  CG1 . VAL B 1 61 ? -13.485 9.026   0.238   1.00 37.61 ? 61  VAL B CG1 1 
ATOM   1166 C  CG2 . VAL B 1 61 ? -12.781 9.311   2.630   1.00 39.39 ? 61  VAL B CG2 1 
ATOM   1167 N  N   . GLN B 1 62 ? -11.335 11.837  1.461   1.00 40.13 ? 62  GLN B N   1 
ATOM   1168 C  CA  . GLN B 1 62 ? -10.033 12.159  0.899   1.00 41.39 ? 62  GLN B CA  1 
ATOM   1169 C  C   . GLN B 1 62 ? -8.894  11.485  1.646   1.00 39.37 ? 62  GLN B C   1 
ATOM   1170 O  O   . GLN B 1 62 ? -8.862  11.458  2.878   1.00 38.48 ? 62  GLN B O   1 
ATOM   1171 C  CB  . GLN B 1 62 ? -9.816  13.679  0.892   1.00 42.97 ? 62  GLN B CB  1 
ATOM   1172 C  CG  . GLN B 1 62 ? -8.481  14.108  0.292   1.00 46.71 ? 62  GLN B CG  1 
ATOM   1173 C  CD  . GLN B 1 62 ? -8.328  15.620  0.205   1.00 48.95 ? 62  GLN B CD  1 
ATOM   1174 O  OE1 . GLN B 1 62 ? -7.263  16.127  -0.158  1.00 48.31 ? 62  GLN B OE1 1 
ATOM   1175 N  NE2 . GLN B 1 62 ? -9.395  16.349  0.532   1.00 49.23 ? 62  GLN B NE2 1 
ATOM   1176 N  N   . LEU B 1 63 ? -7.963  10.934  0.880   1.00 39.06 ? 63  LEU B N   1 
ATOM   1177 C  CA  . LEU B 1 63 ? -6.799  10.271  1.443   1.00 39.39 ? 63  LEU B CA  1 
ATOM   1178 C  C   . LEU B 1 63 ? -5.714  11.327  1.621   1.00 38.57 ? 63  LEU B C   1 
ATOM   1179 O  O   . LEU B 1 63 ? -5.216  11.877  0.641   1.00 39.80 ? 63  LEU B O   1 
ATOM   1180 C  CB  . LEU B 1 63 ? -6.317  9.168   0.496   1.00 39.20 ? 63  LEU B CB  1 
ATOM   1181 C  CG  . LEU B 1 63 ? -5.117  8.318   0.930   1.00 39.00 ? 63  LEU B CG  1 
ATOM   1182 C  CD1 . LEU B 1 63 ? -5.394  7.661   2.276   1.00 38.38 ? 63  LEU B CD1 1 
ATOM   1183 C  CD2 . LEU B 1 63 ? -4.833  7.269   -0.135  1.00 37.88 ? 63  LEU B CD2 1 
ATOM   1184 N  N   . VAL B 1 64 ? -5.367  11.619  2.870   1.00 38.33 ? 64  VAL B N   1 
ATOM   1185 C  CA  . VAL B 1 64 ? -4.343  12.613  3.169   1.00 37.49 ? 64  VAL B CA  1 
ATOM   1186 C  C   . VAL B 1 64 ? -2.955  12.101  2.786   1.00 37.16 ? 64  VAL B C   1 
ATOM   1187 O  O   . VAL B 1 64 ? -2.233  12.748  2.022   1.00 37.54 ? 64  VAL B O   1 
ATOM   1188 C  CB  . VAL B 1 64 ? -4.354  12.980  4.666   1.00 38.28 ? 64  VAL B CB  1 
ATOM   1189 C  CG1 . VAL B 1 64 ? -3.337  14.070  4.943   1.00 38.15 ? 64  VAL B CG1 1 
ATOM   1190 C  CG2 . VAL B 1 64 ? -5.740  13.442  5.074   1.00 37.91 ? 64  VAL B CG2 1 
ATOM   1191 N  N   . ASN B 1 65 ? -2.580  10.943  3.320   1.00 35.67 ? 65  ASN B N   1 
ATOM   1192 C  CA  . ASN B 1 65 ? -1.283  10.351  3.013   1.00 33.78 ? 65  ASN B CA  1 
ATOM   1193 C  C   . ASN B 1 65 ? -1.259  8.854   3.289   1.00 32.34 ? 65  ASN B C   1 
ATOM   1194 O  O   . ASN B 1 65 ? -2.126  8.326   3.987   1.00 30.35 ? 65  ASN B O   1 
ATOM   1195 C  CB  . ASN B 1 65 ? -0.177  11.035  3.820   1.00 35.05 ? 65  ASN B CB  1 
ATOM   1196 C  CG  . ASN B 1 65 ? -0.439  11.008  5.312   1.00 37.48 ? 65  ASN B CG  1 
ATOM   1197 O  OD1 . ASN B 1 65 ? -1.425  11.566  5.790   1.00 39.97 ? 65  ASN B OD1 1 
ATOM   1198 N  ND2 . ASN B 1 65 ? 0.445   10.357  6.059   1.00 38.11 ? 65  ASN B ND2 1 
ATOM   1199 N  N   . VAL B 1 66 ? -0.264  8.180   2.721   1.00 31.63 ? 66  VAL B N   1 
ATOM   1200 C  CA  . VAL B 1 66 ? -0.083  6.745   2.895   1.00 30.80 ? 66  VAL B CA  1 
ATOM   1201 C  C   . VAL B 1 66 ? 1.291   6.497   3.521   1.00 30.76 ? 66  VAL B C   1 
ATOM   1202 O  O   . VAL B 1 66 ? 2.305   6.963   3.004   1.00 30.94 ? 66  VAL B O   1 
ATOM   1203 C  CB  . VAL B 1 66 ? -0.133  5.993   1.542   1.00 30.79 ? 66  VAL B CB  1 
ATOM   1204 C  CG1 . VAL B 1 66 ? -0.156  4.490   1.789   1.00 31.12 ? 66  VAL B CG1 1 
ATOM   1205 C  CG2 . VAL B 1 66 ? -1.356  6.416   0.747   1.00 31.34 ? 66  VAL B CG2 1 
ATOM   1206 N  N   . GLN B 1 67 ? 1.323   5.778   4.637   1.00 29.81 ? 67  GLN B N   1 
ATOM   1207 C  CA  . GLN B 1 67 ? 2.588   5.470   5.299   1.00 28.23 ? 67  GLN B CA  1 
ATOM   1208 C  C   . GLN B 1 67 ? 2.807   3.960   5.244   1.00 28.27 ? 67  GLN B C   1 
ATOM   1209 O  O   . GLN B 1 67 ? 1.944   3.186   5.659   1.00 26.07 ? 67  GLN B O   1 
ATOM   1210 C  CB  . GLN B 1 67 ? 2.555   5.923   6.762   1.00 29.41 ? 67  GLN B CB  1 
ATOM   1211 C  CG  . GLN B 1 67 ? 3.923   6.000   7.433   1.00 30.89 ? 67  GLN B CG  1 
ATOM   1212 C  CD  . GLN B 1 67 ? 3.832   6.301   8.923   1.00 33.87 ? 67  GLN B CD  1 
ATOM   1213 O  OE1 . GLN B 1 67 ? 3.743   5.389   9.746   1.00 36.37 ? 67  GLN B OE1 1 
ATOM   1214 N  NE2 . GLN B 1 67 ? 3.834   7.580   9.273   1.00 30.97 ? 67  GLN B NE2 1 
ATOM   1215 N  N   . THR B 1 68 ? 3.952   3.539   4.719   1.00 27.12 ? 68  THR B N   1 
ATOM   1216 C  CA  . THR B 1 68 ? 4.273   2.123   4.639   1.00 27.92 ? 68  THR B CA  1 
ATOM   1217 C  C   . THR B 1 68 ? 5.623   1.916   5.310   1.00 28.90 ? 68  THR B C   1 
ATOM   1218 O  O   . THR B 1 68 ? 6.488   2.791   5.259   1.00 29.84 ? 68  THR B O   1 
ATOM   1219 C  CB  . THR B 1 68 ? 4.358   1.639   3.184   1.00 31.70 ? 68  THR B CB  1 
ATOM   1220 O  OG1 . THR B 1 68 ? 5.468   2.267   2.529   1.00 33.89 ? 68  THR B OG1 1 
ATOM   1221 C  CG2 . THR B 1 68 ? 3.088   1.992   2.438   1.00 32.30 ? 68  THR B CG2 1 
ATOM   1222 N  N   . GLY B 1 69 ? 5.799   0.764   5.945   1.00 27.05 ? 69  GLY B N   1 
ATOM   1223 C  CA  . GLY B 1 69 ? 7.047   0.479   6.624   1.00 25.23 ? 69  GLY B CA  1 
ATOM   1224 C  C   . GLY B 1 69 ? 6.984   -0.875  7.291   1.00 23.81 ? 69  GLY B C   1 
ATOM   1225 O  O   . GLY B 1 69 ? 6.192   -1.727  6.896   1.00 24.96 ? 69  GLY B O   1 
ATOM   1226 N  N   . SER B 1 70 ? 7.816   -1.086  8.300   1.00 23.00 ? 70  SER B N   1 
ATOM   1227 C  CA  . SER B 1 70 ? 7.822   -2.359  8.998   1.00 23.65 ? 70  SER B CA  1 
ATOM   1228 C  C   . SER B 1 70 ? 7.818   -2.162  10.499  1.00 23.54 ? 70  SER B C   1 
ATOM   1229 O  O   . SER B 1 70 ? 8.320   -1.160  11.012  1.00 23.99 ? 70  SER B O   1 
ATOM   1230 C  CB  . SER B 1 70 ? 9.052   -3.182  8.596   1.00 24.90 ? 70  SER B CB  1 
ATOM   1231 O  OG  . SER B 1 70 ? 10.242  -2.497  8.928   1.00 32.16 ? 70  SER B OG  1 
ATOM   1232 N  N   . GLU B 1 71 ? 7.241   -3.121  11.203  1.00 23.13 ? 71  GLU B N   1 
ATOM   1233 C  CA  . GLU B 1 71 ? 7.190   -3.064  12.652  1.00 27.20 ? 71  GLU B CA  1 
ATOM   1234 C  C   . GLU B 1 71 ? 7.558   -4.443  13.160  1.00 27.27 ? 71  GLU B C   1 
ATOM   1235 O  O   . GLU B 1 71 ? 7.673   -5.393  12.378  1.00 25.73 ? 71  GLU B O   1 
ATOM   1236 C  CB  . GLU B 1 71 ? 5.780   -2.675  13.125  1.00 29.77 ? 71  GLU B CB  1 
ATOM   1237 C  CG  . GLU B 1 71 ? 4.696   -3.688  12.773  1.00 34.79 ? 71  GLU B CG  1 
ATOM   1238 C  CD  . GLU B 1 71 ? 3.300   -3.201  13.131  1.00 37.81 ? 71  GLU B CD  1 
ATOM   1239 O  OE1 . GLU B 1 71 ? 3.133   -1.988  13.354  1.00 39.08 ? 71  GLU B OE1 1 
ATOM   1240 O  OE2 . GLU B 1 71 ? 2.368   -4.033  13.179  1.00 41.22 ? 71  GLU B OE2 1 
ATOM   1241 N  N   . VAL B 1 72 ? 7.764   -4.559  14.467  1.00 29.46 ? 72  VAL B N   1 
ATOM   1242 C  CA  . VAL B 1 72 ? 8.114   -5.846  15.041  1.00 31.21 ? 72  VAL B CA  1 
ATOM   1243 C  C   . VAL B 1 72 ? 6.955   -6.433  15.834  1.00 33.98 ? 72  VAL B C   1 
ATOM   1244 O  O   . VAL B 1 72 ? 6.439   -5.807  16.759  1.00 33.91 ? 72  VAL B O   1 
ATOM   1245 C  CB  . VAL B 1 72 ? 9.345   -5.740  15.959  1.00 28.21 ? 72  VAL B CB  1 
ATOM   1246 C  CG1 . VAL B 1 72 ? 9.721   -7.117  16.475  1.00 28.42 ? 72  VAL B CG1 1 
ATOM   1247 C  CG2 . VAL B 1 72 ? 10.510  -5.116  15.200  1.00 30.11 ? 72  VAL B CG2 1 
ATOM   1248 N  N   . ARG B 1 73 ? 6.552   -7.640  15.451  1.00 36.40 ? 73  ARG B N   1 
ATOM   1249 C  CA  . ARG B 1 73 ? 5.472   -8.353  16.114  1.00 39.81 ? 73  ARG B CA  1 
ATOM   1250 C  C   . ARG B 1 73 ? 5.941   -9.765  16.446  1.00 40.86 ? 73  ARG B C   1 
ATOM   1251 O  O   . ARG B 1 73 ? 6.302   -10.535 15.551  1.00 42.74 ? 73  ARG B O   1 
ATOM   1252 C  CB  . ARG B 1 73 ? 4.247   -8.414  15.204  1.00 41.61 ? 73  ARG B CB  1 
ATOM   1253 C  CG  . ARG B 1 73 ? 3.108   -9.256  15.747  1.00 44.09 ? 73  ARG B CG  1 
ATOM   1254 C  CD  . ARG B 1 73 ? 1.909   -9.183  14.823  1.00 47.20 ? 73  ARG B CD  1 
ATOM   1255 N  NE  . ARG B 1 73 ? 1.425   -7.811  14.687  1.00 48.94 ? 73  ARG B NE  1 
ATOM   1256 C  CZ  . ARG B 1 73 ? 0.433   -7.442  13.883  1.00 50.41 ? 73  ARG B CZ  1 
ATOM   1257 N  NH1 . ARG B 1 73 ? -0.189  -8.344  13.133  1.00 50.24 ? 73  ARG B NH1 1 
ATOM   1258 N  NH2 . ARG B 1 73 ? 0.060   -6.170  13.831  1.00 51.72 ? 73  ARG B NH2 1 
ATOM   1259 N  N   . ASP B 1 74 ? 5.932   -10.103 17.734  1.00 41.66 ? 74  ASP B N   1 
ATOM   1260 C  CA  . ASP B 1 74 ? 6.360   -11.423 18.190  1.00 40.16 ? 74  ASP B CA  1 
ATOM   1261 C  C   . ASP B 1 74 ? 7.810   -11.673 17.785  1.00 37.27 ? 74  ASP B C   1 
ATOM   1262 O  O   . ASP B 1 74 ? 8.137   -12.748 17.284  1.00 36.38 ? 74  ASP B O   1 
ATOM   1263 C  CB  . ASP B 1 74 ? 5.474   -12.521 17.590  1.00 42.62 ? 74  ASP B CB  1 
ATOM   1264 C  CG  . ASP B 1 74 ? 4.000   -12.326 17.904  1.00 46.38 ? 74  ASP B CG  1 
ATOM   1265 O  OD1 . ASP B 1 74 ? 3.645   -12.231 19.099  1.00 47.53 ? 74  ASP B OD1 1 
ATOM   1266 O  OD2 . ASP B 1 74 ? 3.193   -12.274 16.951  1.00 49.01 ? 74  ASP B OD2 1 
ATOM   1267 N  N   . ARG B 1 75 ? 8.664   -10.675 17.992  1.00 35.11 ? 75  ARG B N   1 
ATOM   1268 C  CA  . ARG B 1 75 ? 10.082  -10.782 17.653  1.00 32.77 ? 75  ARG B CA  1 
ATOM   1269 C  C   . ARG B 1 75 ? 10.311  -11.156 16.187  1.00 30.75 ? 75  ARG B C   1 
ATOM   1270 O  O   . ARG B 1 75 ? 11.258  -11.864 15.844  1.00 30.01 ? 75  ARG B O   1 
ATOM   1271 C  CB  . ARG B 1 75 ? 10.763  -11.800 18.575  1.00 33.06 ? 75  ARG B CB  1 
ATOM   1272 C  CG  . ARG B 1 75 ? 11.163  -11.216 19.924  1.00 34.62 ? 75  ARG B CG  1 
ATOM   1273 C  CD  . ARG B 1 75 ? 10.669  -12.050 21.084  1.00 36.36 ? 75  ARG B CD  1 
ATOM   1274 N  NE  . ARG B 1 75 ? 11.216  -13.405 21.121  1.00 37.04 ? 75  ARG B NE  1 
ATOM   1275 C  CZ  . ARG B 1 75 ? 12.509  -13.703 21.242  1.00 38.04 ? 75  ARG B CZ  1 
ATOM   1276 N  NH1 . ARG B 1 75 ? 13.416  -12.737 21.327  1.00 37.73 ? 75  ARG B NH1 1 
ATOM   1277 N  NH2 . ARG B 1 75 ? 12.888  -14.973 21.305  1.00 33.77 ? 75  ARG B NH2 1 
ATOM   1278 N  N   . ARG B 1 76 ? 9.427   -10.664 15.331  1.00 29.52 ? 76  ARG B N   1 
ATOM   1279 C  CA  . ARG B 1 76 ? 9.501   -10.911 13.898  1.00 29.94 ? 76  ARG B CA  1 
ATOM   1280 C  C   . ARG B 1 76 ? 9.145   -9.607  13.197  1.00 28.82 ? 76  ARG B C   1 
ATOM   1281 O  O   . ARG B 1 76 ? 8.362   -8.817  13.710  1.00 30.01 ? 76  ARG B O   1 
ATOM   1282 C  CB  . ARG B 1 76 ? 8.504   -12.002 13.502  1.00 33.39 ? 76  ARG B CB  1 
ATOM   1283 C  CG  . ARG B 1 76 ? 8.920   -13.419 13.886  1.00 37.46 ? 76  ARG B CG  1 
ATOM   1284 C  CD  . ARG B 1 76 ? 7.761   -14.397 13.714  1.00 41.10 ? 76  ARG B CD  1 
ATOM   1285 N  NE  . ARG B 1 76 ? 8.217   -15.763 13.455  1.00 44.69 ? 76  ARG B NE  1 
ATOM   1286 C  CZ  . ARG B 1 76 ? 8.624   -16.205 12.267  1.00 46.08 ? 76  ARG B CZ  1 
ATOM   1287 N  NH1 . ARG B 1 76 ? 8.634   -15.390 11.218  1.00 48.51 ? 76  ARG B NH1 1 
ATOM   1288 N  NH2 . ARG B 1 76 ? 9.025   -17.460 12.124  1.00 46.32 ? 76  ARG B NH2 1 
ATOM   1289 N  N   . ARG B 1 77 ? 9.719   -9.379  12.023  1.00 26.75 ? 77  ARG B N   1 
ATOM   1290 C  CA  . ARG B 1 77 ? 9.441   -8.158  11.281  1.00 24.56 ? 77  ARG B CA  1 
ATOM   1291 C  C   . ARG B 1 77 ? 8.232   -8.375  10.365  1.00 23.58 ? 77  ARG B C   1 
ATOM   1292 O  O   . ARG B 1 77 ? 8.127   -9.400  9.688   1.00 22.15 ? 77  ARG B O   1 
ATOM   1293 C  CB  . ARG B 1 77 ? 10.675  -7.764  10.459  1.00 24.80 ? 77  ARG B CB  1 
ATOM   1294 C  CG  . ARG B 1 77 ? 10.571  -6.439  9.737   1.00 25.25 ? 77  ARG B CG  1 
ATOM   1295 C  CD  . ARG B 1 77 ? 11.893  -6.130  9.036   1.00 24.93 ? 77  ARG B CD  1 
ATOM   1296 N  NE  . ARG B 1 77 ? 12.953  -5.755  9.971   1.00 23.24 ? 77  ARG B NE  1 
ATOM   1297 C  CZ  . ARG B 1 77 ? 14.234  -6.059  9.791   1.00 23.40 ? 77  ARG B CZ  1 
ATOM   1298 N  NH1 . ARG B 1 77 ? 14.596  -6.769  8.735   1.00 24.14 ? 77  ARG B NH1 1 
ATOM   1299 N  NH2 . ARG B 1 77 ? 15.146  -5.681  10.677  1.00 20.96 ? 77  ARG B NH2 1 
ATOM   1300 N  N   . ILE B 1 78 ? 7.314   -7.415  10.365  1.00 21.82 ? 78  ILE B N   1 
ATOM   1301 C  CA  . ILE B 1 78 ? 6.123   -7.509  9.530   1.00 20.80 ? 78  ILE B CA  1 
ATOM   1302 C  C   . ILE B 1 78 ? 5.826   -6.152  8.897   1.00 19.20 ? 78  ILE B C   1 
ATOM   1303 O  O   . ILE B 1 78 ? 6.040   -5.115  9.515   1.00 20.86 ? 78  ILE B O   1 
ATOM   1304 C  CB  . ILE B 1 78 ? 4.905   -8.028  10.362  1.00 22.14 ? 78  ILE B CB  1 
ATOM   1305 C  CG1 . ILE B 1 78 ? 3.792   -8.488  9.415   1.00 24.35 ? 78  ILE B CG1 1 
ATOM   1306 C  CG2 . ILE B 1 78 ? 4.391   -6.953  11.305  1.00 20.55 ? 78  ILE B CG2 1 
ATOM   1307 C  CD1 . ILE B 1 78 ? 2.680   -9.265  10.104  1.00 26.73 ? 78  ILE B CD1 1 
ATOM   1308 N  N   . SER B 1 79 ? 5.380   -6.156  7.644   1.00 18.45 ? 79  SER B N   1 
ATOM   1309 C  CA  . SER B 1 79 ? 5.071   -4.906  6.956   1.00 17.31 ? 79  SER B CA  1 
ATOM   1310 C  C   . SER B 1 79 ? 3.693   -4.369  7.354   1.00 19.68 ? 79  SER B C   1 
ATOM   1311 O  O   . SER B 1 79 ? 2.803   -5.124  7.775   1.00 18.36 ? 79  SER B O   1 
ATOM   1312 C  CB  . SER B 1 79 ? 5.098   -5.106  5.437   1.00 14.22 ? 79  SER B CB  1 
ATOM   1313 O  OG  . SER B 1 79 ? 6.334   -5.647  5.001   1.00 15.05 ? 79  SER B OG  1 
ATOM   1314 N  N   . TYR B 1 80 ? 3.531   -3.059  7.218   1.00 20.03 ? 80  TYR B N   1 
ATOM   1315 C  CA  . TYR B 1 80 ? 2.265   -2.408  7.524   1.00 20.83 ? 80  TYR B CA  1 
ATOM   1316 C  C   . TYR B 1 80 ? 2.040   -1.282  6.532   1.00 21.33 ? 80  TYR B C   1 
ATOM   1317 O  O   . TYR B 1 80 ? 2.966   -0.847  5.854   1.00 20.59 ? 80  TYR B O   1 
ATOM   1318 C  CB  . TYR B 1 80 ? 2.279   -1.847  8.949   1.00 19.31 ? 80  TYR B CB  1 
ATOM   1319 C  CG  . TYR B 1 80 ? 3.100   -0.589  9.145   1.00 23.35 ? 80  TYR B CG  1 
ATOM   1320 C  CD1 . TYR B 1 80 ? 2.593   0.662   8.791   1.00 26.38 ? 80  TYR B CD1 1 
ATOM   1321 C  CD2 . TYR B 1 80 ? 4.383   -0.648  9.694   1.00 25.34 ? 80  TYR B CD2 1 
ATOM   1322 C  CE1 . TYR B 1 80 ? 3.340   1.823   8.977   1.00 26.87 ? 80  TYR B CE1 1 
ATOM   1323 C  CE2 . TYR B 1 80 ? 5.138   0.507   9.885   1.00 25.01 ? 80  TYR B CE2 1 
ATOM   1324 C  CZ  . TYR B 1 80 ? 4.611   1.738   9.523   1.00 27.33 ? 80  TYR B CZ  1 
ATOM   1325 O  OH  . TYR B 1 80 ? 5.358   2.882   9.689   1.00 26.16 ? 80  TYR B OH  1 
ATOM   1326 N  N   . ILE B 1 81 ? 0.791   -0.839  6.429   1.00 21.65 ? 81  ILE B N   1 
ATOM   1327 C  CA  . ILE B 1 81 ? 0.433   0.270   5.563   1.00 22.88 ? 81  ILE B CA  1 
ATOM   1328 C  C   . ILE B 1 81 ? -0.549  1.081   6.387   1.00 23.67 ? 81  ILE B C   1 
ATOM   1329 O  O   . ILE B 1 81 ? -1.309  0.525   7.185   1.00 24.94 ? 81  ILE B O   1 
ATOM   1330 C  CB  . ILE B 1 81 ? -0.236  -0.187  4.233   1.00 23.22 ? 81  ILE B CB  1 
ATOM   1331 C  CG1 . ILE B 1 81 ? -0.443  1.026   3.319   1.00 20.19 ? 81  ILE B CG1 1 
ATOM   1332 C  CG2 . ILE B 1 81 ? -1.583  -0.844  4.506   1.00 22.94 ? 81  ILE B CG2 1 
ATOM   1333 C  CD1 . ILE B 1 81 ? -0.604  0.680   1.860   1.00 18.92 ? 81  ILE B CD1 1 
ATOM   1334 N  N   . LEU B 1 82 ? -0.491  2.396   6.241   1.00 25.01 ? 82  LEU B N   1 
ATOM   1335 C  CA  . LEU B 1 82 ? -1.387  3.291   6.962   1.00 26.32 ? 82  LEU B CA  1 
ATOM   1336 C  C   . LEU B 1 82 ? -1.974  4.269   5.968   1.00 25.81 ? 82  LEU B C   1 
ATOM   1337 O  O   . LEU B 1 82 ? -1.248  4.893   5.195   1.00 25.94 ? 82  LEU B O   1 
ATOM   1338 C  CB  . LEU B 1 82 ? -0.647  4.083   8.048   1.00 29.23 ? 82  LEU B CB  1 
ATOM   1339 C  CG  . LEU B 1 82 ? -0.381  3.460   9.419   1.00 32.66 ? 82  LEU B CG  1 
ATOM   1340 C  CD1 . LEU B 1 82 ? 0.373   4.452   10.292  1.00 32.76 ? 82  LEU B CD1 1 
ATOM   1341 C  CD2 . LEU B 1 82 ? -1.694  3.094   10.081  1.00 36.40 ? 82  LEU B CD2 1 
ATOM   1342 N  N   . LEU B 1 83 ? -3.296  4.379   5.984   1.00 27.81 ? 83  LEU B N   1 
ATOM   1343 C  CA  . LEU B 1 83 ? -4.002  5.298   5.110   1.00 27.38 ? 83  LEU B CA  1 
ATOM   1344 C  C   . LEU B 1 83 ? -4.741  6.288   6.010   1.00 29.46 ? 83  LEU B C   1 
ATOM   1345 O  O   . LEU B 1 83 ? -5.660  5.922   6.750   1.00 27.62 ? 83  LEU B O   1 
ATOM   1346 C  CB  . LEU B 1 83 ? -4.980  4.538   4.211   1.00 29.87 ? 83  LEU B CB  1 
ATOM   1347 C  CG  . LEU B 1 83 ? -4.347  3.453   3.330   1.00 28.55 ? 83  LEU B CG  1 
ATOM   1348 C  CD1 . LEU B 1 83 ? -4.448  2.110   4.028   1.00 29.75 ? 83  LEU B CD1 1 
ATOM   1349 C  CD2 . LEU B 1 83 ? -5.037  3.392   1.986   1.00 29.07 ? 83  LEU B CD2 1 
ATOM   1350 N  N   . ARG B 1 84 ? -4.292  7.540   5.971   1.00 29.61 ? 84  ARG B N   1 
ATOM   1351 C  CA  . ARG B 1 84 ? -4.877  8.608   6.769   1.00 31.24 ? 84  ARG B CA  1 
ATOM   1352 C  C   . ARG B 1 84 ? -6.000  9.195   5.919   1.00 31.95 ? 84  ARG B C   1 
ATOM   1353 O  O   . ARG B 1 84 ? -5.749  9.762   4.854   1.00 31.31 ? 84  ARG B O   1 
ATOM   1354 C  CB  . ARG B 1 84 ? -3.799  9.653   7.078   1.00 31.92 ? 84  ARG B CB  1 
ATOM   1355 C  CG  . ARG B 1 84 ? -4.201  10.724  8.069   1.00 35.25 ? 84  ARG B CG  1 
ATOM   1356 C  CD  . ARG B 1 84 ? -3.023  11.099  8.963   1.00 35.62 ? 84  ARG B CD  1 
ATOM   1357 N  NE  . ARG B 1 84 ? -3.259  12.332  9.715   1.00 37.03 ? 84  ARG B NE  1 
ATOM   1358 C  CZ  . ARG B 1 84 ? -2.869  13.537  9.314   1.00 36.68 ? 84  ARG B CZ  1 
ATOM   1359 N  NH1 . ARG B 1 84 ? -2.214  13.677  8.168   1.00 38.34 ? 84  ARG B NH1 1 
ATOM   1360 N  NH2 . ARG B 1 84 ? -3.141  14.605  10.050  1.00 37.63 ? 84  ARG B NH2 1 
ATOM   1361 N  N   . LEU B 1 85 ? -7.235  9.037   6.389   1.00 33.37 ? 85  LEU B N   1 
ATOM   1362 C  CA  . LEU B 1 85 ? -8.408  9.501   5.652   1.00 34.43 ? 85  LEU B CA  1 
ATOM   1363 C  C   . LEU B 1 85 ? -9.098  10.705  6.285   1.00 35.96 ? 85  LEU B C   1 
ATOM   1364 O  O   . LEU B 1 85 ? -9.277  10.764  7.503   1.00 34.74 ? 85  LEU B O   1 
ATOM   1365 C  CB  . LEU B 1 85 ? -9.418  8.358   5.535   1.00 33.79 ? 85  LEU B CB  1 
ATOM   1366 C  CG  . LEU B 1 85 ? -8.883  6.996   5.078   1.00 32.83 ? 85  LEU B CG  1 
ATOM   1367 C  CD1 . LEU B 1 85 ? -9.898  5.916   5.425   1.00 33.89 ? 85  LEU B CD1 1 
ATOM   1368 C  CD2 . LEU B 1 85 ? -8.589  7.022   3.580   1.00 31.75 ? 85  LEU B CD2 1 
ATOM   1369 N  N   . LYS B 1 86 ? -9.504  11.649  5.439   1.00 38.14 ? 86  LYS B N   1 
ATOM   1370 C  CA  . LYS B 1 86 ? -10.186 12.856  5.900   1.00 42.58 ? 86  LYS B CA  1 
ATOM   1371 C  C   . LYS B 1 86 ? -11.652 12.836  5.463   1.00 43.98 ? 86  LYS B C   1 
ATOM   1372 O  O   . LYS B 1 86 ? -11.956 12.601  4.291   1.00 44.20 ? 86  LYS B O   1 
ATOM   1373 C  CB  . LYS B 1 86 ? -9.479  14.100  5.348   1.00 42.98 ? 86  LYS B CB  1 
ATOM   1374 C  CG  . LYS B 1 86 ? -10.141 15.417  5.741   1.00 44.84 ? 86  LYS B CG  1 
ATOM   1375 C  CD  . LYS B 1 86 ? -9.191  16.599  5.587   1.00 46.25 ? 86  LYS B CD  1 
ATOM   1376 C  CE  . LYS B 1 86 ? -8.681  16.759  4.165   1.00 46.52 ? 86  LYS B CE  1 
ATOM   1377 N  NZ  . LYS B 1 86 ? -7.755  17.925  4.067   1.00 47.67 ? 86  LYS B NZ  1 
ATOM   1378 N  N   . ARG B 1 87 ? -12.547 13.101  6.411   1.00 47.10 ? 87  ARG B N   1 
ATOM   1379 C  CA  . ARG B 1 87 ? -13.987 13.083  6.160   1.00 51.79 ? 87  ARG B CA  1 
ATOM   1380 C  C   . ARG B 1 87 ? -14.512 13.967  5.030   1.00 54.51 ? 87  ARG B C   1 
ATOM   1381 O  O   . ARG B 1 87 ? -15.359 13.530  4.257   1.00 55.41 ? 87  ARG B O   1 
ATOM   1382 C  CB  . ARG B 1 87 ? -14.749 13.401  7.455   1.00 51.81 ? 87  ARG B CB  1 
ATOM   1383 C  CG  . ARG B 1 87 ? -16.262 13.222  7.340   1.00 52.38 ? 87  ARG B CG  1 
ATOM   1384 C  CD  . ARG B 1 87 ? -16.900 12.970  8.698   1.00 53.63 ? 87  ARG B CD  1 
ATOM   1385 N  NE  . ARG B 1 87 ? -16.871 14.137  9.576   1.00 54.81 ? 87  ARG B NE  1 
ATOM   1386 C  CZ  . ARG B 1 87 ? -17.686 15.183  9.459   1.00 54.78 ? 87  ARG B CZ  1 
ATOM   1387 N  NH1 . ARG B 1 87 ? -18.604 15.208  8.502   1.00 55.36 ? 87  ARG B NH1 1 
ATOM   1388 N  NH2 . ARG B 1 87 ? -17.586 16.200  10.304  1.00 53.13 ? 87  ARG B NH2 1 
ATOM   1389 N  N   . VAL B 1 88 ? -14.028 15.201  4.933   1.00 57.56 ? 88  VAL B N   1 
ATOM   1390 C  CA  . VAL B 1 88 ? -14.484 16.112  3.882   1.00 60.45 ? 88  VAL B CA  1 
ATOM   1391 C  C   . VAL B 1 88 ? -16.004 16.305  3.968   1.00 62.87 ? 88  VAL B C   1 
ATOM   1392 O  O   . VAL B 1 88 ? -16.769 15.651  3.255   1.00 63.56 ? 88  VAL B O   1 
ATOM   1393 C  CB  . VAL B 1 88 ? -14.122 15.572  2.476   1.00 60.03 ? 88  VAL B CB  1 
ATOM   1394 C  CG1 . VAL B 1 88 ? -14.503 16.588  1.412   1.00 60.63 ? 88  VAL B CG1 1 
ATOM   1395 C  CG2 . VAL B 1 88 ? -12.635 15.265  2.402   1.00 59.95 ? 88  VAL B CG2 1 
ATOM   1396 N  N   . TYR B 1 89 ? -16.429 17.212  4.844   1.00 65.65 ? 89  TYR B N   1 
ATOM   1397 C  CA  . TYR B 1 89 ? -17.849 17.497  5.055   1.00 68.15 ? 89  TYR B CA  1 
ATOM   1398 C  C   . TYR B 1 89 ? -18.266 18.875  4.543   1.00 68.94 ? 89  TYR B C   1 
ATOM   1399 O  O   . TYR B 1 89 ? -17.382 19.647  4.114   1.00 69.38 ? 89  TYR B O   1 
ATOM   1400 C  CB  . TYR B 1 89 ? -18.171 17.396  6.547   1.00 69.31 ? 89  TYR B CB  1 
ATOM   1401 C  CG  . TYR B 1 89 ? -17.308 18.295  7.409   1.00 71.49 ? 89  TYR B CG  1 
ATOM   1402 C  CD1 . TYR B 1 89 ? -17.511 19.676  7.440   1.00 72.60 ? 89  TYR B CD1 1 
ATOM   1403 C  CD2 . TYR B 1 89 ? -16.262 17.767  8.168   1.00 71.93 ? 89  TYR B CD2 1 
ATOM   1404 C  CE1 . TYR B 1 89 ? -16.688 20.513  8.208   1.00 73.12 ? 89  TYR B CE1 1 
ATOM   1405 C  CE2 . TYR B 1 89 ? -15.435 18.590  8.938   1.00 72.68 ? 89  TYR B CE2 1 
ATOM   1406 C  CZ  . TYR B 1 89 ? -15.651 19.961  8.955   1.00 72.89 ? 89  TYR B CZ  1 
ATOM   1407 O  OH  . TYR B 1 89 ? -14.830 20.772  9.710   1.00 72.19 ? 89  TYR B OH  1 
ATOM   1408 O  OXT . TYR B 1 89 ? -19.480 19.170  4.593   1.00 69.65 ? 89  TYR B OXT 1 
HETATM 1409 ZN ZN  . ZN  C 2 .  ? 14.356  -11.617 -10.796 1.00 17.89 ? 101 ZN  A ZN  1 
HETATM 1410 O  O   . HOH D 3 .  ? 10.444  -7.627  3.333   1.00 19.17 ? 201 HOH A O   1 
HETATM 1411 O  O   . HOH D 3 .  ? 8.290   -14.125 -1.541  1.00 19.90 ? 203 HOH A O   1 
HETATM 1412 O  O   . HOH D 3 .  ? 9.383   -12.629 4.115   1.00 14.96 ? 204 HOH A O   1 
HETATM 1413 O  O   . HOH D 3 .  ? 9.002   -10.187 3.287   1.00 20.54 ? 205 HOH A O   1 
HETATM 1414 O  O   . HOH D 3 .  ? 12.933  -4.293  6.342   1.00 29.22 ? 209 HOH A O   1 
HETATM 1415 O  O   . HOH D 3 .  ? 12.178  5.751   2.185   1.00 28.24 ? 210 HOH A O   1 
HETATM 1416 O  O   . HOH D 3 .  ? 23.574  9.732   0.783   1.00 33.84 ? 211 HOH A O   1 
HETATM 1417 O  O   . HOH D 3 .  ? 5.120   -11.130 0.483   1.00 25.36 ? 212 HOH A O   1 
HETATM 1418 O  O   . HOH D 3 .  ? 16.598  5.489   6.299   1.00 33.73 ? 215 HOH A O   1 
HETATM 1419 O  O   . HOH D 3 .  ? 14.245  5.874   -13.955 1.00 38.22 ? 216 HOH A O   1 
HETATM 1420 O  O   . HOH D 3 .  ? 13.979  -5.159  -15.007 1.00 38.46 ? 217 HOH A O   1 
HETATM 1421 O  O   . HOH D 3 .  ? 21.288  -6.802  -7.007  1.00 14.32 ? 218 HOH A O   1 
HETATM 1422 O  O   . HOH D 3 .  ? 23.559  -5.867  -8.043  1.00 20.06 ? 219 HOH A O   1 
HETATM 1423 O  O   . HOH D 3 .  ? 20.965  5.124   -9.764  1.00 37.01 ? 221 HOH A O   1 
HETATM 1424 O  O   . HOH D 3 .  ? 11.993  -2.984  -15.446 1.00 43.33 ? 222 HOH A O   1 
HETATM 1425 O  O   . HOH D 3 .  ? 15.066  -8.040  4.287   1.00 27.18 ? 223 HOH A O   1 
HETATM 1426 O  O   . HOH D 3 .  ? 24.513  -4.886  -10.719 1.00 25.74 ? 224 HOH A O   1 
HETATM 1427 O  O   . HOH D 3 .  ? 16.532  -5.960  -13.101 1.00 18.05 ? 225 HOH A O   1 
HETATM 1428 O  O   . HOH D 3 .  ? 7.407   -7.728  -13.757 1.00 44.15 ? 226 HOH A O   1 
HETATM 1429 O  O   . HOH D 3 .  ? 14.122  -10.253 1.158   1.00 22.89 ? 227 HOH A O   1 
HETATM 1430 O  O   . HOH D 3 .  ? -2.251  -9.966  0.537   1.00 22.33 ? 228 HOH A O   1 
HETATM 1431 O  O   . HOH D 3 .  ? 11.181  -0.135  6.036   1.00 35.55 ? 229 HOH A O   1 
HETATM 1432 O  O   . HOH D 3 .  ? 6.443   -13.449 0.532   1.00 28.49 ? 235 HOH A O   1 
HETATM 1433 O  O   . HOH D 3 .  ? 12.313  -16.041 -7.299  1.00 29.76 ? 236 HOH A O   1 
HETATM 1434 O  O   . HOH D 3 .  ? 16.528  6.930   -14.595 1.00 46.94 ? 237 HOH A O   1 
HETATM 1435 O  O   . HOH D 3 .  ? 1.049   -7.716  -8.998  1.00 29.10 ? 238 HOH A O   1 
HETATM 1436 O  O   . HOH D 3 .  ? 20.100  -12.608 -1.313  1.00 46.21 ? 240 HOH A O   1 
HETATM 1437 O  O   . HOH D 3 .  ? 11.674  -8.039  -10.989 1.00 29.46 ? 242 HOH A O   1 
HETATM 1438 O  O   . HOH D 3 .  ? 7.109   11.970  -7.867  1.00 37.12 ? 243 HOH A O   1 
HETATM 1439 O  O   . HOH D 3 .  ? 3.453   -14.786 -3.631  1.00 52.71 ? 244 HOH A O   1 
HETATM 1440 O  O   . HOH D 3 .  ? -6.784  4.265   -11.368 1.00 44.49 ? 246 HOH A O   1 
HETATM 1441 O  O   . HOH D 3 .  ? 24.071  2.218   -7.158  1.00 47.54 ? 247 HOH A O   1 
HETATM 1442 O  O   . HOH D 3 .  ? 1.322   -13.147 -3.255  1.00 46.62 ? 252 HOH A O   1 
HETATM 1443 O  O   . HOH D 3 .  ? 0.947   -11.482 -1.542  1.00 32.94 ? 254 HOH A O   1 
HETATM 1444 O  O   . HOH D 3 .  ? 10.064  3.064   5.359   1.00 56.89 ? 258 HOH A O   1 
HETATM 1445 O  O   . HOH D 3 .  ? -0.245  -7.470  -11.551 1.00 46.06 ? 259 HOH A O   1 
HETATM 1446 O  O   . HOH D 3 .  ? 3.766   5.763   -7.160  1.00 53.32 ? 261 HOH A O   1 
HETATM 1447 O  O   . HOH D 3 .  ? -0.822  -10.339 -9.075  1.00 33.11 ? 262 HOH A O   1 
HETATM 1448 O  O   . HOH D 3 .  ? 5.387   11.564  -1.004  1.00 50.57 ? 263 HOH A O   1 
HETATM 1449 O  O   . HOH D 3 .  ? -4.669  -11.173 -6.093  1.00 33.33 ? 264 HOH A O   1 
HETATM 1450 O  O   . HOH D 3 .  ? 8.968   -8.874  -11.760 1.00 53.75 ? 265 HOH A O   1 
HETATM 1451 O  O   . HOH D 3 .  ? -8.124  4.470   -9.158  1.00 45.05 ? 267 HOH A O   1 
HETATM 1452 O  O   . HOH D 3 .  ? -3.695  7.281   -7.132  1.00 44.97 ? 271 HOH A O   1 
HETATM 1453 O  O   . HOH D 3 .  ? 3.247   -14.984 -11.969 1.00 42.34 ? 273 HOH A O   1 
HETATM 1454 O  O   . HOH D 3 .  ? 8.839   -14.816 -13.493 1.00 69.17 ? 274 HOH A O   1 
HETATM 1455 O  O   . HOH D 3 .  ? 8.752   -18.165 -6.124  1.00 43.71 ? 275 HOH A O   1 
HETATM 1456 O  O   . HOH D 3 .  ? 9.153   -19.395 -3.920  1.00 67.44 ? 276 HOH A O   1 
HETATM 1457 O  O   . HOH D 3 .  ? 11.268  -18.761 -2.425  1.00 30.30 ? 277 HOH A O   1 
HETATM 1458 O  O   . HOH D 3 .  ? 7.624   -16.367 -4.222  1.00 34.58 ? 278 HOH A O   1 
HETATM 1459 O  O   . HOH D 3 .  ? 7.917   -16.778 -1.722  1.00 25.79 ? 279 HOH A O   1 
HETATM 1460 O  O   . HOH D 3 .  ? 15.653  -14.993 -4.505  1.00 25.34 ? 280 HOH A O   1 
HETATM 1461 O  O   . HOH D 3 .  ? 25.681  1.159   -5.129  1.00 41.85 ? 281 HOH A O   1 
HETATM 1462 O  O   . HOH D 3 .  ? 17.059  -6.712  3.164   1.00 31.42 ? 282 HOH A O   1 
HETATM 1463 O  O   . HOH D 3 .  ? 22.748  2.537   0.414   1.00 39.24 ? 288 HOH A O   1 
HETATM 1464 O  O   . HOH D 3 .  ? 21.438  4.503   5.765   1.00 34.62 ? 289 HOH A O   1 
HETATM 1465 O  O   . HOH D 3 .  ? -17.024 -10.731 -13.177 1.00 53.33 ? 297 HOH A O   1 
HETATM 1466 O  O   . HOH D 3 .  ? -10.413 -7.973  -8.767  1.00 55.79 ? 299 HOH A O   1 
HETATM 1467 O  O   . HOH D 3 .  ? 22.462  1.537   4.732   1.00 35.95 ? 300 HOH A O   1 
HETATM 1468 O  O   . HOH D 3 .  ? 19.128  -0.181  6.803   1.00 39.71 ? 303 HOH A O   1 
HETATM 1469 O  O   . HOH D 3 .  ? 14.522  -2.678  8.391   1.00 35.77 ? 305 HOH A O   1 
HETATM 1470 O  O   . HOH D 3 .  ? 13.576  -20.101 -2.823  1.00 49.70 ? 306 HOH A O   1 
HETATM 1471 O  O   . HOH D 3 .  ? 23.768  6.162   -1.043  1.00 38.78 ? 308 HOH A O   1 
HETATM 1472 O  O   . HOH D 3 .  ? 26.273  2.369   -1.607  1.00 50.09 ? 309 HOH A O   1 
HETATM 1473 O  O   . HOH D 3 .  ? 2.260   -11.420 0.892   1.00 45.50 ? 311 HOH A O   1 
HETATM 1474 O  O   . HOH D 3 .  ? 8.740   14.736  -8.532  1.00 46.73 ? 314 HOH A O   1 
HETATM 1475 O  O   . HOH D 3 .  ? 8.199   -19.976 -8.171  1.00 39.66 ? 316 HOH A O   1 
HETATM 1476 O  O   . HOH D 3 .  ? 22.239  0.331   -5.468  1.00 36.37 ? 323 HOH A O   1 
HETATM 1477 O  O   . HOH D 3 .  ? 18.718  3.671   7.467   1.00 41.07 ? 324 HOH A O   1 
HETATM 1478 O  O   . HOH D 3 .  ? 3.536   13.508  -2.080  1.00 51.96 ? 325 HOH A O   1 
HETATM 1479 O  O   . HOH D 3 .  ? -10.384 -8.214  -19.383 1.00 51.91 ? 327 HOH A O   1 
HETATM 1480 O  O   . HOH D 3 .  ? 23.536  4.148   4.369   1.00 58.18 ? 330 HOH A O   1 
HETATM 1481 O  O   . HOH D 3 .  ? 13.269  8.595   2.029   1.00 57.08 ? 331 HOH A O   1 
HETATM 1482 O  O   . HOH D 3 .  ? 27.362  -5.660  -8.267  1.00 47.58 ? 332 HOH A O   1 
HETATM 1483 O  O   . HOH D 3 .  ? 1.796   -15.248 -14.397 1.00 50.26 ? 335 HOH A O   1 
HETATM 1484 O  O   . HOH D 3 .  ? -7.110  -15.092 -13.447 1.00 47.67 ? 336 HOH A O   1 
HETATM 1485 O  O   . HOH D 3 .  ? 2.209   -10.460 -13.840 1.00 59.55 ? 337 HOH A O   1 
HETATM 1486 O  O   . HOH D 3 .  ? 23.039  6.798   6.607   1.00 47.81 ? 338 HOH A O   1 
HETATM 1487 O  O   . HOH D 3 .  ? -17.044 -14.896 -9.087  1.00 54.69 ? 340 HOH A O   1 
HETATM 1488 O  O   . HOH D 3 .  ? 19.735  -0.997  9.179   1.00 39.00 ? 343 HOH A O   1 
HETATM 1489 O  O   . HOH D 3 .  ? 4.604   -20.112 -7.339  1.00 49.77 ? 344 HOH A O   1 
HETATM 1490 O  O   . HOH D 3 .  ? -6.963  2.640   -13.665 1.00 58.18 ? 349 HOH A O   1 
HETATM 1491 O  O   . HOH E 3 .  ? 5.979   5.634   3.785   1.00 26.75 ? 202 HOH B O   1 
HETATM 1492 O  O   . HOH E 3 .  ? -3.979  -5.807  9.714   1.00 19.98 ? 206 HOH B O   1 
HETATM 1493 O  O   . HOH E 3 .  ? -2.231  3.433   17.642  1.00 48.32 ? 207 HOH B O   1 
HETATM 1494 O  O   . HOH E 3 .  ? 10.447  -7.277  5.925   1.00 23.35 ? 208 HOH B O   1 
HETATM 1495 O  O   . HOH E 3 .  ? 5.242   -8.749  6.160   1.00 25.13 ? 213 HOH B O   1 
HETATM 1496 O  O   . HOH E 3 .  ? -17.995 -6.996  -2.701  1.00 45.22 ? 214 HOH B O   1 
HETATM 1497 O  O   . HOH E 3 .  ? -11.280 -9.727  0.597   1.00 32.50 ? 220 HOH B O   1 
HETATM 1498 O  O   . HOH E 3 .  ? -17.300 -4.090  12.734  1.00 32.58 ? 230 HOH B O   1 
HETATM 1499 O  O   . HOH E 3 .  ? -7.996  -5.948  -4.915  1.00 37.34 ? 231 HOH B O   1 
HETATM 1500 O  O   . HOH E 3 .  ? -9.336  -8.087  0.572   1.00 26.03 ? 232 HOH B O   1 
HETATM 1501 O  O   . HOH E 3 .  ? -8.732  10.530  -1.834  1.00 35.36 ? 233 HOH B O   1 
HETATM 1502 O  O   . HOH E 3 .  ? 7.747   -9.135  6.358   1.00 32.29 ? 234 HOH B O   1 
HETATM 1503 O  O   . HOH E 3 .  ? -8.793  -11.345 12.738  1.00 35.80 ? 239 HOH B O   1 
HETATM 1504 O  O   . HOH E 3 .  ? 8.481   -6.056  6.655   1.00 33.65 ? 241 HOH B O   1 
HETATM 1505 O  O   . HOH E 3 .  ? -4.615  17.091  10.649  1.00 39.40 ? 245 HOH B O   1 
HETATM 1506 O  O   . HOH E 3 .  ? -12.679 -11.442 4.675   1.00 30.79 ? 248 HOH B O   1 
HETATM 1507 O  O   . HOH E 3 .  ? -15.603 -8.615  0.061   1.00 43.40 ? 249 HOH B O   1 
HETATM 1508 O  O   . HOH E 3 .  ? 3.046   4.665   12.081  1.00 33.90 ? 250 HOH B O   1 
HETATM 1509 O  O   . HOH E 3 .  ? -6.275  -9.915  11.833  1.00 37.51 ? 251 HOH B O   1 
HETATM 1510 O  O   . HOH E 3 .  ? -11.540 -3.678  12.517  1.00 32.35 ? 253 HOH B O   1 
HETATM 1511 O  O   . HOH E 3 .  ? -22.422 6.917   13.419  1.00 49.62 ? 255 HOH B O   1 
HETATM 1512 O  O   . HOH E 3 .  ? -17.778 -12.044 6.663   1.00 50.62 ? 256 HOH B O   1 
HETATM 1513 O  O   . HOH E 3 .  ? -3.501  -8.774  10.530  1.00 37.95 ? 257 HOH B O   1 
HETATM 1514 O  O   . HOH E 3 .  ? 7.562   4.454   7.009   1.00 49.16 ? 260 HOH B O   1 
HETATM 1515 O  O   . HOH E 3 .  ? 10.499  -16.072 21.206  1.00 43.29 ? 266 HOH B O   1 
HETATM 1516 O  O   . HOH E 3 .  ? -17.628 -1.021  -3.601  1.00 38.17 ? 268 HOH B O   1 
HETATM 1517 O  O   . HOH E 3 .  ? 0.795   9.758   0.105   1.00 41.36 ? 269 HOH B O   1 
HETATM 1518 O  O   . HOH E 3 .  ? 2.641   9.808   4.795   1.00 46.99 ? 270 HOH B O   1 
HETATM 1519 O  O   . HOH E 3 .  ? 9.436   1.204   8.499   1.00 30.67 ? 272 HOH B O   1 
HETATM 1520 O  O   . HOH E 3 .  ? -5.692  10.675  13.944  1.00 38.52 ? 283 HOH B O   1 
HETATM 1521 O  O   . HOH E 3 .  ? -24.065 6.280   11.540  1.00 33.75 ? 284 HOH B O   1 
HETATM 1522 O  O   . HOH E 3 .  ? -2.510  -5.427  12.347  1.00 36.51 ? 285 HOH B O   1 
HETATM 1523 O  O   . HOH E 3 .  ? -5.920  -9.814  2.460   1.00 43.23 ? 286 HOH B O   1 
HETATM 1524 O  O   . HOH E 3 .  ? -3.206  -7.534  14.387  1.00 52.83 ? 287 HOH B O   1 
HETATM 1525 O  O   . HOH E 3 .  ? -1.650  -3.689  22.427  1.00 55.59 ? 290 HOH B O   1 
HETATM 1526 O  O   . HOH E 3 .  ? -1.809  -0.203  22.168  1.00 42.25 ? 291 HOH B O   1 
HETATM 1527 O  O   . HOH E 3 .  ? -3.745  2.023   21.058  1.00 57.65 ? 292 HOH B O   1 
HETATM 1528 O  O   . HOH E 3 .  ? -16.657 -12.519 10.680  1.00 62.19 ? 293 HOH B O   1 
HETATM 1529 O  O   . HOH E 3 .  ? -17.240 -9.333  8.387   1.00 31.35 ? 294 HOH B O   1 
HETATM 1530 O  O   . HOH E 3 .  ? -12.346 14.954  14.472  1.00 51.97 ? 295 HOH B O   1 
HETATM 1531 O  O   . HOH E 3 .  ? -17.756 -12.014 2.860   0.50 38.94 ? 296 HOH B O   1 
HETATM 1532 O  O   . HOH E 3 .  ? -12.296 -2.434  -3.440  1.00 38.92 ? 298 HOH B O   1 
HETATM 1533 O  O   . HOH E 3 .  ? -14.091 -9.232  1.915   1.00 30.27 ? 301 HOH B O   1 
HETATM 1534 O  O   . HOH E 3 .  ? -7.775  -6.202  15.300  1.00 41.27 ? 302 HOH B O   1 
HETATM 1535 O  O   . HOH E 3 .  ? -18.808 11.504  -7.329  1.00 54.81 ? 304 HOH B O   1 
HETATM 1536 O  O   . HOH E 3 .  ? -20.134 15.815  -5.025  1.00 53.95 ? 307 HOH B O   1 
HETATM 1537 O  O   . HOH E 3 .  ? -9.862  -1.415  14.954  1.00 45.48 ? 310 HOH B O   1 
HETATM 1538 O  O   . HOH E 3 .  ? 4.457   -12.043 12.345  1.00 43.57 ? 312 HOH B O   1 
HETATM 1539 O  O   . HOH E 3 .  ? -25.572 11.285  11.715  1.00 50.80 ? 313 HOH B O   1 
HETATM 1540 O  O   . HOH E 3 .  ? -20.400 9.791   -5.040  1.00 47.72 ? 315 HOH B O   1 
HETATM 1541 O  O   . HOH E 3 .  ? -4.640  17.269  7.923   1.00 37.78 ? 317 HOH B O   1 
HETATM 1542 O  O   . HOH E 3 .  ? -0.701  -10.971 8.107   1.00 49.44 ? 318 HOH B O   1 
HETATM 1543 O  O   . HOH E 3 .  ? -7.042  -8.449  -3.013  1.00 44.30 ? 319 HOH B O   1 
HETATM 1544 O  O   . HOH E 3 .  ? -9.241  -11.957 4.438   1.00 48.68 ? 320 HOH B O   1 
HETATM 1545 O  O   . HOH E 3 .  ? -7.304  14.840  8.174   1.00 58.52 ? 321 HOH B O   1 
HETATM 1546 O  O   . HOH E 3 .  ? 8.860   -15.411 19.237  1.00 45.22 ? 322 HOH B O   1 
HETATM 1547 O  O   . HOH E 3 .  ? 2.845   -15.608 17.758  1.00 44.46 ? 326 HOH B O   1 
HETATM 1548 O  O   . HOH E 3 .  ? 15.841  -3.982  12.694  1.00 37.68 ? 328 HOH B O   1 
HETATM 1549 O  O   . HOH E 3 .  ? -20.273 7.490   -6.608  1.00 63.58 ? 329 HOH B O   1 
HETATM 1550 O  O   . HOH E 3 .  ? 0.044   -9.532  17.343  1.00 60.45 ? 333 HOH B O   1 
HETATM 1551 O  O   . HOH E 3 .  ? -19.732 -6.709  11.761  1.00 49.89 ? 334 HOH B O   1 
HETATM 1552 O  O   . HOH E 3 .  ? -0.218  -11.080 11.595  1.00 48.11 ? 339 HOH B O   1 
HETATM 1553 O  O   . HOH E 3 .  ? -3.809  -4.612  16.880  1.00 46.32 ? 341 HOH B O   1 
HETATM 1554 O  O   . HOH E 3 .  ? -22.061 1.139   -9.665  1.00 46.64 ? 342 HOH B O   1 
HETATM 1555 O  O   . HOH E 3 .  ? -22.898 6.543   18.532  1.00 49.01 ? 345 HOH B O   1 
HETATM 1556 O  O   . HOH E 3 .  ? -12.286 -14.156 5.666   1.00 57.57 ? 346 HOH B O   1 
HETATM 1557 O  O   . HOH E 3 .  ? -16.198 12.258  -6.647  1.00 55.30 ? 347 HOH B O   1 
HETATM 1558 O  O   . HOH E 3 .  ? -10.968 13.289  -2.546  1.00 51.62 ? 348 HOH B O   1 
HETATM 1559 O  O   . HOH E 3 .  ? -3.414  1.757   14.228  1.00 38.45 ? 350 HOH B O   1 
# 
